data_3LIS
# 
_entry.id   3LIS 
# 
_audit_conform.dict_name       mmcif_pdbx.dic 
_audit_conform.dict_version    5.387 
_audit_conform.dict_location   http://mmcif.pdb.org/dictionaries/ascii/mmcif_pdbx.dic 
# 
loop_
_database_2.database_id 
_database_2.database_code 
_database_2.pdbx_database_accession 
_database_2.pdbx_DOI 
PDB   3LIS         pdb_00003lis 10.2210/pdb3lis/pdb 
RCSB  RCSB057328   ?            ?                   
WWPDB D_1000057328 ?            ?                   
# 
loop_
_pdbx_audit_revision_history.ordinal 
_pdbx_audit_revision_history.data_content_type 
_pdbx_audit_revision_history.major_revision 
_pdbx_audit_revision_history.minor_revision 
_pdbx_audit_revision_history.revision_date 
1 'Structure model' 1 0 2011-02-02 
2 'Structure model' 1 1 2011-07-13 
3 'Structure model' 1 2 2024-02-21 
# 
_pdbx_audit_revision_details.ordinal             1 
_pdbx_audit_revision_details.revision_ordinal    1 
_pdbx_audit_revision_details.data_content_type   'Structure model' 
_pdbx_audit_revision_details.provider            repository 
_pdbx_audit_revision_details.type                'Initial release' 
_pdbx_audit_revision_details.description         ? 
_pdbx_audit_revision_details.details             ? 
# 
loop_
_pdbx_audit_revision_group.ordinal 
_pdbx_audit_revision_group.revision_ordinal 
_pdbx_audit_revision_group.data_content_type 
_pdbx_audit_revision_group.group 
1 2 'Structure model' 'Version format compliance' 
2 3 'Structure model' 'Data collection'           
3 3 'Structure model' 'Database references'       
4 3 'Structure model' 'Refinement description'    
# 
loop_
_pdbx_audit_revision_category.ordinal 
_pdbx_audit_revision_category.revision_ordinal 
_pdbx_audit_revision_category.data_content_type 
_pdbx_audit_revision_category.category 
1 3 'Structure model' chem_comp_atom     
2 3 'Structure model' chem_comp_bond     
3 3 'Structure model' database_2         
4 3 'Structure model' struct_ncs_dom_lim 
# 
loop_
_pdbx_audit_revision_item.ordinal 
_pdbx_audit_revision_item.revision_ordinal 
_pdbx_audit_revision_item.data_content_type 
_pdbx_audit_revision_item.item 
1  3 'Structure model' '_database_2.pdbx_DOI'                  
2  3 'Structure model' '_database_2.pdbx_database_accession'   
3  3 'Structure model' '_struct_ncs_dom_lim.beg_auth_comp_id'  
4  3 'Structure model' '_struct_ncs_dom_lim.beg_label_asym_id' 
5  3 'Structure model' '_struct_ncs_dom_lim.beg_label_comp_id' 
6  3 'Structure model' '_struct_ncs_dom_lim.beg_label_seq_id'  
7  3 'Structure model' '_struct_ncs_dom_lim.end_auth_comp_id'  
8  3 'Structure model' '_struct_ncs_dom_lim.end_label_asym_id' 
9  3 'Structure model' '_struct_ncs_dom_lim.end_label_comp_id' 
10 3 'Structure model' '_struct_ncs_dom_lim.end_label_seq_id'  
# 
_pdbx_database_status.entry_id                        3LIS 
_pdbx_database_status.status_code                     REL 
_pdbx_database_status.deposit_site                    RCSB 
_pdbx_database_status.process_site                    RCSB 
_pdbx_database_status.recvd_initial_deposition_date   2010-01-25 
_pdbx_database_status.status_code_sf                  REL 
_pdbx_database_status.status_code_mr                  ? 
_pdbx_database_status.SG_entry                        ? 
_pdbx_database_status.status_code_cs                  ? 
_pdbx_database_status.pdb_format_compatible           Y 
_pdbx_database_status.status_code_nmr_data            ? 
_pdbx_database_status.methods_development_category    ? 
# 
_pdbx_database_related.db_name        PDB 
_pdbx_database_related.db_id          3LFP 
_pdbx_database_related.details        'The same protein in the cubic space group P4132' 
_pdbx_database_related.content_type   unspecified 
# 
loop_
_audit_author.name 
_audit_author.pdbx_ordinal 
'McGeehan, J.E.' 1 
'Streeter, S.D.' 2 
'Thresh, S.J.'   3 
'Kneale, G.G.'   4 
# 
_citation.id                        primary 
_citation.title                     
'Structural Analysis of a Novel Class of R-M Controller Proteins: C.Csp231I from Citrobacter sp. RFL231.' 
_citation.journal_abbrev            J.Mol.Biol. 
_citation.journal_volume            409 
_citation.page_first                177 
_citation.page_last                 188 
_citation.year                      2011 
_citation.journal_id_ASTM           JMOBAK 
_citation.country                   UK 
_citation.journal_id_ISSN           0022-2836 
_citation.journal_id_CSD            0070 
_citation.book_publisher            ? 
_citation.pdbx_database_id_PubMed   21440553 
_citation.pdbx_database_id_DOI      10.1016/j.jmb.2011.03.033 
# 
loop_
_citation_author.citation_id 
_citation_author.name 
_citation_author.ordinal 
_citation_author.identifier_ORCID 
primary 'McGeehan, J.E.' 1 ? 
primary 'Streeter, S.D.' 2 ? 
primary 'Thresh, S.J.'   3 ? 
primary 'Taylor, J.E.'   4 ? 
primary 'Shevtsov, M.B.' 5 ? 
primary 'Kneale, G.G.'   6 ? 
# 
loop_
_entity.id 
_entity.type 
_entity.src_method 
_entity.pdbx_description 
_entity.formula_weight 
_entity.pdbx_number_of_molecules 
_entity.pdbx_ec 
_entity.pdbx_mutation 
_entity.pdbx_fragment 
_entity.details 
1 polymer man 'Csp231I C protein' 11380.236 2  ? ? ? ? 
2 water   nat water               18.015    88 ? ? ? ? 
# 
_entity_poly.entity_id                      1 
_entity_poly.type                           'polypeptide(L)' 
_entity_poly.nstd_linkage                   no 
_entity_poly.nstd_monomer                   no 
_entity_poly.pdbx_seq_one_letter_code       
;MLIRRLKDARLRAGISQEKLGVLAGIDEASASARMNQYEKGKHAPDFEMANRLAKVLKIPVSYLYTPEDDLAQIILTWNE
LNEQERKRINFYIRKKAK
;
_entity_poly.pdbx_seq_one_letter_code_can   
;MLIRRLKDARLRAGISQEKLGVLAGIDEASASARMNQYEKGKHAPDFEMANRLAKVLKIPVSYLYTPEDDLAQIILTWNE
LNEQERKRINFYIRKKAK
;
_entity_poly.pdbx_strand_id                 A,B 
_entity_poly.pdbx_target_identifier         ? 
# 
_pdbx_entity_nonpoly.entity_id   2 
_pdbx_entity_nonpoly.name        water 
_pdbx_entity_nonpoly.comp_id     HOH 
# 
loop_
_entity_poly_seq.entity_id 
_entity_poly_seq.num 
_entity_poly_seq.mon_id 
_entity_poly_seq.hetero 
1 1  MET n 
1 2  LEU n 
1 3  ILE n 
1 4  ARG n 
1 5  ARG n 
1 6  LEU n 
1 7  LYS n 
1 8  ASP n 
1 9  ALA n 
1 10 ARG n 
1 11 LEU n 
1 12 ARG n 
1 13 ALA n 
1 14 GLY n 
1 15 ILE n 
1 16 SER n 
1 17 GLN n 
1 18 GLU n 
1 19 LYS n 
1 20 LEU n 
1 21 GLY n 
1 22 VAL n 
1 23 LEU n 
1 24 ALA n 
1 25 GLY n 
1 26 ILE n 
1 27 ASP n 
1 28 GLU n 
1 29 ALA n 
1 30 SER n 
1 31 ALA n 
1 32 SER n 
1 33 ALA n 
1 34 ARG n 
1 35 MET n 
1 36 ASN n 
1 37 GLN n 
1 38 TYR n 
1 39 GLU n 
1 40 LYS n 
1 41 GLY n 
1 42 LYS n 
1 43 HIS n 
1 44 ALA n 
1 45 PRO n 
1 46 ASP n 
1 47 PHE n 
1 48 GLU n 
1 49 MET n 
1 50 ALA n 
1 51 ASN n 
1 52 ARG n 
1 53 LEU n 
1 54 ALA n 
1 55 LYS n 
1 56 VAL n 
1 57 LEU n 
1 58 LYS n 
1 59 ILE n 
1 60 PRO n 
1 61 VAL n 
1 62 SER n 
1 63 TYR n 
1 64 LEU n 
1 65 TYR n 
1 66 THR n 
1 67 PRO n 
1 68 GLU n 
1 69 ASP n 
1 70 ASP n 
1 71 LEU n 
1 72 ALA n 
1 73 GLN n 
1 74 ILE n 
1 75 ILE n 
1 76 LEU n 
1 77 THR n 
1 78 TRP n 
1 79 ASN n 
1 80 GLU n 
1 81 LEU n 
1 82 ASN n 
1 83 GLU n 
1 84 GLN n 
1 85 GLU n 
1 86 ARG n 
1 87 LYS n 
1 88 ARG n 
1 89 ILE n 
1 90 ASN n 
1 91 PHE n 
1 92 TYR n 
1 93 ILE n 
1 94 ARG n 
1 95 LYS n 
1 96 LYS n 
1 97 ALA n 
1 98 LYS n 
# 
_entity_src_gen.entity_id                          1 
_entity_src_gen.pdbx_src_id                        1 
_entity_src_gen.pdbx_alt_source_flag               sample 
_entity_src_gen.pdbx_seq_type                      ? 
_entity_src_gen.pdbx_beg_seq_num                   ? 
_entity_src_gen.pdbx_end_seq_num                   ? 
_entity_src_gen.gene_src_common_name               ? 
_entity_src_gen.gene_src_genus                     ? 
_entity_src_gen.pdbx_gene_src_gene                 csp231IC 
_entity_src_gen.gene_src_species                   ? 
_entity_src_gen.gene_src_strain                    ? 
_entity_src_gen.gene_src_tissue                    ? 
_entity_src_gen.gene_src_tissue_fraction           ? 
_entity_src_gen.gene_src_details                   ? 
_entity_src_gen.pdbx_gene_src_fragment             ? 
_entity_src_gen.pdbx_gene_src_scientific_name      'Citrobacter sp. RFL231' 
_entity_src_gen.pdbx_gene_src_ncbi_taxonomy_id     315237 
_entity_src_gen.pdbx_gene_src_variant              ? 
_entity_src_gen.pdbx_gene_src_cell_line            ? 
_entity_src_gen.pdbx_gene_src_atcc                 ? 
_entity_src_gen.pdbx_gene_src_organ                ? 
_entity_src_gen.pdbx_gene_src_organelle            ? 
_entity_src_gen.pdbx_gene_src_cell                 ? 
_entity_src_gen.pdbx_gene_src_cellular_location    ? 
_entity_src_gen.host_org_common_name               ? 
_entity_src_gen.pdbx_host_org_scientific_name      'Escherichia coli' 
_entity_src_gen.pdbx_host_org_ncbi_taxonomy_id     562 
_entity_src_gen.host_org_genus                     ? 
_entity_src_gen.pdbx_host_org_gene                 ? 
_entity_src_gen.pdbx_host_org_organ                ? 
_entity_src_gen.host_org_species                   ? 
_entity_src_gen.pdbx_host_org_tissue               ? 
_entity_src_gen.pdbx_host_org_tissue_fraction      ? 
_entity_src_gen.pdbx_host_org_strain               'BL21(DE3)GOLD' 
_entity_src_gen.pdbx_host_org_variant              ? 
_entity_src_gen.pdbx_host_org_cell_line            ? 
_entity_src_gen.pdbx_host_org_atcc                 ? 
_entity_src_gen.pdbx_host_org_culture_collection   ? 
_entity_src_gen.pdbx_host_org_cell                 ? 
_entity_src_gen.pdbx_host_org_organelle            ? 
_entity_src_gen.pdbx_host_org_cellular_location    ? 
_entity_src_gen.pdbx_host_org_vector_type          Plasmid 
_entity_src_gen.pdbx_host_org_vector               ? 
_entity_src_gen.host_org_details                   ? 
_entity_src_gen.expression_system_id               ? 
_entity_src_gen.plasmid_name                       pET11a 
_entity_src_gen.plasmid_details                    ? 
_entity_src_gen.pdbx_description                   ? 
# 
loop_
_chem_comp.id 
_chem_comp.type 
_chem_comp.mon_nstd_flag 
_chem_comp.name 
_chem_comp.pdbx_synonyms 
_chem_comp.formula 
_chem_comp.formula_weight 
ALA 'L-peptide linking' y ALANINE         ? 'C3 H7 N O2'     89.093  
ARG 'L-peptide linking' y ARGININE        ? 'C6 H15 N4 O2 1' 175.209 
ASN 'L-peptide linking' y ASPARAGINE      ? 'C4 H8 N2 O3'    132.118 
ASP 'L-peptide linking' y 'ASPARTIC ACID' ? 'C4 H7 N O4'     133.103 
GLN 'L-peptide linking' y GLUTAMINE       ? 'C5 H10 N2 O3'   146.144 
GLU 'L-peptide linking' y 'GLUTAMIC ACID' ? 'C5 H9 N O4'     147.129 
GLY 'peptide linking'   y GLYCINE         ? 'C2 H5 N O2'     75.067  
HIS 'L-peptide linking' y HISTIDINE       ? 'C6 H10 N3 O2 1' 156.162 
HOH non-polymer         . WATER           ? 'H2 O'           18.015  
ILE 'L-peptide linking' y ISOLEUCINE      ? 'C6 H13 N O2'    131.173 
LEU 'L-peptide linking' y LEUCINE         ? 'C6 H13 N O2'    131.173 
LYS 'L-peptide linking' y LYSINE          ? 'C6 H15 N2 O2 1' 147.195 
MET 'L-peptide linking' y METHIONINE      ? 'C5 H11 N O2 S'  149.211 
PHE 'L-peptide linking' y PHENYLALANINE   ? 'C9 H11 N O2'    165.189 
PRO 'L-peptide linking' y PROLINE         ? 'C5 H9 N O2'     115.130 
SER 'L-peptide linking' y SERINE          ? 'C3 H7 N O3'     105.093 
THR 'L-peptide linking' y THREONINE       ? 'C4 H9 N O3'     119.119 
TRP 'L-peptide linking' y TRYPTOPHAN      ? 'C11 H12 N2 O2'  204.225 
TYR 'L-peptide linking' y TYROSINE        ? 'C9 H11 N O3'    181.189 
VAL 'L-peptide linking' y VALINE          ? 'C5 H11 N O2'    117.146 
# 
loop_
_pdbx_poly_seq_scheme.asym_id 
_pdbx_poly_seq_scheme.entity_id 
_pdbx_poly_seq_scheme.seq_id 
_pdbx_poly_seq_scheme.mon_id 
_pdbx_poly_seq_scheme.ndb_seq_num 
_pdbx_poly_seq_scheme.pdb_seq_num 
_pdbx_poly_seq_scheme.auth_seq_num 
_pdbx_poly_seq_scheme.pdb_mon_id 
_pdbx_poly_seq_scheme.auth_mon_id 
_pdbx_poly_seq_scheme.pdb_strand_id 
_pdbx_poly_seq_scheme.pdb_ins_code 
_pdbx_poly_seq_scheme.hetero 
A 1 1  MET 1  1  1  MET MET A . n 
A 1 2  LEU 2  2  2  LEU LEU A . n 
A 1 3  ILE 3  3  3  ILE ILE A . n 
A 1 4  ARG 4  4  4  ARG ARG A . n 
A 1 5  ARG 5  5  5  ARG ARG A . n 
A 1 6  LEU 6  6  6  LEU LEU A . n 
A 1 7  LYS 7  7  7  LYS LYS A . n 
A 1 8  ASP 8  8  8  ASP ASP A . n 
A 1 9  ALA 9  9  9  ALA ALA A . n 
A 1 10 ARG 10 10 10 ARG ARG A . n 
A 1 11 LEU 11 11 11 LEU LEU A . n 
A 1 12 ARG 12 12 12 ARG ARG A . n 
A 1 13 ALA 13 13 13 ALA ALA A . n 
A 1 14 GLY 14 14 14 GLY GLY A . n 
A 1 15 ILE 15 15 15 ILE ILE A . n 
A 1 16 SER 16 16 16 SER SER A . n 
A 1 17 GLN 17 17 17 GLN GLN A . n 
A 1 18 GLU 18 18 18 GLU GLU A . n 
A 1 19 LYS 19 19 19 LYS LYS A . n 
A 1 20 LEU 20 20 20 LEU LEU A . n 
A 1 21 GLY 21 21 21 GLY GLY A . n 
A 1 22 VAL 22 22 22 VAL VAL A . n 
A 1 23 LEU 23 23 23 LEU LEU A . n 
A 1 24 ALA 24 24 24 ALA ALA A . n 
A 1 25 GLY 25 25 25 GLY GLY A . n 
A 1 26 ILE 26 26 26 ILE ILE A . n 
A 1 27 ASP 27 27 27 ASP ASP A . n 
A 1 28 GLU 28 28 28 GLU GLU A . n 
A 1 29 ALA 29 29 29 ALA ALA A . n 
A 1 30 SER 30 30 30 SER SER A . n 
A 1 31 ALA 31 31 31 ALA ALA A . n 
A 1 32 SER 32 32 32 SER SER A . n 
A 1 33 ALA 33 33 33 ALA ALA A . n 
A 1 34 ARG 34 34 34 ARG ARG A . n 
A 1 35 MET 35 35 35 MET MET A . n 
A 1 36 ASN 36 36 36 ASN ASN A . n 
A 1 37 GLN 37 37 37 GLN GLN A . n 
A 1 38 TYR 38 38 38 TYR TYR A . n 
A 1 39 GLU 39 39 39 GLU GLU A . n 
A 1 40 LYS 40 40 40 LYS LYS A . n 
A 1 41 GLY 41 41 41 GLY GLY A . n 
A 1 42 LYS 42 42 42 LYS LYS A . n 
A 1 43 HIS 43 43 43 HIS HIS A . n 
A 1 44 ALA 44 44 44 ALA ALA A . n 
A 1 45 PRO 45 45 45 PRO PRO A . n 
A 1 46 ASP 46 46 46 ASP ASP A . n 
A 1 47 PHE 47 47 47 PHE PHE A . n 
A 1 48 GLU 48 48 48 GLU GLU A . n 
A 1 49 MET 49 49 49 MET MET A . n 
A 1 50 ALA 50 50 50 ALA ALA A . n 
A 1 51 ASN 51 51 51 ASN ASN A . n 
A 1 52 ARG 52 52 52 ARG ARG A . n 
A 1 53 LEU 53 53 53 LEU LEU A . n 
A 1 54 ALA 54 54 54 ALA ALA A . n 
A 1 55 LYS 55 55 55 LYS LYS A . n 
A 1 56 VAL 56 56 56 VAL VAL A . n 
A 1 57 LEU 57 57 57 LEU LEU A . n 
A 1 58 LYS 58 58 58 LYS LYS A . n 
A 1 59 ILE 59 59 59 ILE ILE A . n 
A 1 60 PRO 60 60 60 PRO PRO A . n 
A 1 61 VAL 61 61 61 VAL VAL A . n 
A 1 62 SER 62 62 62 SER SER A . n 
A 1 63 TYR 63 63 63 TYR TYR A . n 
A 1 64 LEU 64 64 64 LEU LEU A . n 
A 1 65 TYR 65 65 65 TYR TYR A . n 
A 1 66 THR 66 66 66 THR THR A . n 
A 1 67 PRO 67 67 67 PRO PRO A . n 
A 1 68 GLU 68 68 68 GLU GLU A . n 
A 1 69 ASP 69 69 69 ASP ASP A . n 
A 1 70 ASP 70 70 70 ASP ASP A . n 
A 1 71 LEU 71 71 71 LEU LEU A . n 
A 1 72 ALA 72 72 72 ALA ALA A . n 
A 1 73 GLN 73 73 73 GLN GLN A . n 
A 1 74 ILE 74 74 74 ILE ILE A . n 
A 1 75 ILE 75 75 75 ILE ILE A . n 
A 1 76 LEU 76 76 76 LEU LEU A . n 
A 1 77 THR 77 77 77 THR THR A . n 
A 1 78 TRP 78 78 78 TRP TRP A . n 
A 1 79 ASN 79 79 79 ASN ASN A . n 
A 1 80 GLU 80 80 80 GLU GLU A . n 
A 1 81 LEU 81 81 81 LEU LEU A . n 
A 1 82 ASN 82 82 82 ASN ASN A . n 
A 1 83 GLU 83 83 83 GLU GLU A . n 
A 1 84 GLN 84 84 84 GLN GLN A . n 
A 1 85 GLU 85 85 85 GLU GLU A . n 
A 1 86 ARG 86 86 86 ARG ARG A . n 
A 1 87 LYS 87 87 87 LYS LYS A . n 
A 1 88 ARG 88 88 88 ARG ARG A . n 
A 1 89 ILE 89 89 89 ILE ILE A . n 
A 1 90 ASN 90 90 90 ASN ASN A . n 
A 1 91 PHE 91 91 91 PHE PHE A . n 
A 1 92 TYR 92 92 92 TYR TYR A . n 
A 1 93 ILE 93 93 93 ILE ILE A . n 
A 1 94 ARG 94 94 94 ARG ARG A . n 
A 1 95 LYS 95 95 95 LYS LYS A . n 
A 1 96 LYS 96 96 96 LYS LYS A . n 
A 1 97 ALA 97 97 ?  ?   ?   A . n 
A 1 98 LYS 98 98 ?  ?   ?   A . n 
B 1 1  MET 1  1  1  MET MET B . n 
B 1 2  LEU 2  2  2  LEU LEU B . n 
B 1 3  ILE 3  3  3  ILE ILE B . n 
B 1 4  ARG 4  4  4  ARG ARG B . n 
B 1 5  ARG 5  5  5  ARG ARG B . n 
B 1 6  LEU 6  6  6  LEU LEU B . n 
B 1 7  LYS 7  7  7  LYS LYS B . n 
B 1 8  ASP 8  8  8  ASP ASP B . n 
B 1 9  ALA 9  9  9  ALA ALA B . n 
B 1 10 ARG 10 10 10 ARG ARG B . n 
B 1 11 LEU 11 11 11 LEU LEU B . n 
B 1 12 ARG 12 12 12 ARG ARG B . n 
B 1 13 ALA 13 13 13 ALA ALA B . n 
B 1 14 GLY 14 14 14 GLY GLY B . n 
B 1 15 ILE 15 15 15 ILE ILE B . n 
B 1 16 SER 16 16 16 SER SER B . n 
B 1 17 GLN 17 17 17 GLN GLN B . n 
B 1 18 GLU 18 18 18 GLU GLU B . n 
B 1 19 LYS 19 19 19 LYS LYS B . n 
B 1 20 LEU 20 20 20 LEU LEU B . n 
B 1 21 GLY 21 21 21 GLY GLY B . n 
B 1 22 VAL 22 22 22 VAL VAL B . n 
B 1 23 LEU 23 23 23 LEU LEU B . n 
B 1 24 ALA 24 24 24 ALA ALA B . n 
B 1 25 GLY 25 25 25 GLY GLY B . n 
B 1 26 ILE 26 26 26 ILE ILE B . n 
B 1 27 ASP 27 27 27 ASP ASP B . n 
B 1 28 GLU 28 28 28 GLU GLU B . n 
B 1 29 ALA 29 29 29 ALA ALA B . n 
B 1 30 SER 30 30 30 SER SER B . n 
B 1 31 ALA 31 31 31 ALA ALA B . n 
B 1 32 SER 32 32 32 SER SER B . n 
B 1 33 ALA 33 33 33 ALA ALA B . n 
B 1 34 ARG 34 34 34 ARG ARG B . n 
B 1 35 MET 35 35 35 MET MET B . n 
B 1 36 ASN 36 36 36 ASN ASN B . n 
B 1 37 GLN 37 37 37 GLN GLN B . n 
B 1 38 TYR 38 38 38 TYR TYR B . n 
B 1 39 GLU 39 39 39 GLU GLU B . n 
B 1 40 LYS 40 40 40 LYS LYS B . n 
B 1 41 GLY 41 41 41 GLY GLY B . n 
B 1 42 LYS 42 42 42 LYS LYS B . n 
B 1 43 HIS 43 43 43 HIS HIS B . n 
B 1 44 ALA 44 44 44 ALA ALA B . n 
B 1 45 PRO 45 45 45 PRO PRO B . n 
B 1 46 ASP 46 46 46 ASP ASP B . n 
B 1 47 PHE 47 47 47 PHE PHE B . n 
B 1 48 GLU 48 48 48 GLU GLU B . n 
B 1 49 MET 49 49 49 MET MET B . n 
B 1 50 ALA 50 50 50 ALA ALA B . n 
B 1 51 ASN 51 51 51 ASN ASN B . n 
B 1 52 ARG 52 52 52 ARG ARG B . n 
B 1 53 LEU 53 53 53 LEU LEU B . n 
B 1 54 ALA 54 54 54 ALA ALA B . n 
B 1 55 LYS 55 55 55 LYS LYS B . n 
B 1 56 VAL 56 56 56 VAL VAL B . n 
B 1 57 LEU 57 57 57 LEU LEU B . n 
B 1 58 LYS 58 58 58 LYS LYS B . n 
B 1 59 ILE 59 59 59 ILE ILE B . n 
B 1 60 PRO 60 60 60 PRO PRO B . n 
B 1 61 VAL 61 61 61 VAL VAL B . n 
B 1 62 SER 62 62 62 SER SER B . n 
B 1 63 TYR 63 63 63 TYR TYR B . n 
B 1 64 LEU 64 64 64 LEU LEU B . n 
B 1 65 TYR 65 65 65 TYR TYR B . n 
B 1 66 THR 66 66 66 THR THR B . n 
B 1 67 PRO 67 67 67 PRO PRO B . n 
B 1 68 GLU 68 68 68 GLU GLU B . n 
B 1 69 ASP 69 69 69 ASP ASP B . n 
B 1 70 ASP 70 70 70 ASP ASP B . n 
B 1 71 LEU 71 71 71 LEU LEU B . n 
B 1 72 ALA 72 72 72 ALA ALA B . n 
B 1 73 GLN 73 73 73 GLN GLN B . n 
B 1 74 ILE 74 74 74 ILE ILE B . n 
B 1 75 ILE 75 75 75 ILE ILE B . n 
B 1 76 LEU 76 76 76 LEU LEU B . n 
B 1 77 THR 77 77 77 THR THR B . n 
B 1 78 TRP 78 78 78 TRP TRP B . n 
B 1 79 ASN 79 79 79 ASN ASN B . n 
B 1 80 GLU 80 80 80 GLU GLU B . n 
B 1 81 LEU 81 81 81 LEU LEU B . n 
B 1 82 ASN 82 82 82 ASN ASN B . n 
B 1 83 GLU 83 83 83 GLU GLU B . n 
B 1 84 GLN 84 84 84 GLN GLN B . n 
B 1 85 GLU 85 85 85 GLU GLU B . n 
B 1 86 ARG 86 86 86 ARG ARG B . n 
B 1 87 LYS 87 87 87 LYS LYS B . n 
B 1 88 ARG 88 88 88 ARG ARG B . n 
B 1 89 ILE 89 89 89 ILE ILE B . n 
B 1 90 ASN 90 90 90 ASN ASN B . n 
B 1 91 PHE 91 91 91 PHE PHE B . n 
B 1 92 TYR 92 92 92 TYR TYR B . n 
B 1 93 ILE 93 93 93 ILE ILE B . n 
B 1 94 ARG 94 94 94 ARG ARG B . n 
B 1 95 LYS 95 95 95 LYS LYS B . n 
B 1 96 LYS 96 96 96 LYS LYS B . n 
B 1 97 ALA 97 97 ?  ?   ?   B . n 
B 1 98 LYS 98 98 ?  ?   ?   B . n 
# 
loop_
_pdbx_nonpoly_scheme.asym_id 
_pdbx_nonpoly_scheme.entity_id 
_pdbx_nonpoly_scheme.mon_id 
_pdbx_nonpoly_scheme.ndb_seq_num 
_pdbx_nonpoly_scheme.pdb_seq_num 
_pdbx_nonpoly_scheme.auth_seq_num 
_pdbx_nonpoly_scheme.pdb_mon_id 
_pdbx_nonpoly_scheme.auth_mon_id 
_pdbx_nonpoly_scheme.pdb_strand_id 
_pdbx_nonpoly_scheme.pdb_ins_code 
C 2 HOH 1  99  3  HOH HOH A . 
C 2 HOH 2  100 4  HOH HOH A . 
C 2 HOH 3  101 7  HOH HOH A . 
C 2 HOH 4  102 8  HOH HOH A . 
C 2 HOH 5  103 9  HOH HOH A . 
C 2 HOH 6  104 13 HOH HOH A . 
C 2 HOH 7  105 17 HOH HOH A . 
C 2 HOH 8  106 18 HOH HOH A . 
C 2 HOH 9  107 19 HOH HOH A . 
C 2 HOH 10 108 20 HOH HOH A . 
C 2 HOH 11 109 21 HOH HOH A . 
C 2 HOH 12 110 22 HOH HOH A . 
C 2 HOH 13 111 23 HOH HOH A . 
C 2 HOH 14 112 24 HOH HOH A . 
C 2 HOH 15 113 25 HOH HOH A . 
C 2 HOH 16 114 26 HOH HOH A . 
C 2 HOH 17 115 29 HOH HOH A . 
C 2 HOH 18 116 32 HOH HOH A . 
C 2 HOH 19 117 33 HOH HOH A . 
C 2 HOH 20 118 34 HOH HOH A . 
C 2 HOH 21 119 36 HOH HOH A . 
C 2 HOH 22 120 39 HOH HOH A . 
C 2 HOH 23 121 44 HOH HOH A . 
C 2 HOH 24 122 48 HOH HOH A . 
C 2 HOH 25 123 49 HOH HOH A . 
C 2 HOH 26 124 50 HOH HOH A . 
C 2 HOH 27 125 52 HOH HOH A . 
C 2 HOH 28 126 53 HOH HOH A . 
C 2 HOH 29 127 54 HOH HOH A . 
C 2 HOH 30 128 58 HOH HOH A . 
C 2 HOH 31 129 59 HOH HOH A . 
C 2 HOH 32 130 60 HOH HOH A . 
C 2 HOH 33 131 63 HOH HOH A . 
C 2 HOH 34 132 65 HOH HOH A . 
C 2 HOH 35 133 69 HOH HOH A . 
C 2 HOH 36 134 70 HOH HOH A . 
C 2 HOH 37 135 75 HOH HOH A . 
C 2 HOH 38 136 76 HOH HOH A . 
C 2 HOH 39 137 79 HOH HOH A . 
C 2 HOH 40 138 81 HOH HOH A . 
C 2 HOH 41 139 82 HOH HOH A . 
C 2 HOH 42 140 85 HOH HOH A . 
C 2 HOH 43 141 86 HOH HOH A . 
C 2 HOH 44 142 88 HOH HOH A . 
D 2 HOH 1  99  1  HOH HOH B . 
D 2 HOH 2  100 2  HOH HOH B . 
D 2 HOH 3  101 5  HOH HOH B . 
D 2 HOH 4  102 6  HOH HOH B . 
D 2 HOH 5  103 10 HOH HOH B . 
D 2 HOH 6  104 11 HOH HOH B . 
D 2 HOH 7  105 12 HOH HOH B . 
D 2 HOH 8  106 14 HOH HOH B . 
D 2 HOH 9  107 15 HOH HOH B . 
D 2 HOH 10 108 16 HOH HOH B . 
D 2 HOH 11 109 27 HOH HOH B . 
D 2 HOH 12 110 28 HOH HOH B . 
D 2 HOH 13 111 30 HOH HOH B . 
D 2 HOH 14 112 31 HOH HOH B . 
D 2 HOH 15 113 35 HOH HOH B . 
D 2 HOH 16 114 37 HOH HOH B . 
D 2 HOH 17 115 38 HOH HOH B . 
D 2 HOH 18 116 40 HOH HOH B . 
D 2 HOH 19 117 41 HOH HOH B . 
D 2 HOH 20 118 42 HOH HOH B . 
D 2 HOH 21 119 43 HOH HOH B . 
D 2 HOH 22 120 45 HOH HOH B . 
D 2 HOH 23 121 46 HOH HOH B . 
D 2 HOH 24 122 47 HOH HOH B . 
D 2 HOH 25 123 51 HOH HOH B . 
D 2 HOH 26 124 55 HOH HOH B . 
D 2 HOH 27 125 56 HOH HOH B . 
D 2 HOH 28 126 57 HOH HOH B . 
D 2 HOH 29 127 61 HOH HOH B . 
D 2 HOH 30 128 62 HOH HOH B . 
D 2 HOH 31 129 64 HOH HOH B . 
D 2 HOH 32 130 66 HOH HOH B . 
D 2 HOH 33 131 67 HOH HOH B . 
D 2 HOH 34 132 68 HOH HOH B . 
D 2 HOH 35 133 71 HOH HOH B . 
D 2 HOH 36 134 72 HOH HOH B . 
D 2 HOH 37 135 73 HOH HOH B . 
D 2 HOH 38 136 74 HOH HOH B . 
D 2 HOH 39 137 77 HOH HOH B . 
D 2 HOH 40 138 78 HOH HOH B . 
D 2 HOH 41 139 80 HOH HOH B . 
D 2 HOH 42 140 83 HOH HOH B . 
D 2 HOH 43 141 84 HOH HOH B . 
D 2 HOH 44 142 87 HOH HOH B . 
# 
loop_
_software.pdbx_ordinal 
_software.name 
_software.version 
_software.date 
_software.type 
_software.contact_author 
_software.contact_author_email 
_software.classification 
_software.location 
_software.language 
_software.citation_id 
1 SCALA       3.3.9 2008/10/21                 other   'Phil R. Evans'      pre@mrc-lmb.cam.ac.uk       'data scaling'    
http://www.ccp4.ac.uk/dist/html/scala.html   Fortran_77 ? 
2 PHASER      2.1.4 'Thu Nov 13 10:53:32 2008' program 'Randy J. Read'      cimr-phaser@lists.cam.ac.uk phasing           
http://www-structmed.cimr.cam.ac.uk/phaser/  ?          ? 
3 REFMAC      .     ?                          program 'Garib N. Murshudov' garib@ysbl.york.ac.uk       refinement        
http://www.ccp4.ac.uk/dist/html/refmac5.html Fortran_77 ? 
4 PDB_EXTRACT 3.005 'June 11, 2008'            package PDB                  help@deposit.rcsb.org       'data extraction' 
http://sw-tools.pdb.org/apps/PDB_EXTRACT/    C++        ? 
5 GDA         .     ?                          ?       ?                    ?                           'data collection' ? ? ? 
6 MOSFLM      .     ?                          ?       ?                    ?                           'data reduction'  ? ? ? 
# 
_cell.length_a           49.010 
_cell.length_b           29.530 
_cell.length_c           64.380 
_cell.angle_alpha        90.000 
_cell.angle_beta         101.910 
_cell.angle_gamma        90.000 
_cell.entry_id           3LIS 
_cell.pdbx_unique_axis   ? 
_cell.Z_PDB              4 
_cell.length_a_esd       ? 
_cell.length_b_esd       ? 
_cell.length_c_esd       ? 
_cell.angle_alpha_esd    ? 
_cell.angle_beta_esd     ? 
_cell.angle_gamma_esd    ? 
# 
_symmetry.space_group_name_H-M             'P 1 21 1' 
_symmetry.entry_id                         3LIS 
_symmetry.Int_Tables_number                4 
_symmetry.pdbx_full_space_group_name_H-M   ? 
_symmetry.cell_setting                     ? 
_symmetry.space_group_name_Hall            ? 
# 
_exptl.entry_id          3LIS 
_exptl.method            'X-RAY DIFFRACTION' 
_exptl.crystals_number   1 
# 
_exptl_crystal.id                    1 
_exptl_crystal.density_Matthews      2.00 
_exptl_crystal.density_meas          ? 
_exptl_crystal.density_percent_sol   38.59 
_exptl_crystal.description           ? 
_exptl_crystal.F_000                 ? 
_exptl_crystal.preparation           ? 
# 
_exptl_crystal_grow.crystal_id      1 
_exptl_crystal_grow.method          'VAPOR DIFFUSION, HANGING DROP' 
_exptl_crystal_grow.pH              7.0 
_exptl_crystal_grow.temp            289 
_exptl_crystal_grow.pdbx_details    
'0.1M malate-MES-Tris (MMT), 20% PEG 1500, pH 7.0, VAPOR DIFFUSION, HANGING DROP, temperature 289K' 
_exptl_crystal_grow.temp_details    ? 
_exptl_crystal_grow.pdbx_pH_range   ? 
# 
_diffrn.id                     1 
_diffrn.ambient_temp           100 
_diffrn.ambient_temp_details   ? 
_diffrn.crystal_id             1 
# 
_diffrn_detector.diffrn_id              1 
_diffrn_detector.detector               CCD 
_diffrn_detector.type                   'ADSC QUANTUM 315' 
_diffrn_detector.pdbx_collection_date   2009-04-07 
_diffrn_detector.details                ? 
# 
_diffrn_radiation.diffrn_id                        1 
_diffrn_radiation.pdbx_diffrn_protocol             'SINGLE WAVELENGTH' 
_diffrn_radiation.monochromator                    'Double crystal' 
_diffrn_radiation.wavelength_id                    1 
_diffrn_radiation.pdbx_monochromatic_or_laue_m_l   M 
_diffrn_radiation.pdbx_scattering_type             x-ray 
# 
_diffrn_radiation_wavelength.id           1 
_diffrn_radiation_wavelength.wavelength   0.9795 
_diffrn_radiation_wavelength.wt           1.0 
# 
_diffrn_source.diffrn_id                   1 
_diffrn_source.source                      SYNCHROTRON 
_diffrn_source.type                        'DIAMOND BEAMLINE I02' 
_diffrn_source.pdbx_wavelength_list        0.9795 
_diffrn_source.pdbx_wavelength             ? 
_diffrn_source.pdbx_synchrotron_site       Diamond 
_diffrn_source.pdbx_synchrotron_beamline   I02 
# 
_reflns.entry_id                     3LIS 
_reflns.d_resolution_high            2.000 
_reflns.d_resolution_low             50 
_reflns.number_all                   ? 
_reflns.number_obs                   12439 
_reflns.pdbx_Rsym_value              0.057 
_reflns.pdbx_redundancy              3.300 
_reflns.percent_possible_obs         99.200 
_reflns.observed_criterion_sigma_F   0 
_reflns.observed_criterion_sigma_I   0 
_reflns.pdbx_Rmerge_I_obs            ? 
_reflns.pdbx_netI_over_sigmaI        11.7 
_reflns.B_iso_Wilson_estimate        ? 
_reflns.R_free_details               ? 
_reflns.limit_h_max                  ? 
_reflns.limit_h_min                  ? 
_reflns.limit_k_max                  ? 
_reflns.limit_k_min                  ? 
_reflns.limit_l_max                  ? 
_reflns.limit_l_min                  ? 
_reflns.observed_criterion_F_max     ? 
_reflns.observed_criterion_F_min     ? 
_reflns.pdbx_chi_squared             ? 
_reflns.pdbx_scaling_rejects         ? 
_reflns.pdbx_ordinal                 1 
_reflns.pdbx_diffrn_id               1 
# 
_reflns_shell.d_res_high             2.00 
_reflns_shell.d_res_low              2.11 
_reflns_shell.percent_possible_obs   ? 
_reflns_shell.percent_possible_all   99.7 
_reflns_shell.Rmerge_I_obs           0.276 
_reflns_shell.meanI_over_sigI_obs    4.1 
_reflns_shell.pdbx_Rsym_value        ? 
_reflns_shell.pdbx_redundancy        3.4 
_reflns_shell.number_unique_all      1821 
_reflns_shell.number_measured_all    ? 
_reflns_shell.number_measured_obs    ? 
_reflns_shell.number_unique_obs      ? 
_reflns_shell.pdbx_chi_squared       ? 
_reflns_shell.pdbx_ordinal           1 
_reflns_shell.pdbx_diffrn_id         1 
# 
_refine.entry_id                                 3LIS 
_refine.ls_d_res_high                            2.000 
_refine.ls_d_res_low                             31.5 
_refine.pdbx_ls_sigma_F                          0.00 
_refine.pdbx_data_cutoff_high_absF               ? 
_refine.pdbx_data_cutoff_low_absF                ? 
_refine.ls_percent_reflns_obs                    99.050 
_refine.ls_number_reflns_obs                     11784 
_refine.ls_number_reflns_all                     12432 
_refine.pdbx_ls_cross_valid_method               THROUGHOUT 
_refine.pdbx_R_Free_selection_details            RANDOM 
_refine.details                                  'HYDROGENS HAVE BEEN ADDED IN THE RIDING POSITIONS. U VALUES REFINED INDIVIDUALLY' 
_refine.ls_R_factor_all                          ? 
_refine.ls_R_factor_obs                          0.209 
_refine.ls_R_factor_R_work                       0.207 
_refine.ls_wR_factor_R_work                      0.213 
_refine.ls_R_factor_R_free                       0.246 
_refine.ls_wR_factor_R_free                      0.255 
_refine.ls_percent_reflns_R_free                 5.200 
_refine.ls_number_reflns_R_free                  648 
_refine.ls_R_factor_R_free_error                 ? 
_refine.B_iso_mean                               33.417 
_refine.solvent_model_param_bsol                 ? 
_refine.solvent_model_param_ksol                 ? 
_refine.pdbx_isotropic_thermal_model             ? 
_refine.aniso_B[1][1]                            -1.550 
_refine.aniso_B[2][2]                            1.420 
_refine.aniso_B[3][3]                            0.600 
_refine.aniso_B[1][2]                            0.000 
_refine.aniso_B[1][3]                            1.150 
_refine.aniso_B[2][3]                            0.000 
_refine.correlation_coeff_Fo_to_Fc               0.942 
_refine.correlation_coeff_Fo_to_Fc_free          0.921 
_refine.overall_SU_R_Cruickshank_DPI             0.240 
_refine.overall_SU_R_free                        0.189 
_refine.pdbx_overall_ESU_R                       0.240 
_refine.pdbx_overall_ESU_R_Free                  0.189 
_refine.overall_SU_ML                            ? 
_refine.overall_SU_B                             ? 
_refine.solvent_model_details                    MASK 
_refine.pdbx_solvent_vdw_probe_radii             1.400 
_refine.pdbx_solvent_ion_probe_radii             0.800 
_refine.pdbx_solvent_shrinkage_radii             0.800 
_refine.ls_number_parameters                     ? 
_refine.ls_number_restraints                     ? 
_refine.pdbx_starting_model                      ? 
_refine.pdbx_method_to_determine_struct          'MOLECULAR REPLACEMENT' 
_refine.pdbx_stereochemistry_target_values       'MAXIMUM LIKELIHOOD' 
_refine.pdbx_stereochem_target_val_spec_case     ? 
_refine.overall_FOM_work_R_set                   0.843 
_refine.B_iso_max                                76.97 
_refine.B_iso_min                                14.21 
_refine.occupancy_max                            1.00 
_refine.occupancy_min                            1.00 
_refine.pdbx_ls_sigma_I                          ? 
_refine.ls_redundancy_reflns_obs                 ? 
_refine.ls_R_factor_R_free_error_details         ? 
_refine.pdbx_data_cutoff_high_rms_absF           ? 
_refine.overall_FOM_free_R_set                   ? 
_refine.pdbx_overall_phase_error                 ? 
_refine.pdbx_refine_id                           'X-RAY DIFFRACTION' 
_refine.pdbx_diffrn_id                           1 
_refine.pdbx_TLS_residual_ADP_flag               ? 
_refine.pdbx_overall_SU_R_free_Cruickshank_DPI   ? 
_refine.pdbx_overall_SU_R_Blow_DPI               ? 
_refine.pdbx_overall_SU_R_free_Blow_DPI          ? 
# 
_refine_hist.pdbx_refine_id                   'X-RAY DIFFRACTION' 
_refine_hist.cycle_id                         LAST 
_refine_hist.pdbx_number_atoms_protein        1568 
_refine_hist.pdbx_number_atoms_nucleic_acid   0 
_refine_hist.pdbx_number_atoms_ligand         0 
_refine_hist.number_atoms_solvent             88 
_refine_hist.number_atoms_total               1656 
_refine_hist.d_res_high                       2.000 
_refine_hist.d_res_low                        31.5 
# 
loop_
_refine_ls_restr.type 
_refine_ls_restr.number 
_refine_ls_restr.dev_ideal 
_refine_ls_restr.dev_ideal_target 
_refine_ls_restr.weight 
_refine_ls_restr.pdbx_refine_id 
_refine_ls_restr.pdbx_restraint_function 
r_bond_refined_d       1590 0.009  0.022  ? 'X-RAY DIFFRACTION' ? 
r_angle_refined_deg    2130 1.061  1.982  ? 'X-RAY DIFFRACTION' ? 
r_dihedral_angle_1_deg 190  4.117  5.000  ? 'X-RAY DIFFRACTION' ? 
r_dihedral_angle_2_deg 78   32.234 23.333 ? 'X-RAY DIFFRACTION' ? 
r_dihedral_angle_3_deg 322  14.390 15.000 ? 'X-RAY DIFFRACTION' ? 
r_dihedral_angle_4_deg 18   18.176 15.000 ? 'X-RAY DIFFRACTION' ? 
r_chiral_restr         232  0.069  0.200  ? 'X-RAY DIFFRACTION' ? 
r_gen_planes_refined   1174 0.005  0.021  ? 'X-RAY DIFFRACTION' ? 
r_mcbond_it            956  4.400  1.500  ? 'X-RAY DIFFRACTION' ? 
r_mcangle_it           1530 5.599  2.000  ? 'X-RAY DIFFRACTION' ? 
r_scbond_it            634  6.251  3.000  ? 'X-RAY DIFFRACTION' ? 
r_scangle_it           600  8.190  4.500  ? 'X-RAY DIFFRACTION' ? 
# 
loop_
_refine_ls_restr_ncs.pdbx_refine_id 
_refine_ls_restr_ncs.pdbx_ens_id 
_refine_ls_restr_ncs.dom_id 
_refine_ls_restr_ncs.pdbx_type 
_refine_ls_restr_ncs.pdbx_auth_asym_id 
_refine_ls_restr_ncs.pdbx_number 
_refine_ls_restr_ncs.rms_dev_position 
_refine_ls_restr_ncs.weight_position 
_refine_ls_restr_ncs.pdbx_ordinal 
_refine_ls_restr_ncs.ncs_model_details 
_refine_ls_restr_ncs.rms_dev_B_iso 
_refine_ls_restr_ncs.weight_B_iso 
_refine_ls_restr_ncs.pdbx_asym_id 
_refine_ls_restr_ncs.pdbx_rms 
_refine_ls_restr_ncs.pdbx_weight 
'X-RAY DIFFRACTION' 1 1 'TIGHT POSITIONAL' A 784 0.100 0.050 1 ? ? ? ? ? ? 
'X-RAY DIFFRACTION' 1 1 'TIGHT THERMAL'    A 784 1.480 0.500 2 ? ? ? ? ? ? 
# 
_refine_ls_shell.d_res_high                       2.000 
_refine_ls_shell.d_res_low                        2.052 
_refine_ls_shell.pdbx_total_number_of_bins_used   20 
_refine_ls_shell.percent_reflns_obs               99.780 
_refine_ls_shell.number_reflns_R_work             858 
_refine_ls_shell.R_factor_all                     ? 
_refine_ls_shell.R_factor_R_work                  0.240 
_refine_ls_shell.R_factor_R_free                  0.290 
_refine_ls_shell.percent_reflns_R_free            ? 
_refine_ls_shell.number_reflns_R_free             48 
_refine_ls_shell.R_factor_R_free_error            ? 
_refine_ls_shell.number_reflns_all                906 
_refine_ls_shell.number_reflns_obs                ? 
_refine_ls_shell.redundancy_reflns_obs            ? 
_refine_ls_shell.pdbx_refine_id                   'X-RAY DIFFRACTION' 
# 
loop_
_struct_ncs_dom.pdbx_ens_id 
_struct_ncs_dom.id 
_struct_ncs_dom.details 
1 1 A 
1 2 B 
# 
loop_
_struct_ncs_dom_lim.pdbx_ens_id 
_struct_ncs_dom_lim.dom_id 
_struct_ncs_dom_lim.pdbx_component_id 
_struct_ncs_dom_lim.beg_label_asym_id 
_struct_ncs_dom_lim.beg_label_comp_id 
_struct_ncs_dom_lim.beg_label_seq_id 
_struct_ncs_dom_lim.beg_label_alt_id 
_struct_ncs_dom_lim.end_label_asym_id 
_struct_ncs_dom_lim.end_label_comp_id 
_struct_ncs_dom_lim.end_label_seq_id 
_struct_ncs_dom_lim.end_label_alt_id 
_struct_ncs_dom_lim.beg_auth_asym_id 
_struct_ncs_dom_lim.beg_auth_comp_id 
_struct_ncs_dom_lim.beg_auth_seq_id 
_struct_ncs_dom_lim.end_auth_asym_id 
_struct_ncs_dom_lim.end_auth_comp_id 
_struct_ncs_dom_lim.end_auth_seq_id 
_struct_ncs_dom_lim.pdbx_refine_code 
_struct_ncs_dom_lim.selection_details 
1 1 1 A MET 1 . A LYS 96 . A MET 1 A LYS 96 1 ? 
1 2 1 B MET 1 . B LYS 96 . B MET 1 B LYS 96 1 ? 
# 
_struct_ncs_ens.id        1 
_struct_ncs_ens.details   ? 
# 
_struct.entry_id                  3LIS 
_struct.title                     
'Crystal Structure of the Restriction-Modification Controller Protein C.Csp231I (Monoclinic form)' 
_struct.pdbx_model_details        ? 
_struct.pdbx_CASP_flag            ? 
_struct.pdbx_model_type_details   ? 
# 
_struct_keywords.entry_id        3LIS 
_struct_keywords.text            
'transcriptional regulator, helix-turn-helix, DNA binding protein, restriction modification control, TRANSCRIPTION' 
_struct_keywords.pdbx_keywords   TRANSCRIPTION 
# 
loop_
_struct_asym.id 
_struct_asym.pdbx_blank_PDB_chainid_flag 
_struct_asym.pdbx_modified 
_struct_asym.entity_id 
_struct_asym.details 
A N N 1 ? 
B N N 1 ? 
C N N 2 ? 
D N N 2 ? 
# 
_struct_ref.id                         1 
_struct_ref.db_name                    UNP 
_struct_ref.db_code                    Q32WH4_9ENTR 
_struct_ref.pdbx_db_accession          Q32WH4 
_struct_ref.entity_id                  1 
_struct_ref.pdbx_seq_one_letter_code   
;MLIRRLKDARLRAGISQEKLGVLAGIDEASASARMNQYEKGKHAPDFEMANRLAKVLKIPVSYLYTPEDDLAQIILTWNE
LNEQERKRINFYIRKKAK
;
_struct_ref.pdbx_align_begin           1 
_struct_ref.pdbx_db_isoform            ? 
# 
loop_
_struct_ref_seq.align_id 
_struct_ref_seq.ref_id 
_struct_ref_seq.pdbx_PDB_id_code 
_struct_ref_seq.pdbx_strand_id 
_struct_ref_seq.seq_align_beg 
_struct_ref_seq.pdbx_seq_align_beg_ins_code 
_struct_ref_seq.seq_align_end 
_struct_ref_seq.pdbx_seq_align_end_ins_code 
_struct_ref_seq.pdbx_db_accession 
_struct_ref_seq.db_align_beg 
_struct_ref_seq.pdbx_db_align_beg_ins_code 
_struct_ref_seq.db_align_end 
_struct_ref_seq.pdbx_db_align_end_ins_code 
_struct_ref_seq.pdbx_auth_seq_align_beg 
_struct_ref_seq.pdbx_auth_seq_align_end 
1 1 3LIS A 1 ? 98 ? Q32WH4 1 ? 98 ? 1 98 
2 1 3LIS B 1 ? 98 ? Q32WH4 1 ? 98 ? 1 98 
# 
_pdbx_struct_assembly.id                   1 
_pdbx_struct_assembly.details              author_and_software_defined_assembly 
_pdbx_struct_assembly.method_details       PISA 
_pdbx_struct_assembly.oligomeric_details   dimeric 
_pdbx_struct_assembly.oligomeric_count     2 
# 
loop_
_pdbx_struct_assembly_prop.biol_id 
_pdbx_struct_assembly_prop.type 
_pdbx_struct_assembly_prop.value 
_pdbx_struct_assembly_prop.details 
1 'ABSA (A^2)' 2420  ? 
1 MORE         -24   ? 
1 'SSA (A^2)'  10530 ? 
# 
_pdbx_struct_assembly_gen.assembly_id       1 
_pdbx_struct_assembly_gen.oper_expression   1 
_pdbx_struct_assembly_gen.asym_id_list      A,B,C,D 
# 
_pdbx_struct_oper_list.id                   1 
_pdbx_struct_oper_list.type                 'identity operation' 
_pdbx_struct_oper_list.name                 1_555 
_pdbx_struct_oper_list.symmetry_operation   x,y,z 
_pdbx_struct_oper_list.matrix[1][1]         1.0000000000 
_pdbx_struct_oper_list.matrix[1][2]         0.0000000000 
_pdbx_struct_oper_list.matrix[1][3]         0.0000000000 
_pdbx_struct_oper_list.vector[1]            0.0000000000 
_pdbx_struct_oper_list.matrix[2][1]         0.0000000000 
_pdbx_struct_oper_list.matrix[2][2]         1.0000000000 
_pdbx_struct_oper_list.matrix[2][3]         0.0000000000 
_pdbx_struct_oper_list.vector[2]            0.0000000000 
_pdbx_struct_oper_list.matrix[3][1]         0.0000000000 
_pdbx_struct_oper_list.matrix[3][2]         0.0000000000 
_pdbx_struct_oper_list.matrix[3][3]         1.0000000000 
_pdbx_struct_oper_list.vector[3]            0.0000000000 
# 
_struct_biol.id        1 
_struct_biol.details   ? 
# 
loop_
_struct_conf.conf_type_id 
_struct_conf.id 
_struct_conf.pdbx_PDB_helix_id 
_struct_conf.beg_label_comp_id 
_struct_conf.beg_label_asym_id 
_struct_conf.beg_label_seq_id 
_struct_conf.pdbx_beg_PDB_ins_code 
_struct_conf.end_label_comp_id 
_struct_conf.end_label_asym_id 
_struct_conf.end_label_seq_id 
_struct_conf.pdbx_end_PDB_ins_code 
_struct_conf.beg_auth_comp_id 
_struct_conf.beg_auth_asym_id 
_struct_conf.beg_auth_seq_id 
_struct_conf.end_auth_comp_id 
_struct_conf.end_auth_asym_id 
_struct_conf.end_auth_seq_id 
_struct_conf.pdbx_PDB_helix_class 
_struct_conf.details 
_struct_conf.pdbx_PDB_helix_length 
HELX_P HELX_P1  1  LEU A 2  ? GLY A 14 ? LEU A 2  GLY A 14 1 ? 13 
HELX_P HELX_P2  2  SER A 16 ? ALA A 24 ? SER A 16 ALA A 24 1 ? 9  
HELX_P HELX_P3  3  ASP A 27 ? LYS A 40 ? ASP A 27 LYS A 40 1 ? 14 
HELX_P HELX_P4  4  ASP A 46 ? LEU A 57 ? ASP A 46 LEU A 57 1 ? 12 
HELX_P HELX_P5  5  PRO A 60 ? THR A 66 ? PRO A 60 THR A 66 5 ? 7  
HELX_P HELX_P6  6  GLU A 68 ? ASN A 79 ? GLU A 68 ASN A 79 1 ? 12 
HELX_P HELX_P7  7  ASN A 82 ? ARG A 94 ? ASN A 82 ARG A 94 1 ? 13 
HELX_P HELX_P8  8  LEU B 2  ? GLY B 14 ? LEU B 2  GLY B 14 1 ? 13 
HELX_P HELX_P9  9  SER B 16 ? ALA B 24 ? SER B 16 ALA B 24 1 ? 9  
HELX_P HELX_P10 10 ASP B 27 ? LYS B 40 ? ASP B 27 LYS B 40 1 ? 14 
HELX_P HELX_P11 11 ASP B 46 ? LEU B 57 ? ASP B 46 LEU B 57 1 ? 12 
HELX_P HELX_P12 12 PRO B 60 ? THR B 66 ? PRO B 60 THR B 66 5 ? 7  
HELX_P HELX_P13 13 GLU B 68 ? ASN B 79 ? GLU B 68 ASN B 79 1 ? 12 
HELX_P HELX_P14 14 ASN B 82 ? ARG B 94 ? ASN B 82 ARG B 94 1 ? 13 
# 
_struct_conf_type.id          HELX_P 
_struct_conf_type.criteria    ? 
_struct_conf_type.reference   ? 
# 
loop_
_pdbx_validate_torsion.id 
_pdbx_validate_torsion.PDB_model_num 
_pdbx_validate_torsion.auth_comp_id 
_pdbx_validate_torsion.auth_asym_id 
_pdbx_validate_torsion.auth_seq_id 
_pdbx_validate_torsion.PDB_ins_code 
_pdbx_validate_torsion.label_alt_id 
_pdbx_validate_torsion.phi 
_pdbx_validate_torsion.psi 
1 1 LYS A 95 ? ? 66.83 -5.57 
2 1 LYS B 95 ? ? 68.86 -6.14 
# 
_pdbx_phasing_MR.entry_id                     3LIS 
_pdbx_phasing_MR.method_rotation              ? 
_pdbx_phasing_MR.method_translation           ? 
_pdbx_phasing_MR.model_details                'Phaser MODE: MR_AUTO' 
_pdbx_phasing_MR.R_factor                     33.960 
_pdbx_phasing_MR.R_rigid_body                 ? 
_pdbx_phasing_MR.correlation_coeff_Fo_to_Fc   ? 
_pdbx_phasing_MR.correlation_coeff_Io_to_Ic   ? 
_pdbx_phasing_MR.d_res_high_rotation          2.500 
_pdbx_phasing_MR.d_res_low_rotation           18.700 
_pdbx_phasing_MR.d_res_high_translation       2.500 
_pdbx_phasing_MR.d_res_low_translation        18.700 
_pdbx_phasing_MR.packing                      ? 
_pdbx_phasing_MR.reflns_percent_rotation      ? 
_pdbx_phasing_MR.reflns_percent_translation   ? 
_pdbx_phasing_MR.sigma_F_rotation             ? 
_pdbx_phasing_MR.sigma_F_translation          ? 
_pdbx_phasing_MR.sigma_I_rotation             ? 
_pdbx_phasing_MR.sigma_I_translation          ? 
# 
_phasing.method   MR 
# 
loop_
_pdbx_unobs_or_zero_occ_residues.id 
_pdbx_unobs_or_zero_occ_residues.PDB_model_num 
_pdbx_unobs_or_zero_occ_residues.polymer_flag 
_pdbx_unobs_or_zero_occ_residues.occupancy_flag 
_pdbx_unobs_or_zero_occ_residues.auth_asym_id 
_pdbx_unobs_or_zero_occ_residues.auth_comp_id 
_pdbx_unobs_or_zero_occ_residues.auth_seq_id 
_pdbx_unobs_or_zero_occ_residues.PDB_ins_code 
_pdbx_unobs_or_zero_occ_residues.label_asym_id 
_pdbx_unobs_or_zero_occ_residues.label_comp_id 
_pdbx_unobs_or_zero_occ_residues.label_seq_id 
1 1 Y 1 A ALA 97 ? A ALA 97 
2 1 Y 1 A LYS 98 ? A LYS 98 
3 1 Y 1 B ALA 97 ? B ALA 97 
4 1 Y 1 B LYS 98 ? B LYS 98 
# 
loop_
_chem_comp_atom.comp_id 
_chem_comp_atom.atom_id 
_chem_comp_atom.type_symbol 
_chem_comp_atom.pdbx_aromatic_flag 
_chem_comp_atom.pdbx_stereo_config 
_chem_comp_atom.pdbx_ordinal 
ALA N    N N N 1   
ALA CA   C N S 2   
ALA C    C N N 3   
ALA O    O N N 4   
ALA CB   C N N 5   
ALA OXT  O N N 6   
ALA H    H N N 7   
ALA H2   H N N 8   
ALA HA   H N N 9   
ALA HB1  H N N 10  
ALA HB2  H N N 11  
ALA HB3  H N N 12  
ALA HXT  H N N 13  
ARG N    N N N 14  
ARG CA   C N S 15  
ARG C    C N N 16  
ARG O    O N N 17  
ARG CB   C N N 18  
ARG CG   C N N 19  
ARG CD   C N N 20  
ARG NE   N N N 21  
ARG CZ   C N N 22  
ARG NH1  N N N 23  
ARG NH2  N N N 24  
ARG OXT  O N N 25  
ARG H    H N N 26  
ARG H2   H N N 27  
ARG HA   H N N 28  
ARG HB2  H N N 29  
ARG HB3  H N N 30  
ARG HG2  H N N 31  
ARG HG3  H N N 32  
ARG HD2  H N N 33  
ARG HD3  H N N 34  
ARG HE   H N N 35  
ARG HH11 H N N 36  
ARG HH12 H N N 37  
ARG HH21 H N N 38  
ARG HH22 H N N 39  
ARG HXT  H N N 40  
ASN N    N N N 41  
ASN CA   C N S 42  
ASN C    C N N 43  
ASN O    O N N 44  
ASN CB   C N N 45  
ASN CG   C N N 46  
ASN OD1  O N N 47  
ASN ND2  N N N 48  
ASN OXT  O N N 49  
ASN H    H N N 50  
ASN H2   H N N 51  
ASN HA   H N N 52  
ASN HB2  H N N 53  
ASN HB3  H N N 54  
ASN HD21 H N N 55  
ASN HD22 H N N 56  
ASN HXT  H N N 57  
ASP N    N N N 58  
ASP CA   C N S 59  
ASP C    C N N 60  
ASP O    O N N 61  
ASP CB   C N N 62  
ASP CG   C N N 63  
ASP OD1  O N N 64  
ASP OD2  O N N 65  
ASP OXT  O N N 66  
ASP H    H N N 67  
ASP H2   H N N 68  
ASP HA   H N N 69  
ASP HB2  H N N 70  
ASP HB3  H N N 71  
ASP HD2  H N N 72  
ASP HXT  H N N 73  
GLN N    N N N 74  
GLN CA   C N S 75  
GLN C    C N N 76  
GLN O    O N N 77  
GLN CB   C N N 78  
GLN CG   C N N 79  
GLN CD   C N N 80  
GLN OE1  O N N 81  
GLN NE2  N N N 82  
GLN OXT  O N N 83  
GLN H    H N N 84  
GLN H2   H N N 85  
GLN HA   H N N 86  
GLN HB2  H N N 87  
GLN HB3  H N N 88  
GLN HG2  H N N 89  
GLN HG3  H N N 90  
GLN HE21 H N N 91  
GLN HE22 H N N 92  
GLN HXT  H N N 93  
GLU N    N N N 94  
GLU CA   C N S 95  
GLU C    C N N 96  
GLU O    O N N 97  
GLU CB   C N N 98  
GLU CG   C N N 99  
GLU CD   C N N 100 
GLU OE1  O N N 101 
GLU OE2  O N N 102 
GLU OXT  O N N 103 
GLU H    H N N 104 
GLU H2   H N N 105 
GLU HA   H N N 106 
GLU HB2  H N N 107 
GLU HB3  H N N 108 
GLU HG2  H N N 109 
GLU HG3  H N N 110 
GLU HE2  H N N 111 
GLU HXT  H N N 112 
GLY N    N N N 113 
GLY CA   C N N 114 
GLY C    C N N 115 
GLY O    O N N 116 
GLY OXT  O N N 117 
GLY H    H N N 118 
GLY H2   H N N 119 
GLY HA2  H N N 120 
GLY HA3  H N N 121 
GLY HXT  H N N 122 
HIS N    N N N 123 
HIS CA   C N S 124 
HIS C    C N N 125 
HIS O    O N N 126 
HIS CB   C N N 127 
HIS CG   C Y N 128 
HIS ND1  N Y N 129 
HIS CD2  C Y N 130 
HIS CE1  C Y N 131 
HIS NE2  N Y N 132 
HIS OXT  O N N 133 
HIS H    H N N 134 
HIS H2   H N N 135 
HIS HA   H N N 136 
HIS HB2  H N N 137 
HIS HB3  H N N 138 
HIS HD1  H N N 139 
HIS HD2  H N N 140 
HIS HE1  H N N 141 
HIS HE2  H N N 142 
HIS HXT  H N N 143 
HOH O    O N N 144 
HOH H1   H N N 145 
HOH H2   H N N 146 
ILE N    N N N 147 
ILE CA   C N S 148 
ILE C    C N N 149 
ILE O    O N N 150 
ILE CB   C N S 151 
ILE CG1  C N N 152 
ILE CG2  C N N 153 
ILE CD1  C N N 154 
ILE OXT  O N N 155 
ILE H    H N N 156 
ILE H2   H N N 157 
ILE HA   H N N 158 
ILE HB   H N N 159 
ILE HG12 H N N 160 
ILE HG13 H N N 161 
ILE HG21 H N N 162 
ILE HG22 H N N 163 
ILE HG23 H N N 164 
ILE HD11 H N N 165 
ILE HD12 H N N 166 
ILE HD13 H N N 167 
ILE HXT  H N N 168 
LEU N    N N N 169 
LEU CA   C N S 170 
LEU C    C N N 171 
LEU O    O N N 172 
LEU CB   C N N 173 
LEU CG   C N N 174 
LEU CD1  C N N 175 
LEU CD2  C N N 176 
LEU OXT  O N N 177 
LEU H    H N N 178 
LEU H2   H N N 179 
LEU HA   H N N 180 
LEU HB2  H N N 181 
LEU HB3  H N N 182 
LEU HG   H N N 183 
LEU HD11 H N N 184 
LEU HD12 H N N 185 
LEU HD13 H N N 186 
LEU HD21 H N N 187 
LEU HD22 H N N 188 
LEU HD23 H N N 189 
LEU HXT  H N N 190 
LYS N    N N N 191 
LYS CA   C N S 192 
LYS C    C N N 193 
LYS O    O N N 194 
LYS CB   C N N 195 
LYS CG   C N N 196 
LYS CD   C N N 197 
LYS CE   C N N 198 
LYS NZ   N N N 199 
LYS OXT  O N N 200 
LYS H    H N N 201 
LYS H2   H N N 202 
LYS HA   H N N 203 
LYS HB2  H N N 204 
LYS HB3  H N N 205 
LYS HG2  H N N 206 
LYS HG3  H N N 207 
LYS HD2  H N N 208 
LYS HD3  H N N 209 
LYS HE2  H N N 210 
LYS HE3  H N N 211 
LYS HZ1  H N N 212 
LYS HZ2  H N N 213 
LYS HZ3  H N N 214 
LYS HXT  H N N 215 
MET N    N N N 216 
MET CA   C N S 217 
MET C    C N N 218 
MET O    O N N 219 
MET CB   C N N 220 
MET CG   C N N 221 
MET SD   S N N 222 
MET CE   C N N 223 
MET OXT  O N N 224 
MET H    H N N 225 
MET H2   H N N 226 
MET HA   H N N 227 
MET HB2  H N N 228 
MET HB3  H N N 229 
MET HG2  H N N 230 
MET HG3  H N N 231 
MET HE1  H N N 232 
MET HE2  H N N 233 
MET HE3  H N N 234 
MET HXT  H N N 235 
PHE N    N N N 236 
PHE CA   C N S 237 
PHE C    C N N 238 
PHE O    O N N 239 
PHE CB   C N N 240 
PHE CG   C Y N 241 
PHE CD1  C Y N 242 
PHE CD2  C Y N 243 
PHE CE1  C Y N 244 
PHE CE2  C Y N 245 
PHE CZ   C Y N 246 
PHE OXT  O N N 247 
PHE H    H N N 248 
PHE H2   H N N 249 
PHE HA   H N N 250 
PHE HB2  H N N 251 
PHE HB3  H N N 252 
PHE HD1  H N N 253 
PHE HD2  H N N 254 
PHE HE1  H N N 255 
PHE HE2  H N N 256 
PHE HZ   H N N 257 
PHE HXT  H N N 258 
PRO N    N N N 259 
PRO CA   C N S 260 
PRO C    C N N 261 
PRO O    O N N 262 
PRO CB   C N N 263 
PRO CG   C N N 264 
PRO CD   C N N 265 
PRO OXT  O N N 266 
PRO H    H N N 267 
PRO HA   H N N 268 
PRO HB2  H N N 269 
PRO HB3  H N N 270 
PRO HG2  H N N 271 
PRO HG3  H N N 272 
PRO HD2  H N N 273 
PRO HD3  H N N 274 
PRO HXT  H N N 275 
SER N    N N N 276 
SER CA   C N S 277 
SER C    C N N 278 
SER O    O N N 279 
SER CB   C N N 280 
SER OG   O N N 281 
SER OXT  O N N 282 
SER H    H N N 283 
SER H2   H N N 284 
SER HA   H N N 285 
SER HB2  H N N 286 
SER HB3  H N N 287 
SER HG   H N N 288 
SER HXT  H N N 289 
THR N    N N N 290 
THR CA   C N S 291 
THR C    C N N 292 
THR O    O N N 293 
THR CB   C N R 294 
THR OG1  O N N 295 
THR CG2  C N N 296 
THR OXT  O N N 297 
THR H    H N N 298 
THR H2   H N N 299 
THR HA   H N N 300 
THR HB   H N N 301 
THR HG1  H N N 302 
THR HG21 H N N 303 
THR HG22 H N N 304 
THR HG23 H N N 305 
THR HXT  H N N 306 
TRP N    N N N 307 
TRP CA   C N S 308 
TRP C    C N N 309 
TRP O    O N N 310 
TRP CB   C N N 311 
TRP CG   C Y N 312 
TRP CD1  C Y N 313 
TRP CD2  C Y N 314 
TRP NE1  N Y N 315 
TRP CE2  C Y N 316 
TRP CE3  C Y N 317 
TRP CZ2  C Y N 318 
TRP CZ3  C Y N 319 
TRP CH2  C Y N 320 
TRP OXT  O N N 321 
TRP H    H N N 322 
TRP H2   H N N 323 
TRP HA   H N N 324 
TRP HB2  H N N 325 
TRP HB3  H N N 326 
TRP HD1  H N N 327 
TRP HE1  H N N 328 
TRP HE3  H N N 329 
TRP HZ2  H N N 330 
TRP HZ3  H N N 331 
TRP HH2  H N N 332 
TRP HXT  H N N 333 
TYR N    N N N 334 
TYR CA   C N S 335 
TYR C    C N N 336 
TYR O    O N N 337 
TYR CB   C N N 338 
TYR CG   C Y N 339 
TYR CD1  C Y N 340 
TYR CD2  C Y N 341 
TYR CE1  C Y N 342 
TYR CE2  C Y N 343 
TYR CZ   C Y N 344 
TYR OH   O N N 345 
TYR OXT  O N N 346 
TYR H    H N N 347 
TYR H2   H N N 348 
TYR HA   H N N 349 
TYR HB2  H N N 350 
TYR HB3  H N N 351 
TYR HD1  H N N 352 
TYR HD2  H N N 353 
TYR HE1  H N N 354 
TYR HE2  H N N 355 
TYR HH   H N N 356 
TYR HXT  H N N 357 
VAL N    N N N 358 
VAL CA   C N S 359 
VAL C    C N N 360 
VAL O    O N N 361 
VAL CB   C N N 362 
VAL CG1  C N N 363 
VAL CG2  C N N 364 
VAL OXT  O N N 365 
VAL H    H N N 366 
VAL H2   H N N 367 
VAL HA   H N N 368 
VAL HB   H N N 369 
VAL HG11 H N N 370 
VAL HG12 H N N 371 
VAL HG13 H N N 372 
VAL HG21 H N N 373 
VAL HG22 H N N 374 
VAL HG23 H N N 375 
VAL HXT  H N N 376 
# 
loop_
_chem_comp_bond.comp_id 
_chem_comp_bond.atom_id_1 
_chem_comp_bond.atom_id_2 
_chem_comp_bond.value_order 
_chem_comp_bond.pdbx_aromatic_flag 
_chem_comp_bond.pdbx_stereo_config 
_chem_comp_bond.pdbx_ordinal 
ALA N   CA   sing N N 1   
ALA N   H    sing N N 2   
ALA N   H2   sing N N 3   
ALA CA  C    sing N N 4   
ALA CA  CB   sing N N 5   
ALA CA  HA   sing N N 6   
ALA C   O    doub N N 7   
ALA C   OXT  sing N N 8   
ALA CB  HB1  sing N N 9   
ALA CB  HB2  sing N N 10  
ALA CB  HB3  sing N N 11  
ALA OXT HXT  sing N N 12  
ARG N   CA   sing N N 13  
ARG N   H    sing N N 14  
ARG N   H2   sing N N 15  
ARG CA  C    sing N N 16  
ARG CA  CB   sing N N 17  
ARG CA  HA   sing N N 18  
ARG C   O    doub N N 19  
ARG C   OXT  sing N N 20  
ARG CB  CG   sing N N 21  
ARG CB  HB2  sing N N 22  
ARG CB  HB3  sing N N 23  
ARG CG  CD   sing N N 24  
ARG CG  HG2  sing N N 25  
ARG CG  HG3  sing N N 26  
ARG CD  NE   sing N N 27  
ARG CD  HD2  sing N N 28  
ARG CD  HD3  sing N N 29  
ARG NE  CZ   sing N N 30  
ARG NE  HE   sing N N 31  
ARG CZ  NH1  sing N N 32  
ARG CZ  NH2  doub N N 33  
ARG NH1 HH11 sing N N 34  
ARG NH1 HH12 sing N N 35  
ARG NH2 HH21 sing N N 36  
ARG NH2 HH22 sing N N 37  
ARG OXT HXT  sing N N 38  
ASN N   CA   sing N N 39  
ASN N   H    sing N N 40  
ASN N   H2   sing N N 41  
ASN CA  C    sing N N 42  
ASN CA  CB   sing N N 43  
ASN CA  HA   sing N N 44  
ASN C   O    doub N N 45  
ASN C   OXT  sing N N 46  
ASN CB  CG   sing N N 47  
ASN CB  HB2  sing N N 48  
ASN CB  HB3  sing N N 49  
ASN CG  OD1  doub N N 50  
ASN CG  ND2  sing N N 51  
ASN ND2 HD21 sing N N 52  
ASN ND2 HD22 sing N N 53  
ASN OXT HXT  sing N N 54  
ASP N   CA   sing N N 55  
ASP N   H    sing N N 56  
ASP N   H2   sing N N 57  
ASP CA  C    sing N N 58  
ASP CA  CB   sing N N 59  
ASP CA  HA   sing N N 60  
ASP C   O    doub N N 61  
ASP C   OXT  sing N N 62  
ASP CB  CG   sing N N 63  
ASP CB  HB2  sing N N 64  
ASP CB  HB3  sing N N 65  
ASP CG  OD1  doub N N 66  
ASP CG  OD2  sing N N 67  
ASP OD2 HD2  sing N N 68  
ASP OXT HXT  sing N N 69  
GLN N   CA   sing N N 70  
GLN N   H    sing N N 71  
GLN N   H2   sing N N 72  
GLN CA  C    sing N N 73  
GLN CA  CB   sing N N 74  
GLN CA  HA   sing N N 75  
GLN C   O    doub N N 76  
GLN C   OXT  sing N N 77  
GLN CB  CG   sing N N 78  
GLN CB  HB2  sing N N 79  
GLN CB  HB3  sing N N 80  
GLN CG  CD   sing N N 81  
GLN CG  HG2  sing N N 82  
GLN CG  HG3  sing N N 83  
GLN CD  OE1  doub N N 84  
GLN CD  NE2  sing N N 85  
GLN NE2 HE21 sing N N 86  
GLN NE2 HE22 sing N N 87  
GLN OXT HXT  sing N N 88  
GLU N   CA   sing N N 89  
GLU N   H    sing N N 90  
GLU N   H2   sing N N 91  
GLU CA  C    sing N N 92  
GLU CA  CB   sing N N 93  
GLU CA  HA   sing N N 94  
GLU C   O    doub N N 95  
GLU C   OXT  sing N N 96  
GLU CB  CG   sing N N 97  
GLU CB  HB2  sing N N 98  
GLU CB  HB3  sing N N 99  
GLU CG  CD   sing N N 100 
GLU CG  HG2  sing N N 101 
GLU CG  HG3  sing N N 102 
GLU CD  OE1  doub N N 103 
GLU CD  OE2  sing N N 104 
GLU OE2 HE2  sing N N 105 
GLU OXT HXT  sing N N 106 
GLY N   CA   sing N N 107 
GLY N   H    sing N N 108 
GLY N   H2   sing N N 109 
GLY CA  C    sing N N 110 
GLY CA  HA2  sing N N 111 
GLY CA  HA3  sing N N 112 
GLY C   O    doub N N 113 
GLY C   OXT  sing N N 114 
GLY OXT HXT  sing N N 115 
HIS N   CA   sing N N 116 
HIS N   H    sing N N 117 
HIS N   H2   sing N N 118 
HIS CA  C    sing N N 119 
HIS CA  CB   sing N N 120 
HIS CA  HA   sing N N 121 
HIS C   O    doub N N 122 
HIS C   OXT  sing N N 123 
HIS CB  CG   sing N N 124 
HIS CB  HB2  sing N N 125 
HIS CB  HB3  sing N N 126 
HIS CG  ND1  sing Y N 127 
HIS CG  CD2  doub Y N 128 
HIS ND1 CE1  doub Y N 129 
HIS ND1 HD1  sing N N 130 
HIS CD2 NE2  sing Y N 131 
HIS CD2 HD2  sing N N 132 
HIS CE1 NE2  sing Y N 133 
HIS CE1 HE1  sing N N 134 
HIS NE2 HE2  sing N N 135 
HIS OXT HXT  sing N N 136 
HOH O   H1   sing N N 137 
HOH O   H2   sing N N 138 
ILE N   CA   sing N N 139 
ILE N   H    sing N N 140 
ILE N   H2   sing N N 141 
ILE CA  C    sing N N 142 
ILE CA  CB   sing N N 143 
ILE CA  HA   sing N N 144 
ILE C   O    doub N N 145 
ILE C   OXT  sing N N 146 
ILE CB  CG1  sing N N 147 
ILE CB  CG2  sing N N 148 
ILE CB  HB   sing N N 149 
ILE CG1 CD1  sing N N 150 
ILE CG1 HG12 sing N N 151 
ILE CG1 HG13 sing N N 152 
ILE CG2 HG21 sing N N 153 
ILE CG2 HG22 sing N N 154 
ILE CG2 HG23 sing N N 155 
ILE CD1 HD11 sing N N 156 
ILE CD1 HD12 sing N N 157 
ILE CD1 HD13 sing N N 158 
ILE OXT HXT  sing N N 159 
LEU N   CA   sing N N 160 
LEU N   H    sing N N 161 
LEU N   H2   sing N N 162 
LEU CA  C    sing N N 163 
LEU CA  CB   sing N N 164 
LEU CA  HA   sing N N 165 
LEU C   O    doub N N 166 
LEU C   OXT  sing N N 167 
LEU CB  CG   sing N N 168 
LEU CB  HB2  sing N N 169 
LEU CB  HB3  sing N N 170 
LEU CG  CD1  sing N N 171 
LEU CG  CD2  sing N N 172 
LEU CG  HG   sing N N 173 
LEU CD1 HD11 sing N N 174 
LEU CD1 HD12 sing N N 175 
LEU CD1 HD13 sing N N 176 
LEU CD2 HD21 sing N N 177 
LEU CD2 HD22 sing N N 178 
LEU CD2 HD23 sing N N 179 
LEU OXT HXT  sing N N 180 
LYS N   CA   sing N N 181 
LYS N   H    sing N N 182 
LYS N   H2   sing N N 183 
LYS CA  C    sing N N 184 
LYS CA  CB   sing N N 185 
LYS CA  HA   sing N N 186 
LYS C   O    doub N N 187 
LYS C   OXT  sing N N 188 
LYS CB  CG   sing N N 189 
LYS CB  HB2  sing N N 190 
LYS CB  HB3  sing N N 191 
LYS CG  CD   sing N N 192 
LYS CG  HG2  sing N N 193 
LYS CG  HG3  sing N N 194 
LYS CD  CE   sing N N 195 
LYS CD  HD2  sing N N 196 
LYS CD  HD3  sing N N 197 
LYS CE  NZ   sing N N 198 
LYS CE  HE2  sing N N 199 
LYS CE  HE3  sing N N 200 
LYS NZ  HZ1  sing N N 201 
LYS NZ  HZ2  sing N N 202 
LYS NZ  HZ3  sing N N 203 
LYS OXT HXT  sing N N 204 
MET N   CA   sing N N 205 
MET N   H    sing N N 206 
MET N   H2   sing N N 207 
MET CA  C    sing N N 208 
MET CA  CB   sing N N 209 
MET CA  HA   sing N N 210 
MET C   O    doub N N 211 
MET C   OXT  sing N N 212 
MET CB  CG   sing N N 213 
MET CB  HB2  sing N N 214 
MET CB  HB3  sing N N 215 
MET CG  SD   sing N N 216 
MET CG  HG2  sing N N 217 
MET CG  HG3  sing N N 218 
MET SD  CE   sing N N 219 
MET CE  HE1  sing N N 220 
MET CE  HE2  sing N N 221 
MET CE  HE3  sing N N 222 
MET OXT HXT  sing N N 223 
PHE N   CA   sing N N 224 
PHE N   H    sing N N 225 
PHE N   H2   sing N N 226 
PHE CA  C    sing N N 227 
PHE CA  CB   sing N N 228 
PHE CA  HA   sing N N 229 
PHE C   O    doub N N 230 
PHE C   OXT  sing N N 231 
PHE CB  CG   sing N N 232 
PHE CB  HB2  sing N N 233 
PHE CB  HB3  sing N N 234 
PHE CG  CD1  doub Y N 235 
PHE CG  CD2  sing Y N 236 
PHE CD1 CE1  sing Y N 237 
PHE CD1 HD1  sing N N 238 
PHE CD2 CE2  doub Y N 239 
PHE CD2 HD2  sing N N 240 
PHE CE1 CZ   doub Y N 241 
PHE CE1 HE1  sing N N 242 
PHE CE2 CZ   sing Y N 243 
PHE CE2 HE2  sing N N 244 
PHE CZ  HZ   sing N N 245 
PHE OXT HXT  sing N N 246 
PRO N   CA   sing N N 247 
PRO N   CD   sing N N 248 
PRO N   H    sing N N 249 
PRO CA  C    sing N N 250 
PRO CA  CB   sing N N 251 
PRO CA  HA   sing N N 252 
PRO C   O    doub N N 253 
PRO C   OXT  sing N N 254 
PRO CB  CG   sing N N 255 
PRO CB  HB2  sing N N 256 
PRO CB  HB3  sing N N 257 
PRO CG  CD   sing N N 258 
PRO CG  HG2  sing N N 259 
PRO CG  HG3  sing N N 260 
PRO CD  HD2  sing N N 261 
PRO CD  HD3  sing N N 262 
PRO OXT HXT  sing N N 263 
SER N   CA   sing N N 264 
SER N   H    sing N N 265 
SER N   H2   sing N N 266 
SER CA  C    sing N N 267 
SER CA  CB   sing N N 268 
SER CA  HA   sing N N 269 
SER C   O    doub N N 270 
SER C   OXT  sing N N 271 
SER CB  OG   sing N N 272 
SER CB  HB2  sing N N 273 
SER CB  HB3  sing N N 274 
SER OG  HG   sing N N 275 
SER OXT HXT  sing N N 276 
THR N   CA   sing N N 277 
THR N   H    sing N N 278 
THR N   H2   sing N N 279 
THR CA  C    sing N N 280 
THR CA  CB   sing N N 281 
THR CA  HA   sing N N 282 
THR C   O    doub N N 283 
THR C   OXT  sing N N 284 
THR CB  OG1  sing N N 285 
THR CB  CG2  sing N N 286 
THR CB  HB   sing N N 287 
THR OG1 HG1  sing N N 288 
THR CG2 HG21 sing N N 289 
THR CG2 HG22 sing N N 290 
THR CG2 HG23 sing N N 291 
THR OXT HXT  sing N N 292 
TRP N   CA   sing N N 293 
TRP N   H    sing N N 294 
TRP N   H2   sing N N 295 
TRP CA  C    sing N N 296 
TRP CA  CB   sing N N 297 
TRP CA  HA   sing N N 298 
TRP C   O    doub N N 299 
TRP C   OXT  sing N N 300 
TRP CB  CG   sing N N 301 
TRP CB  HB2  sing N N 302 
TRP CB  HB3  sing N N 303 
TRP CG  CD1  doub Y N 304 
TRP CG  CD2  sing Y N 305 
TRP CD1 NE1  sing Y N 306 
TRP CD1 HD1  sing N N 307 
TRP CD2 CE2  doub Y N 308 
TRP CD2 CE3  sing Y N 309 
TRP NE1 CE2  sing Y N 310 
TRP NE1 HE1  sing N N 311 
TRP CE2 CZ2  sing Y N 312 
TRP CE3 CZ3  doub Y N 313 
TRP CE3 HE3  sing N N 314 
TRP CZ2 CH2  doub Y N 315 
TRP CZ2 HZ2  sing N N 316 
TRP CZ3 CH2  sing Y N 317 
TRP CZ3 HZ3  sing N N 318 
TRP CH2 HH2  sing N N 319 
TRP OXT HXT  sing N N 320 
TYR N   CA   sing N N 321 
TYR N   H    sing N N 322 
TYR N   H2   sing N N 323 
TYR CA  C    sing N N 324 
TYR CA  CB   sing N N 325 
TYR CA  HA   sing N N 326 
TYR C   O    doub N N 327 
TYR C   OXT  sing N N 328 
TYR CB  CG   sing N N 329 
TYR CB  HB2  sing N N 330 
TYR CB  HB3  sing N N 331 
TYR CG  CD1  doub Y N 332 
TYR CG  CD2  sing Y N 333 
TYR CD1 CE1  sing Y N 334 
TYR CD1 HD1  sing N N 335 
TYR CD2 CE2  doub Y N 336 
TYR CD2 HD2  sing N N 337 
TYR CE1 CZ   doub Y N 338 
TYR CE1 HE1  sing N N 339 
TYR CE2 CZ   sing Y N 340 
TYR CE2 HE2  sing N N 341 
TYR CZ  OH   sing N N 342 
TYR OH  HH   sing N N 343 
TYR OXT HXT  sing N N 344 
VAL N   CA   sing N N 345 
VAL N   H    sing N N 346 
VAL N   H2   sing N N 347 
VAL CA  C    sing N N 348 
VAL CA  CB   sing N N 349 
VAL CA  HA   sing N N 350 
VAL C   O    doub N N 351 
VAL C   OXT  sing N N 352 
VAL CB  CG1  sing N N 353 
VAL CB  CG2  sing N N 354 
VAL CB  HB   sing N N 355 
VAL CG1 HG11 sing N N 356 
VAL CG1 HG12 sing N N 357 
VAL CG1 HG13 sing N N 358 
VAL CG2 HG21 sing N N 359 
VAL CG2 HG22 sing N N 360 
VAL CG2 HG23 sing N N 361 
VAL OXT HXT  sing N N 362 
# 
_atom_sites.entry_id                    3LIS 
_atom_sites.fract_transf_matrix[1][1]   -0.00036246 
_atom_sites.fract_transf_matrix[1][2]   -0.01535564 
_atom_sites.fract_transf_matrix[1][3]   0.01410392 
_atom_sites.fract_transf_matrix[2][1]   -0.03377430 
_atom_sites.fract_transf_matrix[2][2]   0.00205058 
_atom_sites.fract_transf_matrix[2][3]   0.00136461 
_atom_sites.fract_transf_matrix[3][1]   -0.00115397 
_atom_sites.fract_transf_matrix[3][2]   -0.01287912 
_atom_sites.fract_transf_matrix[3][3]   -0.00920763 
_atom_sites.fract_transf_vector[1]      -0.190622 
_atom_sites.fract_transf_vector[2]      0.088867 
_atom_sites.fract_transf_vector[3]      -0.280556 
# 
loop_
_atom_type.symbol 
C 
N 
O 
S 
# 
loop_
_atom_site.group_PDB 
_atom_site.id 
_atom_site.type_symbol 
_atom_site.label_atom_id 
_atom_site.label_alt_id 
_atom_site.label_comp_id 
_atom_site.label_asym_id 
_atom_site.label_entity_id 
_atom_site.label_seq_id 
_atom_site.pdbx_PDB_ins_code 
_atom_site.Cartn_x 
_atom_site.Cartn_y 
_atom_site.Cartn_z 
_atom_site.occupancy 
_atom_site.B_iso_or_equiv 
_atom_site.pdbx_formal_charge 
_atom_site.auth_seq_id 
_atom_site.auth_comp_id 
_atom_site.auth_asym_id 
_atom_site.auth_atom_id 
_atom_site.pdbx_PDB_model_num 
ATOM   1    N N   . MET A 1 1  ? -3.665  -3.486  -6.994  1.00 41.76 ? 1   MET A N   1 
ATOM   2    C CA  . MET A 1 1  ? -3.232  -2.111  -7.207  1.00 33.45 ? 1   MET A CA  1 
ATOM   3    C C   . MET A 1 1  ? -4.351  -1.245  -7.756  1.00 32.96 ? 1   MET A C   1 
ATOM   4    O O   . MET A 1 1  ? -5.093  -1.673  -8.636  1.00 30.85 ? 1   MET A O   1 
ATOM   5    C CB  . MET A 1 1  ? -2.072  -2.059  -8.186  1.00 34.19 ? 1   MET A CB  1 
ATOM   6    C CG  . MET A 1 1  ? -1.891  -0.651  -8.738  1.00 38.95 ? 1   MET A CG  1 
ATOM   7    S SD  . MET A 1 1  ? -0.709  -0.628  -10.057 1.00 33.65 ? 1   MET A SD  1 
ATOM   8    C CE  . MET A 1 1  ? 0.756   -1.077  -9.127  1.00 42.44 ? 1   MET A CE  1 
ATOM   9    N N   . LEU A 1 2  ? -4.459  -0.015  -7.259  1.00 29.43 ? 2   LEU A N   1 
ATOM   10   C CA  . LEU A 1 2  ? -5.489  0.905   -7.738  1.00 25.69 ? 2   LEU A CA  1 
ATOM   11   C C   . LEU A 1 2  ? -5.066  1.593   -9.037  1.00 28.78 ? 2   LEU A C   1 
ATOM   12   O O   . LEU A 1 2  ? -4.067  2.316   -9.074  1.00 24.07 ? 2   LEU A O   1 
ATOM   13   C CB  . LEU A 1 2  ? -5.792  1.954   -6.672  1.00 26.78 ? 2   LEU A CB  1 
ATOM   14   C CG  . LEU A 1 2  ? -6.312  1.327   -5.380  1.00 34.27 ? 2   LEU A CG  1 
ATOM   15   C CD1 . LEU A 1 2  ? -6.193  2.296   -4.226  1.00 30.59 ? 2   LEU A CD1 1 
ATOM   16   C CD2 . LEU A 1 2  ? -7.762  0.866   -5.563  1.00 31.09 ? 2   LEU A CD2 1 
ATOM   17   N N   . ILE A 1 3  ? -5.838  1.380   -10.096 1.00 22.78 ? 3   ILE A N   1 
ATOM   18   C CA  . ILE A 1 3  ? -5.465  1.888   -11.414 1.00 26.69 ? 3   ILE A CA  1 
ATOM   19   C C   . ILE A 1 3  ? -5.402  3.409   -11.450 1.00 25.76 ? 3   ILE A C   1 
ATOM   20   O O   . ILE A 1 3  ? -4.575  3.976   -12.163 1.00 28.57 ? 3   ILE A O   1 
ATOM   21   C CB  . ILE A 1 3  ? -6.404  1.352   -12.537 1.00 31.12 ? 3   ILE A CB  1 
ATOM   22   C CG1 . ILE A 1 3  ? -7.817  1.907   -12.389 1.00 28.80 ? 3   ILE A CG1 1 
ATOM   23   C CG2 . ILE A 1 3  ? -6.452  -0.180  -12.502 1.00 28.48 ? 3   ILE A CG2 1 
ATOM   24   C CD1 . ILE A 1 3  ? -8.825  1.263   -13.359 1.00 33.04 ? 3   ILE A CD1 1 
ATOM   25   N N   . ARG A 1 4  ? -6.262  4.078   -10.683 1.00 23.45 ? 4   ARG A N   1 
ATOM   26   C CA  . ARG A 1 4  ? -6.254  5.531   -10.719 1.00 27.46 ? 4   ARG A CA  1 
ATOM   27   C C   . ARG A 1 4  ? -5.026  6.116   -10.023 1.00 22.62 ? 4   ARG A C   1 
ATOM   28   O O   . ARG A 1 4  ? -4.591  7.202   -10.389 1.00 19.68 ? 4   ARG A O   1 
ATOM   29   C CB  . ARG A 1 4  ? -7.549  6.136   -10.163 1.00 29.37 ? 4   ARG A CB  1 
ATOM   30   C CG  . ARG A 1 4  ? -7.624  6.215   -8.658  1.00 38.17 ? 4   ARG A CG  1 
ATOM   31   C CD  . ARG A 1 4  ? -8.928  6.881   -8.228  1.00 37.16 ? 4   ARG A CD  1 
ATOM   32   N NE  . ARG A 1 4  ? -9.091  6.923   -6.773  1.00 40.26 ? 4   ARG A NE  1 
ATOM   33   C CZ  . ARG A 1 4  ? -9.321  5.858   -6.011  1.00 43.22 ? 4   ARG A CZ  1 
ATOM   34   N NH1 . ARG A 1 4  ? -9.395  4.643   -6.551  1.00 39.23 ? 4   ARG A NH1 1 
ATOM   35   N NH2 . ARG A 1 4  ? -9.468  6.011   -4.701  1.00 41.08 ? 4   ARG A NH2 1 
ATOM   36   N N   . ARG A 1 5  ? -4.495  5.405   -9.024  1.00 21.35 ? 5   ARG A N   1 
ATOM   37   C CA  . ARG A 1 5  ? -3.224  5.768   -8.381  1.00 22.45 ? 5   ARG A CA  1 
ATOM   38   C C   . ARG A 1 5  ? -2.057  5.680   -9.355  1.00 23.72 ? 5   ARG A C   1 
ATOM   39   O O   . ARG A 1 5  ? -1.209  6.571   -9.412  1.00 18.67 ? 5   ARG A O   1 
ATOM   40   C CB  . ARG A 1 5  ? -2.923  4.887   -7.154  1.00 18.09 ? 5   ARG A CB  1 
ATOM   41   C CG  . ARG A 1 5  ? -3.943  4.994   -6.012  1.00 18.84 ? 5   ARG A CG  1 
ATOM   42   C CD  . ARG A 1 5  ? -3.832  6.309   -5.224  1.00 22.11 ? 5   ARG A CD  1 
ATOM   43   N NE  . ARG A 1 5  ? -4.811  6.312   -4.143  1.00 22.93 ? 5   ARG A NE  1 
ATOM   44   C CZ  . ARG A 1 5  ? -5.789  7.196   -4.016  1.00 24.34 ? 5   ARG A CZ  1 
ATOM   45   N NH1 . ARG A 1 5  ? -5.905  8.195   -4.885  1.00 21.13 ? 5   ARG A NH1 1 
ATOM   46   N NH2 . ARG A 1 5  ? -6.645  7.085   -3.007  1.00 27.03 ? 5   ARG A NH2 1 
ATOM   47   N N   . LEU A 1 6  ? -1.992  4.593   -10.114 1.00 20.86 ? 6   LEU A N   1 
ATOM   48   C CA  . LEU A 1 6  ? -0.928  4.455   -11.115 1.00 18.76 ? 6   LEU A CA  1 
ATOM   49   C C   . LEU A 1 6  ? -1.013  5.575   -12.164 1.00 23.11 ? 6   LEU A C   1 
ATOM   50   O O   . LEU A 1 6  ? -0.031  6.263   -12.445 1.00 18.46 ? 6   LEU A O   1 
ATOM   51   C CB  . LEU A 1 6  ? -0.998  3.084   -11.793 1.00 25.20 ? 6   LEU A CB  1 
ATOM   52   C CG  . LEU A 1 6  ? 0.028   2.811   -12.900 1.00 28.82 ? 6   LEU A CG  1 
ATOM   53   C CD1 . LEU A 1 6  ? 1.475   2.908   -12.406 1.00 17.65 ? 6   LEU A CD1 1 
ATOM   54   C CD2 . LEU A 1 6  ? -0.233  1.465   -13.572 1.00 27.13 ? 6   LEU A CD2 1 
ATOM   55   N N   . LYS A 1 7  ? -2.193  5.754   -12.743 1.00 21.09 ? 7   LYS A N   1 
ATOM   56   C CA  . LYS A 1 7  ? -2.392  6.801   -13.745 1.00 25.39 ? 7   LYS A CA  1 
ATOM   57   C C   . LYS A 1 7  ? -2.062  8.206   -13.219 1.00 20.26 ? 7   LYS A C   1 
ATOM   58   O O   . LYS A 1 7  ? -1.362  8.977   -13.869 1.00 21.88 ? 7   LYS A O   1 
ATOM   59   C CB  . LYS A 1 7  ? -3.832  6.767   -14.274 1.00 30.01 ? 7   LYS A CB  1 
ATOM   60   C CG  . LYS A 1 7  ? -4.064  7.720   -15.451 1.00 31.51 ? 7   LYS A CG  1 
ATOM   61   C CD  . LYS A 1 7  ? -5.443  7.557   -16.070 1.00 33.66 ? 7   LYS A CD  1 
ATOM   62   C CE  . LYS A 1 7  ? -5.504  8.304   -17.406 1.00 44.54 ? 7   LYS A CE  1 
ATOM   63   N NZ  . LYS A 1 7  ? -6.746  8.002   -18.185 1.00 51.35 ? 7   LYS A NZ  1 
ATOM   64   N N   . ASP A 1 8  ? -2.583  8.542   -12.051 1.00 20.11 ? 8   ASP A N   1 
ATOM   65   C CA  . ASP A 1 8  ? -2.296  9.836   -11.443 1.00 22.05 ? 8   ASP A CA  1 
ATOM   66   C C   . ASP A 1 8  ? -0.796  10.064  -11.272 1.00 21.71 ? 8   ASP A C   1 
ATOM   67   O O   . ASP A 1 8  ? -0.277  11.142  -11.598 1.00 16.93 ? 8   ASP A O   1 
ATOM   68   C CB  . ASP A 1 8  ? -2.976  9.953   -10.083 1.00 17.70 ? 8   ASP A CB  1 
ATOM   69   C CG  . ASP A 1 8  ? -4.467  10.227  -10.191 1.00 30.53 ? 8   ASP A CG  1 
ATOM   70   O OD1 . ASP A 1 8  ? -4.925  10.559  -11.291 1.00 29.32 ? 8   ASP A OD1 1 
ATOM   71   O OD2 . ASP A 1 8  ? -5.180  10.113  -9.174  1.00 27.90 ? 8   ASP A OD2 1 
ATOM   72   N N   . ALA A 1 9  ? -0.106  9.059   -10.740 1.00 18.44 ? 9   ALA A N   1 
ATOM   73   C CA  . ALA A 1 9  ? 1.326   9.206   -10.484 1.00 20.77 ? 9   ALA A CA  1 
ATOM   74   C C   . ALA A 1 9  ? 2.085   9.380   -11.797 1.00 20.22 ? 9   ALA A C   1 
ATOM   75   O O   . ALA A 1 9  ? 3.060   10.141  -11.867 1.00 21.78 ? 9   ALA A O   1 
ATOM   76   C CB  . ALA A 1 9  ? 1.851   8.023   -9.694  1.00 20.01 ? 9   ALA A CB  1 
ATOM   77   N N   . ARG A 1 10 ? 1.646   8.682   -12.843 1.00 18.49 ? 10  ARG A N   1 
ATOM   78   C CA  . ARG A 1 10 ? 2.313   8.818   -14.126 1.00 19.61 ? 10  ARG A CA  1 
ATOM   79   C C   . ARG A 1 10 ? 2.046   10.209  -14.725 1.00 22.49 ? 10  ARG A C   1 
ATOM   80   O O   . ARG A 1 10 ? 2.973   10.873  -15.204 1.00 19.61 ? 10  ARG A O   1 
ATOM   81   C CB  . ARG A 1 10 ? 1.898   7.742   -15.120 1.00 23.52 ? 10  ARG A CB  1 
ATOM   82   C CG  . ARG A 1 10 ? 2.561   7.955   -16.496 1.00 20.25 ? 10  ARG A CG  1 
ATOM   83   C CD  . ARG A 1 10 ? 2.132   6.955   -17.566 1.00 21.88 ? 10  ARG A CD  1 
ATOM   84   N NE  . ARG A 1 10 ? 0.687   6.919   -17.857 1.00 23.50 ? 10  ARG A NE  1 
ATOM   85   C CZ  . ARG A 1 10 ? 0.043   7.785   -18.632 1.00 27.14 ? 10  ARG A CZ  1 
ATOM   86   N NH1 . ARG A 1 10 ? 0.689   8.819   -19.171 1.00 23.28 ? 10  ARG A NH1 1 
ATOM   87   N NH2 . ARG A 1 10 ? -1.260  7.629   -18.855 1.00 24.75 ? 10  ARG A NH2 1 
ATOM   88   N N   . LEU A 1 11 ? 0.794   10.657  -14.674 1.00 18.14 ? 11  LEU A N   1 
ATOM   89   C CA  . LEU A 1 11 ? 0.477   12.010  -15.151 1.00 22.29 ? 11  LEU A CA  1 
ATOM   90   C C   . LEU A 1 11 ? 1.252   13.074  -14.371 1.00 25.70 ? 11  LEU A C   1 
ATOM   91   O O   . LEU A 1 11 ? 1.702   14.085  -14.927 1.00 24.87 ? 11  LEU A O   1 
ATOM   92   C CB  . LEU A 1 11 ? -1.025  12.289  -15.083 1.00 22.70 ? 11  LEU A CB  1 
ATOM   93   C CG  . LEU A 1 11 ? -1.860  11.425  -16.049 1.00 24.01 ? 11  LEU A CG  1 
ATOM   94   C CD1 . LEU A 1 11 ? -3.358  11.647  -15.822 1.00 24.98 ? 11  LEU A CD1 1 
ATOM   95   C CD2 . LEU A 1 11 ? -1.484  11.689  -17.503 1.00 26.73 ? 11  LEU A CD2 1 
ATOM   96   N N   . ARG A 1 12 ? 1.428   12.841  -13.087 1.00 18.14 ? 12  ARG A N   1 
ATOM   97   C CA  . ARG A 1 12 ? 2.141   13.831  -12.279 1.00 24.68 ? 12  ARG A CA  1 
ATOM   98   C C   . ARG A 1 12 ? 3.613   13.865  -12.674 1.00 27.38 ? 12  ARG A C   1 
ATOM   99   O O   . ARG A 1 12 ? 4.226   14.924  -12.654 1.00 25.05 ? 12  ARG A O   1 
ATOM   100  C CB  . ARG A 1 12 ? 1.994   13.579  -10.777 1.00 24.74 ? 12  ARG A CB  1 
ATOM   101  C CG  . ARG A 1 12 ? 2.639   14.695  -9.950  1.00 29.51 ? 12  ARG A CG  1 
ATOM   102  C CD  . ARG A 1 12 ? 2.106   14.758  -8.528  1.00 39.57 ? 12  ARG A CD  1 
ATOM   103  N NE  . ARG A 1 12 ? 2.935   13.957  -7.646  1.00 47.95 ? 12  ARG A NE  1 
ATOM   104  C CZ  . ARG A 1 12 ? 3.702   14.436  -6.674  1.00 41.75 ? 12  ARG A CZ  1 
ATOM   105  N NH1 . ARG A 1 12 ? 3.749   15.735  -6.409  1.00 36.41 ? 12  ARG A NH1 1 
ATOM   106  N NH2 . ARG A 1 12 ? 4.421   13.590  -5.959  1.00 41.56 ? 12  ARG A NH2 1 
ATOM   107  N N   . ALA A 1 13 ? 4.170   12.710  -13.040 1.00 25.23 ? 13  ALA A N   1 
ATOM   108  C CA  . ALA A 1 13 ? 5.566   12.656  -13.497 1.00 26.46 ? 13  ALA A CA  1 
ATOM   109  C C   . ALA A 1 13 ? 5.712   13.306  -14.867 1.00 28.50 ? 13  ALA A C   1 
ATOM   110  O O   . ALA A 1 13 ? 6.792   13.751  -15.227 1.00 27.77 ? 13  ALA A O   1 
ATOM   111  C CB  . ALA A 1 13 ? 6.070   11.216  -13.542 1.00 20.09 ? 13  ALA A CB  1 
ATOM   112  N N   . GLY A 1 14 ? 4.614   13.339  -15.624 1.00 24.58 ? 14  GLY A N   1 
ATOM   113  C CA  . GLY A 1 14 ? 4.583   13.912  -16.963 1.00 27.90 ? 14  GLY A CA  1 
ATOM   114  C C   . GLY A 1 14 ? 5.157   13.032  -18.062 1.00 32.85 ? 14  GLY A C   1 
ATOM   115  O O   . GLY A 1 14 ? 5.641   13.538  -19.066 1.00 30.56 ? 14  GLY A O   1 
ATOM   116  N N   . ILE A 1 15 ? 5.119   11.716  -17.872 1.00 27.02 ? 15  ILE A N   1 
ATOM   117  C CA  . ILE A 1 15 ? 5.692   10.789  -18.851 1.00 24.22 ? 15  ILE A CA  1 
ATOM   118  C C   . ILE A 1 15 ? 4.633   9.891   -19.484 1.00 24.57 ? 15  ILE A C   1 
ATOM   119  O O   . ILE A 1 15 ? 3.588   9.620   -18.888 1.00 26.79 ? 15  ILE A O   1 
ATOM   120  C CB  . ILE A 1 15 ? 6.789   9.923   -18.220 1.00 27.72 ? 15  ILE A CB  1 
ATOM   121  C CG1 . ILE A 1 15 ? 6.191   8.931   -17.202 1.00 21.85 ? 15  ILE A CG1 1 
ATOM   122  C CG2 . ILE A 1 15 ? 7.819   10.814  -17.545 1.00 28.81 ? 15  ILE A CG2 1 
ATOM   123  C CD1 . ILE A 1 15 ? 7.248   8.028   -16.551 1.00 26.05 ? 15  ILE A CD1 1 
ATOM   124  N N   . SER A 1 16 ? 4.898   9.444   -20.704 1.00 26.21 ? 16  SER A N   1 
ATOM   125  C CA  . SER A 1 16 ? 3.941   8.624   -21.444 1.00 25.96 ? 16  SER A CA  1 
ATOM   126  C C   . SER A 1 16 ? 3.868   7.196   -20.894 1.00 24.78 ? 16  SER A C   1 
ATOM   127  O O   . SER A 1 16 ? 4.739   6.775   -20.130 1.00 19.15 ? 16  SER A O   1 
ATOM   128  C CB  . SER A 1 16 ? 4.369   8.559   -22.900 1.00 26.54 ? 16  SER A CB  1 
ATOM   129  O OG  . SER A 1 16 ? 5.638   7.929   -22.979 1.00 23.65 ? 16  SER A OG  1 
ATOM   130  N N   . GLN A 1 17 ? 2.846   6.449   -21.316 1.00 22.57 ? 17  GLN A N   1 
ATOM   131  C CA  . GLN A 1 17 ? 2.727   5.047   -20.931 1.00 27.12 ? 17  GLN A CA  1 
ATOM   132  C C   . GLN A 1 17 ? 3.961   4.270   -21.406 1.00 29.30 ? 17  GLN A C   1 
ATOM   133  O O   . GLN A 1 17 ? 4.499   3.418   -20.690 1.00 23.84 ? 17  GLN A O   1 
ATOM   134  C CB  . GLN A 1 17 ? 1.441   4.439   -21.516 1.00 27.49 ? 17  GLN A CB  1 
ATOM   135  C CG  . GLN A 1 17 ? 0.156   4.857   -20.793 1.00 27.10 ? 17  GLN A CG  1 
ATOM   136  C CD  . GLN A 1 17 ? -1.078  4.259   -21.440 1.00 32.76 ? 17  GLN A CD  1 
ATOM   137  O OE1 . GLN A 1 17 ? -1.061  3.938   -22.627 1.00 27.30 ? 17  GLN A OE1 1 
ATOM   138  N NE2 . GLN A 1 17 ? -2.151  4.088   -20.658 1.00 27.66 ? 17  GLN A NE2 1 
ATOM   139  N N   . GLU A 1 18 ? 4.426   4.572   -22.611 1.00 25.54 ? 18  GLU A N   1 
ATOM   140  C CA  . GLU A 1 18 ? 5.546   3.825   -23.179 1.00 30.27 ? 18  GLU A CA  1 
ATOM   141  C C   . GLU A 1 18 ? 6.818   4.095   -22.391 1.00 30.90 ? 18  GLU A C   1 
ATOM   142  O O   . GLU A 1 18 ? 7.571   3.173   -22.066 1.00 28.61 ? 18  GLU A O   1 
ATOM   143  C CB  . GLU A 1 18 ? 5.755   4.177   -24.662 1.00 31.95 ? 18  GLU A CB  1 
ATOM   144  C CG  . GLU A 1 18 ? 7.025   3.590   -25.266 1.00 35.64 ? 18  GLU A CG  1 
ATOM   145  C CD  . GLU A 1 18 ? 7.086   3.743   -26.787 1.00 46.75 ? 18  GLU A CD  1 
ATOM   146  O OE1 . GLU A 1 18 ? 8.090   4.287   -27.293 1.00 41.03 ? 18  GLU A OE1 1 
ATOM   147  O OE2 . GLU A 1 18 ? 6.135   3.307   -27.471 1.00 42.19 ? 18  GLU A OE2 1 
ATOM   148  N N   . LYS A 1 19 ? 7.049   5.361   -22.071 1.00 27.59 ? 19  LYS A N   1 
ATOM   149  C CA  . LYS A 1 19 ? 8.239   5.735   -21.313 1.00 30.36 ? 19  LYS A CA  1 
ATOM   150  C C   . LYS A 1 19 ? 8.251   5.142   -19.904 1.00 31.89 ? 19  LYS A C   1 
ATOM   151  O O   . LYS A 1 19 ? 9.303   4.739   -19.400 1.00 28.33 ? 19  LYS A O   1 
ATOM   152  C CB  . LYS A 1 19 ? 8.382   7.242   -21.229 1.00 23.48 ? 19  LYS A CB  1 
ATOM   153  C CG  . LYS A 1 19 ? 9.603   7.665   -20.461 1.00 34.39 ? 19  LYS A CG  1 
ATOM   154  C CD  . LYS A 1 19 ? 10.120  9.017   -20.930 1.00 49.11 ? 19  LYS A CD  1 
ATOM   155  C CE  . LYS A 1 19 ? 11.525  9.295   -20.402 1.00 55.90 ? 19  LYS A CE  1 
ATOM   156  N NZ  . LYS A 1 19 ? 12.099  10.552  -20.975 1.00 66.40 ? 19  LYS A NZ  1 
ATOM   157  N N   . LEU A 1 20 ? 7.088   5.098   -19.266 1.00 23.21 ? 20  LEU A N   1 
ATOM   158  C CA  . LEU A 1 20 ? 6.984   4.461   -17.957 1.00 23.07 ? 20  LEU A CA  1 
ATOM   159  C C   . LEU A 1 20 ? 7.313   2.969   -18.030 1.00 24.46 ? 20  LEU A C   1 
ATOM   160  O O   . LEU A 1 20 ? 8.092   2.449   -17.229 1.00 22.79 ? 20  LEU A O   1 
ATOM   161  C CB  . LEU A 1 20 ? 5.585   4.659   -17.371 1.00 23.93 ? 20  LEU A CB  1 
ATOM   162  C CG  . LEU A 1 20 ? 5.286   3.817   -16.126 1.00 26.91 ? 20  LEU A CG  1 
ATOM   163  C CD1 . LEU A 1 20 ? 6.304   4.061   -14.992 1.00 23.13 ? 20  LEU A CD1 1 
ATOM   164  C CD2 . LEU A 1 20 ? 3.880   4.131   -15.650 1.00 27.48 ? 20  LEU A CD2 1 
ATOM   165  N N   . GLY A 1 21 ? 6.696   2.277   -18.978 1.00 24.22 ? 21  GLY A N   1 
ATOM   166  C CA  . GLY A 1 21 ? 6.970   0.865   -19.178 1.00 28.03 ? 21  GLY A CA  1 
ATOM   167  C C   . GLY A 1 21 ? 8.446   0.626   -19.476 1.00 31.24 ? 21  GLY A C   1 
ATOM   168  O O   . GLY A 1 21 ? 9.076   -0.282  -18.918 1.00 31.46 ? 21  GLY A O   1 
ATOM   169  N N   . VAL A 1 22 ? 9.013   1.440   -20.356 1.00 26.26 ? 22  VAL A N   1 
ATOM   170  C CA  . VAL A 1 22 ? 10.421  1.273   -20.723 1.00 32.03 ? 22  VAL A CA  1 
ATOM   171  C C   . VAL A 1 22 ? 11.352  1.454   -19.518 1.00 35.52 ? 22  VAL A C   1 
ATOM   172  O O   . VAL A 1 22 ? 12.195  0.599   -19.243 1.00 31.49 ? 22  VAL A O   1 
ATOM   173  C CB  . VAL A 1 22 ? 10.850  2.202   -21.900 1.00 35.35 ? 22  VAL A CB  1 
ATOM   174  C CG1 . VAL A 1 22 ? 12.375  2.282   -21.983 1.00 36.70 ? 22  VAL A CG1 1 
ATOM   175  C CG2 . VAL A 1 22 ? 10.246  1.708   -23.234 1.00 31.84 ? 22  VAL A CG2 1 
ATOM   176  N N   . LEU A 1 23 ? 11.196  2.556   -18.784 1.00 30.88 ? 23  LEU A N   1 
ATOM   177  C CA  . LEU A 1 23 ? 12.003  2.758   -17.575 1.00 26.93 ? 23  LEU A CA  1 
ATOM   178  C C   . LEU A 1 23 ? 11.761  1.676   -16.538 1.00 34.09 ? 23  LEU A C   1 
ATOM   179  O O   . LEU A 1 23 ? 12.611  1.426   -15.679 1.00 30.29 ? 23  LEU A O   1 
ATOM   180  C CB  . LEU A 1 23 ? 11.721  4.115   -16.952 1.00 33.34 ? 23  LEU A CB  1 
ATOM   181  C CG  . LEU A 1 23 ? 12.023  5.292   -17.862 1.00 33.59 ? 23  LEU A CG  1 
ATOM   182  C CD1 . LEU A 1 23 ? 11.382  6.559   -17.315 1.00 32.90 ? 23  LEU A CD1 1 
ATOM   183  C CD2 . LEU A 1 23 ? 13.526  5.439   -17.994 1.00 37.33 ? 23  LEU A CD2 1 
ATOM   184  N N   . ALA A 1 24 ? 10.606  1.025   -16.608 1.00 30.02 ? 24  ALA A N   1 
ATOM   185  C CA  . ALA A 1 24 ? 10.328  -0.073  -15.682 1.00 30.28 ? 24  ALA A CA  1 
ATOM   186  C C   . ALA A 1 24 ? 10.916  -1.417  -16.153 1.00 36.54 ? 24  ALA A C   1 
ATOM   187  O O   . ALA A 1 24 ? 10.788  -2.428  -15.470 1.00 35.32 ? 24  ALA A O   1 
ATOM   188  C CB  . ALA A 1 24 ? 8.828   -0.200  -15.438 1.00 27.20 ? 24  ALA A CB  1 
ATOM   189  N N   . GLY A 1 25 ? 11.552  -1.426  -17.321 1.00 36.18 ? 25  GLY A N   1 
ATOM   190  C CA  . GLY A 1 25 ? 12.234  -2.621  -17.791 1.00 40.62 ? 25  GLY A CA  1 
ATOM   191  C C   . GLY A 1 25 ? 11.477  -3.471  -18.801 1.00 48.23 ? 25  GLY A C   1 
ATOM   192  O O   . GLY A 1 25 ? 11.902  -4.581  -19.125 1.00 49.68 ? 25  GLY A O   1 
ATOM   193  N N   . ILE A 1 26 ? 10.360  -2.959  -19.303 1.00 41.80 ? 26  ILE A N   1 
ATOM   194  C CA  . ILE A 1 26 ? 9.567   -3.690  -20.287 1.00 40.63 ? 26  ILE A CA  1 
ATOM   195  C C   . ILE A 1 26 ? 10.085  -3.417  -21.696 1.00 40.38 ? 26  ILE A C   1 
ATOM   196  O O   . ILE A 1 26 ? 10.457  -2.286  -22.002 1.00 35.72 ? 26  ILE A O   1 
ATOM   197  C CB  . ILE A 1 26 ? 8.061   -3.338  -20.149 1.00 40.11 ? 26  ILE A CB  1 
ATOM   198  C CG1 . ILE A 1 26 ? 7.558   -3.760  -18.764 1.00 36.64 ? 26  ILE A CG1 1 
ATOM   199  C CG2 . ILE A 1 26 ? 7.218   -4.003  -21.244 1.00 37.88 ? 26  ILE A CG2 1 
ATOM   200  C CD1 . ILE A 1 26 ? 6.127   -3.326  -18.467 1.00 41.84 ? 26  ILE A CD1 1 
ATOM   201  N N   . ASP A 1 27 ? 10.134  -4.458  -22.535 1.00 46.96 ? 27  ASP A N   1 
ATOM   202  C CA  . ASP A 1 27 ? 10.541  -4.333  -23.940 1.00 39.34 ? 27  ASP A CA  1 
ATOM   203  C C   . ASP A 1 27 ? 9.728   -3.218  -24.571 1.00 40.64 ? 27  ASP A C   1 
ATOM   204  O O   . ASP A 1 27 ? 8.497   -3.229  -24.507 1.00 43.90 ? 27  ASP A O   1 
ATOM   205  C CB  . ASP A 1 27 ? 10.322  -5.677  -24.676 1.00 51.58 ? 27  ASP A CB  1 
ATOM   206  C CG  . ASP A 1 27 ? 10.430  -5.565  -26.203 1.00 55.88 ? 27  ASP A CG  1 
ATOM   207  O OD1 . ASP A 1 27 ? 9.476   -6.010  -26.879 1.00 60.74 ? 27  ASP A OD1 1 
ATOM   208  O OD2 . ASP A 1 27 ? 11.443  -5.056  -26.738 1.00 43.87 ? 27  ASP A OD2 1 
ATOM   209  N N   . GLU A 1 28 ? 10.409  -2.242  -25.160 1.00 45.20 ? 28  GLU A N   1 
ATOM   210  C CA  . GLU A 1 28 ? 9.707   -1.063  -25.671 1.00 48.55 ? 28  GLU A CA  1 
ATOM   211  C C   . GLU A 1 28 ? 8.647   -1.393  -26.726 1.00 39.99 ? 28  GLU A C   1 
ATOM   212  O O   . GLU A 1 28 ? 7.693   -0.640  -26.927 1.00 38.65 ? 28  GLU A O   1 
ATOM   213  C CB  . GLU A 1 28 ? 10.690  -0.002  -26.174 1.00 52.01 ? 28  GLU A CB  1 
ATOM   214  C CG  . GLU A 1 28 ? 11.314  -0.274  -27.520 1.00 60.52 ? 28  GLU A CG  1 
ATOM   215  C CD  . GLU A 1 28 ? 12.200  0.876   -27.987 1.00 65.34 ? 28  GLU A CD  1 
ATOM   216  O OE1 . GLU A 1 28 ? 13.190  1.194   -27.292 1.00 65.53 ? 28  GLU A OE1 1 
ATOM   217  O OE2 . GLU A 1 28 ? 11.901  1.462   -29.049 1.00 57.30 ? 28  GLU A OE2 1 
ATOM   218  N N   . ALA A 1 29 ? 8.807   -2.530  -27.394 1.00 49.33 ? 29  ALA A N   1 
ATOM   219  C CA  . ALA A 1 29 ? 7.797   -2.986  -28.342 1.00 40.92 ? 29  ALA A CA  1 
ATOM   220  C C   . ALA A 1 29 ? 6.451   -3.235  -27.657 1.00 41.95 ? 29  ALA A C   1 
ATOM   221  O O   . ALA A 1 29 ? 5.399   -3.078  -28.272 1.00 41.63 ? 29  ALA A O   1 
ATOM   222  C CB  . ALA A 1 29 ? 8.267   -4.236  -29.050 1.00 45.91 ? 29  ALA A CB  1 
ATOM   223  N N   . SER A 1 30 ? 6.495   -3.613  -26.379 1.00 31.29 ? 30  SER A N   1 
ATOM   224  C CA  . SER A 1 30 ? 5.295   -3.963  -25.631 1.00 35.27 ? 30  SER A CA  1 
ATOM   225  C C   . SER A 1 30 ? 5.003   -2.959  -24.513 1.00 36.11 ? 30  SER A C   1 
ATOM   226  O O   . SER A 1 30 ? 3.976   -3.063  -23.843 1.00 30.50 ? 30  SER A O   1 
ATOM   227  C CB  . SER A 1 30 ? 5.470   -5.350  -24.991 1.00 45.37 ? 30  SER A CB  1 
ATOM   228  O OG  . SER A 1 30 ? 6.178   -6.242  -25.841 1.00 58.94 ? 30  SER A OG  1 
ATOM   229  N N   . ALA A 1 31 ? 5.915   -2.012  -24.297 1.00 27.34 ? 31  ALA A N   1 
ATOM   230  C CA  . ALA A 1 31 ? 5.847   -1.119  -23.132 1.00 30.80 ? 31  ALA A CA  1 
ATOM   231  C C   . ALA A 1 31 ? 4.500   -0.425  -22.960 1.00 32.77 ? 31  ALA A C   1 
ATOM   232  O O   . ALA A 1 31 ? 3.837   -0.631  -21.943 1.00 25.01 ? 31  ALA A O   1 
ATOM   233  C CB  . ALA A 1 31 ? 6.968   -0.094  -23.166 1.00 28.68 ? 31  ALA A CB  1 
ATOM   234  N N   . SER A 1 32 ? 4.095   0.387   -23.938 1.00 26.50 ? 32  SER A N   1 
ATOM   235  C CA  . SER A 1 32 ? 2.840   1.125   -23.799 1.00 31.91 ? 32  SER A CA  1 
ATOM   236  C C   . SER A 1 32 ? 1.614   0.219   -23.617 1.00 33.96 ? 32  SER A C   1 
ATOM   237  O O   . SER A 1 32 ? 0.772   0.503   -22.779 1.00 32.56 ? 32  SER A O   1 
ATOM   238  C CB  . SER A 1 32 ? 2.632   2.148   -24.936 1.00 35.12 ? 32  SER A CB  1 
ATOM   239  O OG  . SER A 1 32 ? 2.505   1.529   -26.199 1.00 45.28 ? 32  SER A OG  1 
ATOM   240  N N   . ALA A 1 33 ? 1.520   -0.860  -24.389 1.00 30.86 ? 33  ALA A N   1 
ATOM   241  C CA  . ALA A 1 33 ? 0.390   -1.788  -24.251 1.00 33.09 ? 33  ALA A CA  1 
ATOM   242  C C   . ALA A 1 33 ? 0.317   -2.367  -22.839 1.00 32.67 ? 33  ALA A C   1 
ATOM   243  O O   . ALA A 1 33 ? -0.753  -2.453  -22.232 1.00 31.61 ? 33  ALA A O   1 
ATOM   244  C CB  . ALA A 1 33 ? 0.483   -2.911  -25.282 1.00 41.17 ? 33  ALA A CB  1 
ATOM   245  N N   . ARG A 1 34 ? 1.469   -2.753  -22.314 1.00 28.61 ? 34  ARG A N   1 
ATOM   246  C CA  . ARG A 1 34 ? 1.533   -3.336  -20.979 1.00 37.75 ? 34  ARG A CA  1 
ATOM   247  C C   . ARG A 1 34 ? 1.101   -2.317  -19.921 1.00 33.86 ? 34  ARG A C   1 
ATOM   248  O O   . ARG A 1 34 ? 0.348   -2.635  -19.005 1.00 24.44 ? 34  ARG A O   1 
ATOM   249  C CB  . ARG A 1 34 ? 2.950   -3.830  -20.702 1.00 38.71 ? 34  ARG A CB  1 
ATOM   250  C CG  . ARG A 1 34 ? 3.057   -4.853  -19.577 1.00 58.42 ? 34  ARG A CG  1 
ATOM   251  C CD  . ARG A 1 34 ? 2.179   -6.077  -19.823 1.00 56.67 ? 34  ARG A CD  1 
ATOM   252  N NE  . ARG A 1 34 ? 2.029   -6.394  -21.241 1.00 55.25 ? 34  ARG A NE  1 
ATOM   253  C CZ  . ARG A 1 34 ? 2.890   -7.116  -21.950 1.00 61.15 ? 34  ARG A CZ  1 
ATOM   254  N NH1 . ARG A 1 34 ? 3.989   -7.595  -21.381 1.00 64.96 ? 34  ARG A NH1 1 
ATOM   255  N NH2 . ARG A 1 34 ? 2.655   -7.355  -23.235 1.00 55.50 ? 34  ARG A NH2 1 
ATOM   256  N N   . MET A 1 35 ? 1.571   -1.082  -20.061 1.00 28.48 ? 35  MET A N   1 
ATOM   257  C CA  . MET A 1 35 ? 1.194   -0.046  -19.113 1.00 29.86 ? 35  MET A CA  1 
ATOM   258  C C   . MET A 1 35 ? -0.278  0.267   -19.241 1.00 28.94 ? 35  MET A C   1 
ATOM   259  O O   . MET A 1 35 ? -0.966  0.446   -18.231 1.00 27.88 ? 35  MET A O   1 
ATOM   260  C CB  . MET A 1 35 ? 2.036   1.219   -19.292 1.00 26.54 ? 35  MET A CB  1 
ATOM   261  C CG  . MET A 1 35 ? 3.485   1.055   -18.871 1.00 27.87 ? 35  MET A CG  1 
ATOM   262  S SD  . MET A 1 35 ? 3.687   0.299   -17.235 1.00 27.57 ? 35  MET A SD  1 
ATOM   263  C CE  . MET A 1 35 ? 2.418   1.192   -16.333 1.00 34.18 ? 35  MET A CE  1 
ATOM   264  N N   . ASN A 1 36 ? -0.772  0.313   -20.476 1.00 25.61 ? 36  ASN A N   1 
ATOM   265  C CA  . ASN A 1 36 ? -2.177  0.627   -20.687 1.00 28.38 ? 36  ASN A CA  1 
ATOM   266  C C   . ASN A 1 36 ? -3.053  -0.449  -20.056 1.00 34.99 ? 36  ASN A C   1 
ATOM   267  O O   . ASN A 1 36 ? -4.083  -0.155  -19.446 1.00 29.20 ? 36  ASN A O   1 
ATOM   268  C CB  . ASN A 1 36 ? -2.498  0.808   -22.174 1.00 28.31 ? 36  ASN A CB  1 
ATOM   269  C CG  . ASN A 1 36 ? -3.864  1.432   -22.398 1.00 39.46 ? 36  ASN A CG  1 
ATOM   270  O OD1 . ASN A 1 36 ? -4.173  2.489   -21.841 1.00 29.91 ? 36  ASN A OD1 1 
ATOM   271  N ND2 . ASN A 1 36 ? -4.689  0.782   -23.211 1.00 35.53 ? 36  ASN A ND2 1 
ATOM   272  N N   . GLN A 1 37 ? -2.620  -1.699  -20.183 1.00 24.23 ? 37  GLN A N   1 
ATOM   273  C CA  . GLN A 1 37 ? -3.336  -2.810  -19.578 1.00 27.80 ? 37  GLN A CA  1 
ATOM   274  C C   . GLN A 1 37 ? -3.436  -2.656  -18.055 1.00 29.86 ? 37  GLN A C   1 
ATOM   275  O O   . GLN A 1 37 ? -4.486  -2.908  -17.459 1.00 28.98 ? 37  GLN A O   1 
ATOM   276  C CB  . GLN A 1 37 ? -2.646  -4.129  -19.944 1.00 33.47 ? 37  GLN A CB  1 
ATOM   277  C CG  . GLN A 1 37 ? -2.825  -4.514  -21.414 1.00 34.22 ? 37  GLN A CG  1 
ATOM   278  C CD  . GLN A 1 37 ? -1.756  -5.482  -21.917 1.00 43.14 ? 37  GLN A CD  1 
ATOM   279  O OE1 . GLN A 1 37 ? -1.574  -5.652  -23.123 1.00 50.89 ? 37  GLN A OE1 1 
ATOM   280  N NE2 . GLN A 1 37 ? -1.053  -6.116  -20.999 1.00 37.72 ? 37  GLN A NE2 1 
ATOM   281  N N   . TYR A 1 38 ? -2.332  -2.273  -17.425 1.00 25.13 ? 38  TYR A N   1 
ATOM   282  C CA  . TYR A 1 38 ? -2.325  -2.023  -15.981 1.00 30.84 ? 38  TYR A CA  1 
ATOM   283  C C   . TYR A 1 38 ? -3.274  -0.878  -15.647 1.00 26.57 ? 38  TYR A C   1 
ATOM   284  O O   . TYR A 1 38 ? -4.067  -0.961  -14.706 1.00 30.50 ? 38  TYR A O   1 
ATOM   285  C CB  . TYR A 1 38 ? -0.919  -1.657  -15.484 1.00 26.99 ? 38  TYR A CB  1 
ATOM   286  C CG  . TYR A 1 38 ? 0.075   -2.797  -15.455 1.00 31.45 ? 38  TYR A CG  1 
ATOM   287  C CD1 . TYR A 1 38 ? -0.345  -4.114  -15.291 1.00 26.83 ? 38  TYR A CD1 1 
ATOM   288  C CD2 . TYR A 1 38 ? 1.438   -2.551  -15.577 1.00 24.14 ? 38  TYR A CD2 1 
ATOM   289  C CE1 . TYR A 1 38 ? 0.559   -5.143  -15.261 1.00 31.46 ? 38  TYR A CE1 1 
ATOM   290  C CE2 . TYR A 1 38 ? 2.343   -3.565  -15.555 1.00 34.37 ? 38  TYR A CE2 1 
ATOM   291  C CZ  . TYR A 1 38 ? 1.905   -4.863  -15.392 1.00 31.53 ? 38  TYR A CZ  1 
ATOM   292  O OH  . TYR A 1 38 ? 2.821   -5.873  -15.349 1.00 36.74 ? 38  TYR A OH  1 
ATOM   293  N N   . GLU A 1 39 ? -3.181  0.200   -16.415 1.00 27.00 ? 39  GLU A N   1 
ATOM   294  C CA  . GLU A 1 39 ? -3.981  1.399   -16.146 1.00 26.18 ? 39  GLU A CA  1 
ATOM   295  C C   . GLU A 1 39 ? -5.474  1.227   -16.446 1.00 29.00 ? 39  GLU A C   1 
ATOM   296  O O   . GLU A 1 39 ? -6.308  1.986   -15.942 1.00 30.16 ? 39  GLU A O   1 
ATOM   297  C CB  . GLU A 1 39 ? -3.421  2.621   -16.904 1.00 24.69 ? 39  GLU A CB  1 
ATOM   298  C CG  . GLU A 1 39 ? -2.094  3.124   -16.351 1.00 25.19 ? 39  GLU A CG  1 
ATOM   299  C CD  . GLU A 1 39 ? -1.650  4.445   -16.961 1.00 32.98 ? 39  GLU A CD  1 
ATOM   300  O OE1 . GLU A 1 39 ? -2.273  4.884   -17.951 1.00 27.61 ? 39  GLU A OE1 1 
ATOM   301  O OE2 . GLU A 1 39 ? -0.663  5.035   -16.465 1.00 26.94 ? 39  GLU A OE2 1 
ATOM   302  N N   . LYS A 1 40 ? -5.813  0.256   -17.284 1.00 25.19 ? 40  LYS A N   1 
ATOM   303  C CA  . LYS A 1 40 ? -7.211  0.004   -17.610 1.00 25.13 ? 40  LYS A CA  1 
ATOM   304  C C   . LYS A 1 40 ? -7.775  -1.111  -16.744 1.00 32.52 ? 40  LYS A C   1 
ATOM   305  O O   . LYS A 1 40 ? -8.975  -1.378  -16.761 1.00 35.93 ? 40  LYS A O   1 
ATOM   306  C CB  . LYS A 1 40 ? -7.362  -0.348  -19.097 1.00 31.59 ? 40  LYS A CB  1 
ATOM   307  C CG  . LYS A 1 40 ? -7.014  0.796   -20.025 1.00 34.93 ? 40  LYS A CG  1 
ATOM   308  C CD  . LYS A 1 40 ? -7.846  2.024   -19.704 1.00 40.81 ? 40  LYS A CD  1 
ATOM   309  C CE  . LYS A 1 40 ? -7.252  3.279   -20.320 1.00 50.25 ? 40  LYS A CE  1 
ATOM   310  N NZ  . LYS A 1 40 ? -6.964  3.098   -21.757 1.00 48.94 ? 40  LYS A NZ  1 
ATOM   311  N N   . GLY A 1 41 ? -6.902  -1.772  -15.997 1.00 30.64 ? 41  GLY A N   1 
ATOM   312  C CA  . GLY A 1 41 ? -7.329  -2.797  -15.062 1.00 33.70 ? 41  GLY A CA  1 
ATOM   313  C C   . GLY A 1 41 ? -7.445  -4.185  -15.669 1.00 43.14 ? 41  GLY A C   1 
ATOM   314  O O   . GLY A 1 41 ? -8.005  -5.087  -15.043 1.00 37.27 ? 41  GLY A O   1 
ATOM   315  N N   . LYS A 1 42 ? -6.914  -4.358  -16.881 1.00 35.27 ? 42  LYS A N   1 
ATOM   316  C CA  . LYS A 1 42 ? -6.930  -5.662  -17.556 1.00 45.59 ? 42  LYS A CA  1 
ATOM   317  C C   . LYS A 1 42 ? -6.008  -6.680  -16.890 1.00 49.48 ? 42  LYS A C   1 
ATOM   318  O O   . LYS A 1 42 ? -6.353  -7.854  -16.754 1.00 41.13 ? 42  LYS A O   1 
ATOM   319  C CB  . LYS A 1 42 ? -6.567  -5.520  -19.037 1.00 46.13 ? 42  LYS A CB  1 
ATOM   320  C CG  . LYS A 1 42 ? -7.748  -5.144  -19.931 1.00 64.15 ? 42  LYS A CG  1 
ATOM   321  C CD  . LYS A 1 42 ? -8.846  -6.209  -19.871 1.00 64.22 ? 42  LYS A CD  1 
ATOM   322  C CE  . LYS A 1 42 ? -10.060 -5.851  -20.728 1.00 68.92 ? 42  LYS A CE  1 
ATOM   323  N NZ  . LYS A 1 42 ? -11.099 -6.933  -20.698 1.00 62.04 ? 42  LYS A NZ  1 
ATOM   324  N N   . HIS A 1 43 ? -4.823  -6.230  -16.493 1.00 36.13 ? 43  HIS A N   1 
ATOM   325  C CA  . HIS A 1 43 ? -3.926  -7.058  -15.701 1.00 37.08 ? 43  HIS A CA  1 
ATOM   326  C C   . HIS A 1 43 ? -3.504  -6.285  -14.463 1.00 40.50 ? 43  HIS A C   1 
ATOM   327  O O   . HIS A 1 43 ? -3.501  -5.055  -14.467 1.00 32.43 ? 43  HIS A O   1 
ATOM   328  C CB  . HIS A 1 43 ? -2.685  -7.457  -16.510 1.00 41.27 ? 43  HIS A CB  1 
ATOM   329  C CG  . HIS A 1 43 ? -2.994  -8.209  -17.766 1.00 54.51 ? 43  HIS A CG  1 
ATOM   330  N ND1 . HIS A 1 43 ? -3.682  -9.408  -17.769 1.00 49.67 ? 43  HIS A ND1 1 
ATOM   331  C CD2 . HIS A 1 43 ? -2.714  -7.937  -19.061 1.00 52.79 ? 43  HIS A CD2 1 
ATOM   332  C CE1 . HIS A 1 43 ? -3.811  -9.835  -19.011 1.00 52.84 ? 43  HIS A CE1 1 
ATOM   333  N NE2 . HIS A 1 43 ? -3.231  -8.961  -19.816 1.00 59.16 ? 43  HIS A NE2 1 
ATOM   334  N N   . ALA A 1 44 ? -3.168  -7.007  -13.403 1.00 39.96 ? 44  ALA A N   1 
ATOM   335  C CA  . ALA A 1 44 ? -2.585  -6.397  -12.212 1.00 41.04 ? 44  ALA A CA  1 
ATOM   336  C C   . ALA A 1 44 ? -1.113  -6.747  -12.160 1.00 39.77 ? 44  ALA A C   1 
ATOM   337  O O   . ALA A 1 44 ? -0.750  -7.911  -12.358 1.00 38.23 ? 44  ALA A O   1 
ATOM   338  C CB  . ALA A 1 44 ? -3.283  -6.893  -10.954 1.00 39.28 ? 44  ALA A CB  1 
ATOM   339  N N   . PRO A 1 45 ? -0.256  -5.748  -11.890 1.00 35.38 ? 45  PRO A N   1 
ATOM   340  C CA  . PRO A 1 45 ? 1.168   -6.053  -11.728 1.00 33.94 ? 45  PRO A CA  1 
ATOM   341  C C   . PRO A 1 45 ? 1.344   -6.870  -10.460 1.00 38.59 ? 45  PRO A C   1 
ATOM   342  O O   . PRO A 1 45 ? 0.512   -6.740  -9.567  1.00 28.11 ? 45  PRO A O   1 
ATOM   343  C CB  . PRO A 1 45 ? 1.810   -4.678  -11.515 1.00 32.15 ? 45  PRO A CB  1 
ATOM   344  C CG  . PRO A 1 45 ? 0.738   -3.662  -11.826 1.00 40.86 ? 45  PRO A CG  1 
ATOM   345  C CD  . PRO A 1 45 ? -0.566  -4.344  -11.579 1.00 35.84 ? 45  PRO A CD  1 
ATOM   346  N N   . ASP A 1 46 ? 2.390   -7.684  -10.360 1.00 30.74 ? 46  ASP A N   1 
ATOM   347  C CA  . ASP A 1 46 ? 2.701   -8.266  -9.061  1.00 35.83 ? 46  ASP A CA  1 
ATOM   348  C C   . ASP A 1 46 ? 3.493   -7.240  -8.244  1.00 32.73 ? 46  ASP A C   1 
ATOM   349  O O   . ASP A 1 46 ? 3.900   -6.209  -8.770  1.00 33.20 ? 46  ASP A O   1 
ATOM   350  C CB  . ASP A 1 46 ? 3.424   -9.612  -9.190  1.00 40.39 ? 46  ASP A CB  1 
ATOM   351  C CG  . ASP A 1 46 ? 4.768   -9.506  -9.897  1.00 44.21 ? 46  ASP A CG  1 
ATOM   352  O OD1 . ASP A 1 46 ? 5.202   -10.533 -10.457 1.00 51.31 ? 46  ASP A OD1 1 
ATOM   353  O OD2 . ASP A 1 46 ? 5.403   -8.429  -9.889  1.00 39.74 ? 46  ASP A OD2 1 
ATOM   354  N N   . PHE A 1 47 ? 3.685   -7.511  -6.962  1.00 31.71 ? 47  PHE A N   1 
ATOM   355  C CA  . PHE A 1 47 ? 4.262   -6.523  -6.051  1.00 32.20 ? 47  PHE A CA  1 
ATOM   356  C C   . PHE A 1 47 ? 5.655   -6.098  -6.514  1.00 36.38 ? 47  PHE A C   1 
ATOM   357  O O   . PHE A 1 47 ? 6.061   -4.952  -6.344  1.00 27.39 ? 47  PHE A O   1 
ATOM   358  C CB  . PHE A 1 47 ? 4.306   -7.073  -4.610  1.00 30.42 ? 47  PHE A CB  1 
ATOM   359  C CG  . PHE A 1 47 ? 4.619   -6.028  -3.557  1.00 34.11 ? 47  PHE A CG  1 
ATOM   360  C CD1 . PHE A 1 47 ? 3.978   -4.794  -3.566  1.00 31.83 ? 47  PHE A CD1 1 
ATOM   361  C CD2 . PHE A 1 47 ? 5.537   -6.286  -2.554  1.00 33.63 ? 47  PHE A CD2 1 
ATOM   362  C CE1 . PHE A 1 47 ? 4.255   -3.826  -2.591  1.00 28.46 ? 47  PHE A CE1 1 
ATOM   363  C CE2 . PHE A 1 47 ? 5.823   -5.329  -1.576  1.00 32.97 ? 47  PHE A CE2 1 
ATOM   364  C CZ  . PHE A 1 47 ? 5.180   -4.094  -1.600  1.00 29.65 ? 47  PHE A CZ  1 
ATOM   365  N N   . GLU A 1 48 ? 6.394   -7.035  -7.096  1.00 29.33 ? 48  GLU A N   1 
ATOM   366  C CA  . GLU A 1 48 ? 7.733   -6.729  -7.564  1.00 34.34 ? 48  GLU A CA  1 
ATOM   367  C C   . GLU A 1 48 ? 7.671   -5.690  -8.701  1.00 32.95 ? 48  GLU A C   1 
ATOM   368  O O   . GLU A 1 48 ? 8.462   -4.746  -8.722  1.00 28.64 ? 48  GLU A O   1 
ATOM   369  C CB  . GLU A 1 48 ? 8.454   -8.003  -8.013  1.00 36.72 ? 48  GLU A CB  1 
ATOM   370  C CG  . GLU A 1 48 ? 8.650   -9.061  -6.909  1.00 54.02 ? 48  GLU A CG  1 
ATOM   371  C CD  . GLU A 1 48 ? 7.370   -9.417  -6.125  1.00 58.44 ? 48  GLU A CD  1 
ATOM   372  O OE1 . GLU A 1 48 ? 6.354   -9.855  -6.727  1.00 38.70 ? 48  GLU A OE1 1 
ATOM   373  O OE2 . GLU A 1 48 ? 7.395   -9.270  -4.881  1.00 65.27 ? 48  GLU A OE2 1 
ATOM   374  N N   . MET A 1 49 ? 6.728   -5.867  -9.626  1.00 25.95 ? 49  MET A N   1 
ATOM   375  C CA  . MET A 1 49 ? 6.569   -4.941  -10.741 1.00 24.89 ? 49  MET A CA  1 
ATOM   376  C C   . MET A 1 49 ? 6.045   -3.595  -10.235 1.00 29.76 ? 49  MET A C   1 
ATOM   377  O O   . MET A 1 49 ? 6.472   -2.524  -10.693 1.00 27.54 ? 49  MET A O   1 
ATOM   378  C CB  . MET A 1 49 ? 5.607   -5.514  -11.791 1.00 25.58 ? 49  MET A CB  1 
ATOM   379  C CG  . MET A 1 49 ? 5.213   -4.517  -12.895 1.00 36.57 ? 49  MET A CG  1 
ATOM   380  S SD  . MET A 1 49 ? 6.605   -3.951  -13.900 1.00 37.41 ? 49  MET A SD  1 
ATOM   381  C CE  . MET A 1 49 ? 6.956   -5.411  -14.874 1.00 45.37 ? 49  MET A CE  1 
ATOM   382  N N   . ALA A 1 50 ? 5.108   -3.646  -9.301  1.00 25.11 ? 50  ALA A N   1 
ATOM   383  C CA  . ALA A 1 50 ? 4.588   -2.411  -8.732  1.00 28.65 ? 50  ALA A CA  1 
ATOM   384  C C   . ALA A 1 50 ? 5.721   -1.616  -8.081  1.00 24.61 ? 50  ALA A C   1 
ATOM   385  O O   . ALA A 1 50 ? 5.787   -0.399  -8.231  1.00 23.95 ? 50  ALA A O   1 
ATOM   386  C CB  . ALA A 1 50 ? 3.495   -2.688  -7.746  1.00 22.72 ? 50  ALA A CB  1 
ATOM   387  N N   . ASN A 1 51 ? 6.616   -2.302  -7.377  1.00 19.31 ? 51  ASN A N   1 
ATOM   388  C CA  . ASN A 1 51 ? 7.796   -1.631  -6.816  1.00 22.41 ? 51  ASN A CA  1 
ATOM   389  C C   . ASN A 1 51 ? 8.680   -0.981  -7.855  1.00 30.34 ? 51  ASN A C   1 
ATOM   390  O O   . ASN A 1 51 ? 9.258   0.086   -7.614  1.00 26.39 ? 51  ASN A O   1 
ATOM   391  C CB  . ASN A 1 51 ? 8.631   -2.602  -5.989  1.00 26.80 ? 51  ASN A CB  1 
ATOM   392  C CG  . ASN A 1 51 ? 8.179   -2.662  -4.567  1.00 38.93 ? 51  ASN A CG  1 
ATOM   393  O OD1 . ASN A 1 51 ? 8.534   -1.802  -3.754  1.00 33.74 ? 51  ASN A OD1 1 
ATOM   394  N ND2 . ASN A 1 51 ? 7.361   -3.654  -4.254  1.00 32.33 ? 51  ASN A ND2 1 
ATOM   395  N N   . ARG A 1 52 ? 8.829   -1.644  -9.002  1.00 26.85 ? 52  ARG A N   1 
ATOM   396  C CA  . ARG A 1 52 ? 9.586   -1.036  -10.086 1.00 30.82 ? 52  ARG A CA  1 
ATOM   397  C C   . ARG A 1 52 ? 8.884   0.217   -10.589 1.00 25.31 ? 52  ARG A C   1 
ATOM   398  O O   . ARG A 1 52 ? 9.529   1.228   -10.817 1.00 24.19 ? 52  ARG A O   1 
ATOM   399  C CB  . ARG A 1 52 ? 9.796   -2.011  -11.241 1.00 32.14 ? 52  ARG A CB  1 
ATOM   400  C CG  . ARG A 1 52 ? 11.085  -2.799  -11.126 1.00 38.31 ? 52  ARG A CG  1 
ATOM   401  C CD  . ARG A 1 52 ? 11.336  -3.618  -12.382 1.00 49.28 ? 52  ARG A CD  1 
ATOM   402  N NE  . ARG A 1 52 ? 10.457  -4.777  -12.458 1.00 49.73 ? 52  ARG A NE  1 
ATOM   403  C CZ  . ARG A 1 52 ? 10.348  -5.562  -13.524 1.00 63.96 ? 52  ARG A CZ  1 
ATOM   404  N NH1 . ARG A 1 52 ? 11.057  -5.301  -14.618 1.00 62.11 ? 52  ARG A NH1 1 
ATOM   405  N NH2 . ARG A 1 52 ? 9.527   -6.603  -13.499 1.00 61.88 ? 52  ARG A NH2 1 
ATOM   406  N N   . LEU A 1 53 ? 7.567   0.147   -10.760 1.00 21.73 ? 53  LEU A N   1 
ATOM   407  C CA  . LEU A 1 53 ? 6.823   1.304   -11.276 1.00 22.36 ? 53  LEU A CA  1 
ATOM   408  C C   . LEU A 1 53 ? 6.940   2.474   -10.311 1.00 23.23 ? 53  LEU A C   1 
ATOM   409  O O   . LEU A 1 53 ? 7.163   3.620   -10.727 1.00 22.38 ? 53  LEU A O   1 
ATOM   410  C CB  . LEU A 1 53 ? 5.355   0.949   -11.501 1.00 21.33 ? 53  LEU A CB  1 
ATOM   411  C CG  . LEU A 1 53 ? 5.114   -0.147  -12.537 1.00 24.04 ? 53  LEU A CG  1 
ATOM   412  C CD1 . LEU A 1 53 ? 3.659   -0.598  -12.505 1.00 22.33 ? 53  LEU A CD1 1 
ATOM   413  C CD2 . LEU A 1 53 ? 5.512   0.335   -13.923 1.00 23.02 ? 53  LEU A CD2 1 
ATOM   414  N N   . ALA A 1 54 ? 6.813   2.171   -9.025  1.00 20.25 ? 54  ALA A N   1 
ATOM   415  C CA  . ALA A 1 54 ? 6.864   3.192   -7.973  1.00 22.91 ? 54  ALA A CA  1 
ATOM   416  C C   . ALA A 1 54 ? 8.231   3.865   -7.922  1.00 24.52 ? 54  ALA A C   1 
ATOM   417  O O   . ALA A 1 54 ? 8.336   5.049   -7.625  1.00 24.63 ? 54  ALA A O   1 
ATOM   418  C CB  . ALA A 1 54 ? 6.541   2.583   -6.637  1.00 20.85 ? 54  ALA A CB  1 
ATOM   419  N N   . LYS A 1 55 ? 9.283   3.090   -8.187  1.00 21.47 ? 55  LYS A N   1 
ATOM   420  C CA  . LYS A 1 55 ? 10.631  3.633   -8.203  1.00 21.42 ? 55  LYS A CA  1 
ATOM   421  C C   . LYS A 1 55 ? 10.775  4.594   -9.359  1.00 19.97 ? 55  LYS A C   1 
ATOM   422  O O   . LYS A 1 55 ? 11.320  5.666   -9.208  1.00 23.71 ? 55  LYS A O   1 
ATOM   423  C CB  . LYS A 1 55 ? 11.658  2.505   -8.340  1.00 35.35 ? 55  LYS A CB  1 
ATOM   424  C CG  . LYS A 1 55 ? 13.089  2.939   -8.057  1.00 47.04 ? 55  LYS A CG  1 
ATOM   425  C CD  . LYS A 1 55 ? 14.113  1.962   -8.642  1.00 54.04 ? 55  LYS A CD  1 
ATOM   426  C CE  . LYS A 1 55 ? 14.279  2.149   -10.154 1.00 56.71 ? 55  LYS A CE  1 
ATOM   427  N NZ  . LYS A 1 55 ? 14.840  3.487   -10.520 1.00 52.86 ? 55  LYS A NZ  1 
ATOM   428  N N   . VAL A 1 56 ? 10.288  4.200   -10.527 1.00 22.13 ? 56  VAL A N   1 
ATOM   429  C CA  . VAL A 1 56 ? 10.344  5.088   -11.685 1.00 29.29 ? 56  VAL A CA  1 
ATOM   430  C C   . VAL A 1 56 ? 9.534   6.367   -11.439 1.00 28.23 ? 56  VAL A C   1 
ATOM   431  O O   . VAL A 1 56 ? 9.947   7.454   -11.830 1.00 21.07 ? 56  VAL A O   1 
ATOM   432  C CB  . VAL A 1 56 ? 9.834   4.383   -12.953 1.00 27.19 ? 56  VAL A CB  1 
ATOM   433  C CG1 . VAL A 1 56 ? 9.772   5.357   -14.135 1.00 25.45 ? 56  VAL A CG1 1 
ATOM   434  C CG2 . VAL A 1 56 ? 10.721  3.168   -13.273 1.00 30.88 ? 56  VAL A CG2 1 
ATOM   435  N N   . LEU A 1 57 ? 8.384   6.225   -10.785 1.00 20.25 ? 57  LEU A N   1 
ATOM   436  C CA  . LEU A 1 57 ? 7.481   7.351   -10.555 1.00 23.61 ? 57  LEU A CA  1 
ATOM   437  C C   . LEU A 1 57 ? 7.818   8.162   -9.306  1.00 26.00 ? 57  LEU A C   1 
ATOM   438  O O   . LEU A 1 57 ? 7.110   9.133   -8.980  1.00 23.69 ? 57  LEU A O   1 
ATOM   439  C CB  . LEU A 1 57 ? 6.036   6.857   -10.477 1.00 17.19 ? 57  LEU A CB  1 
ATOM   440  C CG  . LEU A 1 57 ? 5.507   6.368   -11.830 1.00 20.59 ? 57  LEU A CG  1 
ATOM   441  C CD1 . LEU A 1 57 ? 4.113   5.722   -11.680 1.00 20.82 ? 57  LEU A CD1 1 
ATOM   442  C CD2 . LEU A 1 57 ? 5.500   7.515   -12.839 1.00 19.89 ? 57  LEU A CD2 1 
ATOM   443  N N   . LYS A 1 58 ? 8.887   7.758   -8.623  1.00 19.67 ? 58  LYS A N   1 
ATOM   444  C CA  . LYS A 1 58 ? 9.367   8.417   -7.402  1.00 25.35 ? 58  LYS A CA  1 
ATOM   445  C C   . LYS A 1 58 ? 8.267   8.560   -6.347  1.00 31.07 ? 58  LYS A C   1 
ATOM   446  O O   . LYS A 1 58 ? 8.069   9.629   -5.794  1.00 24.28 ? 58  LYS A O   1 
ATOM   447  C CB  . LYS A 1 58 ? 10.004  9.782   -7.718  1.00 26.96 ? 58  LYS A CB  1 
ATOM   448  C CG  . LYS A 1 58 ? 11.244  9.738   -8.646  1.00 25.08 ? 58  LYS A CG  1 
ATOM   449  C CD  . LYS A 1 58 ? 11.745  11.170  -8.955  1.00 34.27 ? 58  LYS A CD  1 
ATOM   450  C CE  . LYS A 1 58 ? 13.004  11.179  -9.817  1.00 31.51 ? 58  LYS A CE  1 
ATOM   451  N NZ  . LYS A 1 58 ? 13.557  12.546  -10.002 1.00 27.83 ? 58  LYS A NZ  1 
ATOM   452  N N   . ILE A 1 59 ? 7.550   7.471   -6.069  1.00 26.99 ? 59  ILE A N   1 
ATOM   453  C CA  . ILE A 1 59 ? 6.517   7.483   -5.036  1.00 19.88 ? 59  ILE A CA  1 
ATOM   454  C C   . ILE A 1 59 ? 6.689   6.278   -4.118  1.00 24.47 ? 59  ILE A C   1 
ATOM   455  O O   . ILE A 1 59 ? 7.264   5.268   -4.532  1.00 23.97 ? 59  ILE A O   1 
ATOM   456  C CB  . ILE A 1 59 ? 5.109   7.399   -5.655  1.00 24.32 ? 59  ILE A CB  1 
ATOM   457  C CG1 . ILE A 1 59 ? 5.019   6.200   -6.600  1.00 26.05 ? 59  ILE A CG1 1 
ATOM   458  C CG2 . ILE A 1 59 ? 4.768   8.681   -6.401  1.00 23.08 ? 59  ILE A CG2 1 
ATOM   459  C CD1 . ILE A 1 59 ? 3.603   5.888   -7.078  1.00 23.38 ? 59  ILE A CD1 1 
ATOM   460  N N   . PRO A 1 60 ? 6.216   6.375   -2.865  1.00 23.15 ? 60  PRO A N   1 
ATOM   461  C CA  . PRO A 1 60 ? 6.175   5.162   -2.042  1.00 18.78 ? 60  PRO A CA  1 
ATOM   462  C C   . PRO A 1 60 ? 5.271   4.152   -2.734  1.00 23.13 ? 60  PRO A C   1 
ATOM   463  O O   . PRO A 1 60 ? 4.190   4.487   -3.237  1.00 16.34 ? 60  PRO A O   1 
ATOM   464  C CB  . PRO A 1 60 ? 5.551   5.644   -0.729  1.00 20.99 ? 60  PRO A CB  1 
ATOM   465  C CG  . PRO A 1 60 ? 5.892   7.135   -0.674  1.00 24.09 ? 60  PRO A CG  1 
ATOM   466  C CD  . PRO A 1 60 ? 5.759   7.566   -2.123  1.00 22.72 ? 60  PRO A CD  1 
ATOM   467  N N   . VAL A 1 61 ? 5.722   2.908   -2.800  1.00 17.61 ? 61  VAL A N   1 
ATOM   468  C CA  . VAL A 1 61 ? 4.958   1.930   -3.545  1.00 19.47 ? 61  VAL A CA  1 
ATOM   469  C C   . VAL A 1 61 ? 3.539   1.779   -2.979  1.00 18.98 ? 61  VAL A C   1 
ATOM   470  O O   . VAL A 1 61 ? 2.597   1.563   -3.735  1.00 20.39 ? 61  VAL A O   1 
ATOM   471  C CB  . VAL A 1 61 ? 5.684   0.563   -3.610  1.00 24.96 ? 61  VAL A CB  1 
ATOM   472  C CG1 . VAL A 1 61 ? 5.834   -0.036  -2.223  1.00 20.10 ? 61  VAL A CG1 1 
ATOM   473  C CG2 . VAL A 1 61 ? 4.942   -0.389  -4.553  1.00 22.14 ? 61  VAL A CG2 1 
ATOM   474  N N   . SER A 1 62 ? 3.374   1.924   -1.668  1.00 19.54 ? 62  SER A N   1 
ATOM   475  C CA  . SER A 1 62 ? 2.046   1.715   -1.049  1.00 17.35 ? 62  SER A CA  1 
ATOM   476  C C   . SER A 1 62 ? 0.998   2.750   -1.459  1.00 20.61 ? 62  SER A C   1 
ATOM   477  O O   . SER A 1 62 ? -0.207  2.541   -1.265  1.00 16.61 ? 62  SER A O   1 
ATOM   478  C CB  . SER A 1 62 ? 2.115   1.593   0.480   1.00 17.57 ? 62  SER A CB  1 
ATOM   479  O OG  . SER A 1 62 ? 2.461   2.810   1.133   1.00 23.32 ? 62  SER A OG  1 
ATOM   480  N N   . TYR A 1 63 ? 1.449   3.856   -2.051  1.00 17.22 ? 63  TYR A N   1 
ATOM   481  C CA  . TYR A 1 63 ? 0.510   4.824   -2.648  1.00 14.21 ? 63  TYR A CA  1 
ATOM   482  C C   . TYR A 1 63 ? -0.411  4.126   -3.644  1.00 21.82 ? 63  TYR A C   1 
ATOM   483  O O   . TYR A 1 63 ? -1.602  4.422   -3.702  1.00 19.37 ? 63  TYR A O   1 
ATOM   484  C CB  . TYR A 1 63 ? 1.281   5.959   -3.339  1.00 18.59 ? 63  TYR A CB  1 
ATOM   485  C CG  . TYR A 1 63 ? 0.420   7.002   -4.010  1.00 18.26 ? 63  TYR A CG  1 
ATOM   486  C CD1 . TYR A 1 63 ? -0.205  7.997   -3.273  1.00 20.78 ? 63  TYR A CD1 1 
ATOM   487  C CD2 . TYR A 1 63 ? 0.252   7.008   -5.386  1.00 22.25 ? 63  TYR A CD2 1 
ATOM   488  C CE1 . TYR A 1 63 ? -0.992  8.985   -3.896  1.00 23.03 ? 63  TYR A CE1 1 
ATOM   489  C CE2 . TYR A 1 63 ? -0.539  7.987   -6.024  1.00 20.61 ? 63  TYR A CE2 1 
ATOM   490  C CZ  . TYR A 1 63 ? -1.160  8.966   -5.267  1.00 21.62 ? 63  TYR A CZ  1 
ATOM   491  O OH  . TYR A 1 63 ? -1.938  9.941   -5.885  1.00 23.56 ? 63  TYR A OH  1 
ATOM   492  N N   . LEU A 1 64 ? 0.148   3.202   -4.428  1.00 15.05 ? 64  LEU A N   1 
ATOM   493  C CA  . LEU A 1 64 ? -0.600  2.482   -5.457  1.00 20.35 ? 64  LEU A CA  1 
ATOM   494  C C   . LEU A 1 64 ? -1.642  1.527   -4.882  1.00 25.72 ? 64  LEU A C   1 
ATOM   495  O O   . LEU A 1 64 ? -2.492  1.000   -5.612  1.00 21.87 ? 64  LEU A O   1 
ATOM   496  C CB  . LEU A 1 64 ? 0.371   1.669   -6.329  1.00 22.32 ? 64  LEU A CB  1 
ATOM   497  C CG  . LEU A 1 64 ? 1.455   2.483   -7.048  1.00 23.46 ? 64  LEU A CG  1 
ATOM   498  C CD1 . LEU A 1 64 ? 2.489   1.577   -7.695  1.00 20.17 ? 64  LEU A CD1 1 
ATOM   499  C CD2 . LEU A 1 64 ? 0.805   3.377   -8.100  1.00 17.61 ? 64  LEU A CD2 1 
ATOM   500  N N   . TYR A 1 65 ? -1.555  1.264   -3.587  1.00 19.04 ? 65  TYR A N   1 
ATOM   501  C CA  . TYR A 1 65 ? -2.486  0.341   -2.953  1.00 18.79 ? 65  TYR A CA  1 
ATOM   502  C C   . TYR A 1 65 ? -3.377  1.018   -1.918  1.00 21.71 ? 65  TYR A C   1 
ATOM   503  O O   . TYR A 1 65 ? -4.022  0.338   -1.124  1.00 22.78 ? 65  TYR A O   1 
ATOM   504  C CB  . TYR A 1 65 ? -1.709  -0.783  -2.276  1.00 17.47 ? 65  TYR A CB  1 
ATOM   505  C CG  . TYR A 1 65 ? -0.929  -1.650  -3.246  1.00 23.01 ? 65  TYR A CG  1 
ATOM   506  C CD1 . TYR A 1 65 ? -1.484  -2.819  -3.782  1.00 21.93 ? 65  TYR A CD1 1 
ATOM   507  C CD2 . TYR A 1 65 ? 0.352   -1.301  -3.630  1.00 17.04 ? 65  TYR A CD2 1 
ATOM   508  C CE1 . TYR A 1 65 ? -0.757  -3.626  -4.674  1.00 26.30 ? 65  TYR A CE1 1 
ATOM   509  C CE2 . TYR A 1 65 ? 1.089   -2.099  -4.517  1.00 19.91 ? 65  TYR A CE2 1 
ATOM   510  C CZ  . TYR A 1 65 ? 0.532   -3.254  -5.030  1.00 27.27 ? 65  TYR A CZ  1 
ATOM   511  O OH  . TYR A 1 65 ? 1.266   -4.030  -5.902  1.00 28.97 ? 65  TYR A OH  1 
ATOM   512  N N   . THR A 1 66 ? -3.426  2.346   -1.923  1.00 20.49 ? 66  THR A N   1 
ATOM   513  C CA  . THR A 1 66 ? -4.147  3.075   -0.883  1.00 17.59 ? 66  THR A CA  1 
ATOM   514  C C   . THR A 1 66 ? -5.495  3.574   -1.390  1.00 21.32 ? 66  THR A C   1 
ATOM   515  O O   . THR A 1 66 ? -5.546  4.514   -2.185  1.00 25.47 ? 66  THR A O   1 
ATOM   516  C CB  . THR A 1 66 ? -3.328  4.298   -0.393  1.00 19.02 ? 66  THR A CB  1 
ATOM   517  O OG1 . THR A 1 66 ? -2.072  3.852   0.119   1.00 19.94 ? 66  THR A OG1 1 
ATOM   518  C CG2 . THR A 1 66 ? -4.091  5.061   0.721   1.00 17.22 ? 66  THR A CG2 1 
ATOM   519  N N   . PRO A 1 67 ? -6.593  2.951   -0.934  1.00 23.28 ? 67  PRO A N   1 
ATOM   520  C CA  . PRO A 1 67 ? -7.911  3.359   -1.437  1.00 27.66 ? 67  PRO A CA  1 
ATOM   521  C C   . PRO A 1 67 ? -8.374  4.707   -0.884  1.00 26.66 ? 67  PRO A C   1 
ATOM   522  O O   . PRO A 1 67 ? -9.100  5.429   -1.561  1.00 26.67 ? 67  PRO A O   1 
ATOM   523  C CB  . PRO A 1 67 ? -8.848  2.239   -0.952  1.00 27.76 ? 67  PRO A CB  1 
ATOM   524  C CG  . PRO A 1 67 ? -7.944  1.067   -0.663  1.00 32.47 ? 67  PRO A CG  1 
ATOM   525  C CD  . PRO A 1 67 ? -6.642  1.669   -0.207  1.00 22.08 ? 67  PRO A CD  1 
ATOM   526  N N   . GLU A 1 68 ? -7.949  5.044   0.325   1.00 26.35 ? 68  GLU A N   1 
ATOM   527  C CA  . GLU A 1 68 ? -8.395  6.271   0.976   1.00 26.56 ? 68  GLU A CA  1 
ATOM   528  C C   . GLU A 1 68 ? -7.653  7.505   0.444   1.00 29.03 ? 68  GLU A C   1 
ATOM   529  O O   . GLU A 1 68 ? -6.425  7.605   0.556   1.00 27.43 ? 68  GLU A O   1 
ATOM   530  C CB  . GLU A 1 68 ? -8.206  6.141   2.499   1.00 29.36 ? 68  GLU A CB  1 
ATOM   531  C CG  . GLU A 1 68 ? -8.838  4.875   3.152   1.00 23.46 ? 68  GLU A CG  1 
ATOM   532  C CD  . GLU A 1 68 ? -7.897  3.665   3.199   1.00 28.24 ? 68  GLU A CD  1 
ATOM   533  O OE1 . GLU A 1 68 ? -6.850  3.673   2.510   1.00 25.02 ? 68  GLU A OE1 1 
ATOM   534  O OE2 . GLU A 1 68 ? -8.217  2.692   3.918   1.00 30.14 ? 68  GLU A OE2 1 
ATOM   535  N N   . ASP A 1 69 ? -8.390  8.456   -0.126  1.00 25.61 ? 69  ASP A N   1 
ATOM   536  C CA  . ASP A 1 69 ? -7.767  9.623   -0.756  1.00 25.82 ? 69  ASP A CA  1 
ATOM   537  C C   . ASP A 1 69 ? -6.989  10.504  0.219   1.00 26.67 ? 69  ASP A C   1 
ATOM   538  O O   . ASP A 1 69 ? -5.952  11.055  -0.126  1.00 25.91 ? 69  ASP A O   1 
ATOM   539  C CB  . ASP A 1 69 ? -8.805  10.488  -1.488  1.00 34.66 ? 69  ASP A CB  1 
ATOM   540  C CG  . ASP A 1 69 ? -9.340  9.837   -2.762  1.00 34.84 ? 69  ASP A CG  1 
ATOM   541  O OD1 . ASP A 1 69 ? -8.843  8.763   -3.176  1.00 33.54 ? 69  ASP A OD1 1 
ATOM   542  O OD2 . ASP A 1 69 ? -10.271 10.418  -3.349  1.00 39.90 ? 69  ASP A OD2 1 
ATOM   543  N N   . ASP A 1 70 ? -7.494  10.659  1.435   1.00 28.38 ? 70  ASP A N   1 
ATOM   544  C CA  . ASP A 1 70 ? -6.770  11.457  2.425   1.00 24.12 ? 70  ASP A CA  1 
ATOM   545  C C   . ASP A 1 70 ? -5.443  10.804  2.806   1.00 24.83 ? 70  ASP A C   1 
ATOM   546  O O   . ASP A 1 70 ? -4.424  11.478  2.896   1.00 21.47 ? 70  ASP A O   1 
ATOM   547  C CB  . ASP A 1 70 ? -7.621  11.743  3.665   1.00 26.73 ? 70  ASP A CB  1 
ATOM   548  C CG  . ASP A 1 70 ? -8.353  10.513  4.181   1.00 36.67 ? 70  ASP A CG  1 
ATOM   549  O OD1 . ASP A 1 70 ? -8.458  9.506   3.455   1.00 45.46 ? 70  ASP A OD1 1 
ATOM   550  O OD2 . ASP A 1 70 ? -8.845  10.558  5.327   1.00 47.74 ? 70  ASP A OD2 1 
ATOM   551  N N   . LEU A 1 71 ? -5.465  9.493   3.024   1.00 23.92 ? 71  LEU A N   1 
ATOM   552  C CA  . LEU A 1 71 ? -4.253  8.751   3.354   1.00 26.28 ? 71  LEU A CA  1 
ATOM   553  C C   . LEU A 1 71 ? -3.307  8.720   2.150   1.00 20.13 ? 71  LEU A C   1 
ATOM   554  O O   . LEU A 1 71 ? -2.089  8.809   2.293   1.00 20.43 ? 71  LEU A O   1 
ATOM   555  C CB  . LEU A 1 71 ? -4.595  7.323   3.776   1.00 22.89 ? 71  LEU A CB  1 
ATOM   556  C CG  . LEU A 1 71 ? -3.419  6.503   4.314   1.00 23.13 ? 71  LEU A CG  1 
ATOM   557  C CD1 . LEU A 1 71 ? -2.763  7.235   5.477   1.00 25.03 ? 71  LEU A CD1 1 
ATOM   558  C CD2 . LEU A 1 71 ? -3.879  5.108   4.743   1.00 26.93 ? 71  LEU A CD2 1 
ATOM   559  N N   . ALA A 1 72 ? -3.873  8.593   0.956   1.00 23.03 ? 72  ALA A N   1 
ATOM   560  C CA  . ALA A 1 72 ? -3.038  8.597   -0.234  1.00 22.07 ? 72  ALA A CA  1 
ATOM   561  C C   . ALA A 1 72 ? -2.260  9.913   -0.292  1.00 26.48 ? 72  ALA A C   1 
ATOM   562  O O   . ALA A 1 72 ? -1.062  9.928   -0.612  1.00 21.09 ? 72  ALA A O   1 
ATOM   563  C CB  . ALA A 1 72 ? -3.882  8.409   -1.488  1.00 21.10 ? 72  ALA A CB  1 
ATOM   564  N N   . GLN A 1 73 ? -2.937  11.017  0.029   1.00 21.40 ? 73  GLN A N   1 
ATOM   565  C CA  . GLN A 1 73 ? -2.319  12.339  -0.080  1.00 21.10 ? 73  GLN A CA  1 
ATOM   566  C C   . GLN A 1 73 ? -1.223  12.477  0.949   1.00 23.28 ? 73  GLN A C   1 
ATOM   567  O O   . GLN A 1 73 ? -0.165  13.051  0.674   1.00 23.84 ? 73  GLN A O   1 
ATOM   568  C CB  . GLN A 1 73 ? -3.353  13.454  0.113   1.00 30.73 ? 73  GLN A CB  1 
ATOM   569  C CG  . GLN A 1 73 ? -2.831  14.851  -0.218  1.00 42.49 ? 73  GLN A CG  1 
ATOM   570  C CD  . GLN A 1 73 ? -2.310  14.982  -1.650  1.00 42.56 ? 73  GLN A CD  1 
ATOM   571  O OE1 . GLN A 1 73 ? -1.333  15.690  -1.907  1.00 46.66 ? 73  GLN A OE1 1 
ATOM   572  N NE2 . GLN A 1 73 ? -2.960  14.296  -2.585  1.00 43.00 ? 73  GLN A NE2 1 
ATOM   573  N N   . ILE A 1 74 ? -1.478  11.947  2.142   1.00 20.54 ? 74  ILE A N   1 
ATOM   574  C CA  . ILE A 1 74 ? -0.462  11.947  3.194   1.00 23.14 ? 74  ILE A CA  1 
ATOM   575  C C   . ILE A 1 74 ? 0.767   11.161  2.731   1.00 22.21 ? 74  ILE A C   1 
ATOM   576  O O   . ILE A 1 74 ? 1.895   11.594  2.901   1.00 24.94 ? 74  ILE A O   1 
ATOM   577  C CB  . ILE A 1 74 ? -1.017  11.335  4.504   1.00 23.39 ? 74  ILE A CB  1 
ATOM   578  C CG1 . ILE A 1 74 ? -2.132  12.226  5.059   1.00 30.13 ? 74  ILE A CG1 1 
ATOM   579  C CG2 . ILE A 1 74 ? 0.100   11.157  5.512   1.00 24.51 ? 74  ILE A CG2 1 
ATOM   580  C CD1 . ILE A 1 74 ? -2.963  11.580  6.160   1.00 29.37 ? 74  ILE A CD1 1 
ATOM   581  N N   . ILE A 1 75 ? 0.538   10.011  2.111   1.00 22.94 ? 75  ILE A N   1 
ATOM   582  C CA  . ILE A 1 75 ? 1.641   9.182   1.620   1.00 19.52 ? 75  ILE A CA  1 
ATOM   583  C C   . ILE A 1 75 ? 2.436   9.925   0.549   1.00 27.68 ? 75  ILE A C   1 
ATOM   584  O O   . ILE A 1 75 ? 3.670   10.040  0.621   1.00 24.01 ? 75  ILE A O   1 
ATOM   585  C CB  . ILE A 1 75 ? 1.135   7.834   1.085   1.00 21.11 ? 75  ILE A CB  1 
ATOM   586  C CG1 . ILE A 1 75 ? 0.614   6.970   2.254   1.00 19.25 ? 75  ILE A CG1 1 
ATOM   587  C CG2 . ILE A 1 75 ? 2.265   7.106   0.359   1.00 22.13 ? 75  ILE A CG2 1 
ATOM   588  C CD1 . ILE A 1 75 ? -0.172  5.751   1.849   1.00 18.99 ? 75  ILE A CD1 1 
ATOM   589  N N   . LEU A 1 76 ? 1.724   10.468  -0.429  1.00 21.28 ? 76  LEU A N   1 
ATOM   590  C CA  . LEU A 1 76 ? 2.381   11.235  -1.479  1.00 22.40 ? 76  LEU A CA  1 
ATOM   591  C C   . LEU A 1 76 ? 3.180   12.411  -0.907  1.00 23.14 ? 76  LEU A C   1 
ATOM   592  O O   . LEU A 1 76 ? 4.258   12.715  -1.388  1.00 24.51 ? 76  LEU A O   1 
ATOM   593  C CB  . LEU A 1 76 ? 1.350   11.715  -2.495  1.00 23.94 ? 76  LEU A CB  1 
ATOM   594  C CG  . LEU A 1 76 ? 1.855   12.169  -3.863  1.00 24.65 ? 76  LEU A CG  1 
ATOM   595  C CD1 . LEU A 1 76 ? 2.587   11.014  -4.546  1.00 29.34 ? 76  LEU A CD1 1 
ATOM   596  C CD2 . LEU A 1 76 ? 0.689   12.652  -4.728  1.00 22.63 ? 76  LEU A CD2 1 
ATOM   597  N N   . THR A 1 77 ? 2.635   13.078  0.103   1.00 25.27 ? 77  THR A N   1 
ATOM   598  C CA  . THR A 1 77 ? 3.278   14.258  0.680   1.00 23.44 ? 77  THR A CA  1 
ATOM   599  C C   . THR A 1 77 ? 4.477   13.931  1.561   1.00 28.48 ? 77  THR A C   1 
ATOM   600  O O   . THR A 1 77 ? 5.541   14.537  1.426   1.00 24.30 ? 77  THR A O   1 
ATOM   601  C CB  . THR A 1 77 ? 2.283   15.086  1.479   1.00 30.48 ? 77  THR A CB  1 
ATOM   602  O OG1 . THR A 1 77 ? 1.287   15.579  0.581   1.00 31.18 ? 77  THR A OG1 1 
ATOM   603  C CG2 . THR A 1 77 ? 2.993   16.264  2.152   1.00 36.29 ? 77  THR A CG2 1 
ATOM   604  N N   . TRP A 1 78 ? 4.294   12.976  2.467   1.00 24.42 ? 78  TRP A N   1 
ATOM   605  C CA  . TRP A 1 78 ? 5.365   12.508  3.331   1.00 27.69 ? 78  TRP A CA  1 
ATOM   606  C C   . TRP A 1 78 ? 6.602   12.317  2.485   1.00 31.64 ? 78  TRP A C   1 
ATOM   607  O O   . TRP A 1 78 ? 7.708   12.715  2.845   1.00 30.17 ? 78  TRP A O   1 
ATOM   608  C CB  . TRP A 1 78 ? 4.975   11.170  3.960   1.00 28.64 ? 78  TRP A CB  1 
ATOM   609  C CG  . TRP A 1 78 ? 6.065   10.520  4.736   1.00 26.87 ? 78  TRP A CG  1 
ATOM   610  C CD1 . TRP A 1 78 ? 6.426   10.783  6.027   1.00 25.17 ? 78  TRP A CD1 1 
ATOM   611  C CD2 . TRP A 1 78 ? 6.935   9.485   4.273   1.00 28.40 ? 78  TRP A CD2 1 
ATOM   612  N NE1 . TRP A 1 78 ? 7.470   9.965   6.394   1.00 26.65 ? 78  TRP A NE1 1 
ATOM   613  C CE2 . TRP A 1 78 ? 7.806   9.171   5.332   1.00 25.73 ? 78  TRP A CE2 1 
ATOM   614  C CE3 . TRP A 1 78 ? 7.063   8.797   3.062   1.00 36.17 ? 78  TRP A CE3 1 
ATOM   615  C CZ2 . TRP A 1 78 ? 8.788   8.185   5.218   1.00 47.24 ? 78  TRP A CZ2 1 
ATOM   616  C CZ3 . TRP A 1 78 ? 8.048   7.820   2.951   1.00 43.43 ? 78  TRP A CZ3 1 
ATOM   617  C CH2 . TRP A 1 78 ? 8.897   7.524   4.026   1.00 41.64 ? 78  TRP A CH2 1 
ATOM   618  N N   . ASN A 1 79 ? 6.363   11.706  1.336   1.00 29.65 ? 79  ASN A N   1 
ATOM   619  C CA  . ASN A 1 79 ? 7.375   11.384  0.349   1.00 31.43 ? 79  ASN A CA  1 
ATOM   620  C C   . ASN A 1 79 ? 8.336   12.552  0.054   1.00 30.94 ? 79  ASN A C   1 
ATOM   621  O O   . ASN A 1 79 ? 9.512   12.329  -0.220  1.00 36.99 ? 79  ASN A O   1 
ATOM   622  C CB  . ASN A 1 79 ? 6.644   10.888  -0.924  1.00 21.94 ? 79  ASN A CB  1 
ATOM   623  C CG  . ASN A 1 79 ? 7.589   10.493  -2.048  1.00 37.26 ? 79  ASN A CG  1 
ATOM   624  O OD1 . ASN A 1 79 ? 7.391   10.875  -3.210  1.00 36.27 ? 79  ASN A OD1 1 
ATOM   625  N ND2 . ASN A 1 79 ? 8.601   9.706   -1.717  1.00 33.50 ? 79  ASN A ND2 1 
ATOM   626  N N   . GLU A 1 80 ? 7.825   13.784  0.127   1.00 27.92 ? 80  GLU A N   1 
ATOM   627  C CA  . GLU A 1 80 ? 8.548   15.003  -0.255  1.00 26.68 ? 80  GLU A CA  1 
ATOM   628  C C   . GLU A 1 80 ? 8.794   15.979  0.896   1.00 36.79 ? 80  GLU A C   1 
ATOM   629  O O   . GLU A 1 80 ? 9.204   17.114  0.664   1.00 28.39 ? 80  GLU A O   1 
ATOM   630  C CB  . GLU A 1 80 ? 7.738   15.792  -1.299  1.00 25.61 ? 80  GLU A CB  1 
ATOM   631  C CG  . GLU A 1 80 ? 7.576   15.103  -2.654  1.00 38.59 ? 80  GLU A CG  1 
ATOM   632  C CD  . GLU A 1 80 ? 6.764   15.931  -3.639  1.00 44.67 ? 80  GLU A CD  1 
ATOM   633  O OE1 . GLU A 1 80 ? 6.723   17.175  -3.495  1.00 54.50 ? 80  GLU A OE1 1 
ATOM   634  O OE2 . GLU A 1 80 ? 6.163   15.339  -4.558  1.00 41.08 ? 80  GLU A OE2 1 
ATOM   635  N N   . LEU A 1 81 ? 8.495   15.577  2.121   1.00 34.01 ? 81  LEU A N   1 
ATOM   636  C CA  . LEU A 1 81 ? 8.686   16.477  3.256   1.00 35.83 ? 81  LEU A CA  1 
ATOM   637  C C   . LEU A 1 81 ? 10.170  16.608  3.539   1.00 32.90 ? 81  LEU A C   1 
ATOM   638  O O   . LEU A 1 81 ? 10.924  15.643  3.353   1.00 34.19 ? 81  LEU A O   1 
ATOM   639  C CB  . LEU A 1 81 ? 7.960   15.954  4.497   1.00 30.21 ? 81  LEU A CB  1 
ATOM   640  C CG  . LEU A 1 81 ? 6.426   16.054  4.435   1.00 33.07 ? 81  LEU A CG  1 
ATOM   641  C CD1 . LEU A 1 81 ? 5.798   15.526  5.708   1.00 32.07 ? 81  LEU A CD1 1 
ATOM   642  C CD2 . LEU A 1 81 ? 5.986   17.482  4.195   1.00 32.24 ? 81  LEU A CD2 1 
ATOM   643  N N   . ASN A 1 82 ? 10.602  17.785  3.991   1.00 28.98 ? 82  ASN A N   1 
ATOM   644  C CA  . ASN A 1 82 ? 11.990  17.902  4.431   1.00 39.46 ? 82  ASN A CA  1 
ATOM   645  C C   . ASN A 1 82 ? 12.155  17.143  5.746   1.00 40.51 ? 82  ASN A C   1 
ATOM   646  O O   . ASN A 1 82 ? 11.161  16.728  6.349   1.00 33.58 ? 82  ASN A O   1 
ATOM   647  C CB  . ASN A 1 82 ? 12.485  19.365  4.488   1.00 32.62 ? 82  ASN A CB  1 
ATOM   648  C CG  . ASN A 1 82 ? 11.788  20.200  5.548   1.00 32.21 ? 82  ASN A CG  1 
ATOM   649  O OD1 . ASN A 1 82 ? 11.532  21.397  5.344   1.00 37.97 ? 82  ASN A OD1 1 
ATOM   650  N ND2 . ASN A 1 82 ? 11.506  19.598  6.686   1.00 32.81 ? 82  ASN A ND2 1 
ATOM   651  N N   . GLU A 1 83 ? 13.395  16.933  6.173   1.00 39.46 ? 83  GLU A N   1 
ATOM   652  C CA  . GLU A 1 83 ? 13.652  16.090  7.338   1.00 44.66 ? 83  GLU A CA  1 
ATOM   653  C C   . GLU A 1 83 ? 13.085  16.648  8.638   1.00 39.12 ? 83  GLU A C   1 
ATOM   654  O O   . GLU A 1 83 ? 12.767  15.898  9.557   1.00 41.13 ? 83  GLU A O   1 
ATOM   655  C CB  . GLU A 1 83 ? 15.146  15.788  7.500   1.00 40.94 ? 83  GLU A CB  1 
ATOM   656  C CG  . GLU A 1 83 ? 15.429  14.862  8.690   1.00 61.93 ? 83  GLU A CG  1 
ATOM   657  C CD  . GLU A 1 83 ? 14.490  13.646  8.740   1.00 56.35 ? 83  GLU A CD  1 
ATOM   658  O OE1 . GLU A 1 83 ? 13.849  13.430  9.792   1.00 48.21 ? 83  GLU A OE1 1 
ATOM   659  O OE2 . GLU A 1 83 ? 14.388  12.908  7.732   1.00 55.59 ? 83  GLU A OE2 1 
ATOM   660  N N   . GLN A 1 84 ? 12.948  17.965  8.716   1.00 39.17 ? 84  GLN A N   1 
ATOM   661  C CA  . GLN A 1 84 ? 12.393  18.577  9.915   1.00 35.58 ? 84  GLN A CA  1 
ATOM   662  C C   . GLN A 1 84 ? 10.881  18.363  9.983   1.00 41.01 ? 84  GLN A C   1 
ATOM   663  O O   . GLN A 1 84 ? 10.331  18.103  11.046  1.00 40.50 ? 84  GLN A O   1 
ATOM   664  C CB  . GLN A 1 84 ? 12.733  20.071  9.979   1.00 37.71 ? 84  GLN A CB  1 
ATOM   665  C CG  . GLN A 1 84 ? 12.159  20.790  11.206  1.00 35.92 ? 84  GLN A CG  1 
ATOM   666  C CD  . GLN A 1 84 ? 12.928  20.502  12.492  1.00 41.58 ? 84  GLN A CD  1 
ATOM   667  O OE1 . GLN A 1 84 ? 14.013  19.902  12.473  1.00 39.33 ? 84  GLN A OE1 1 
ATOM   668  N NE2 . GLN A 1 84 ? 12.371  20.944  13.620  1.00 48.23 ? 84  GLN A NE2 1 
ATOM   669  N N   . GLU A 1 85 ? 10.215  18.476  8.838   1.00 33.03 ? 85  GLU A N   1 
ATOM   670  C CA  . GLU A 1 85 ? 8.780   18.230  8.767   1.00 30.10 ? 85  GLU A CA  1 
ATOM   671  C C   . GLU A 1 85 ? 8.455   16.782  9.139   1.00 36.49 ? 85  GLU A C   1 
ATOM   672  O O   . GLU A 1 85 ? 7.513   16.525  9.888   1.00 39.06 ? 85  GLU A O   1 
ATOM   673  C CB  . GLU A 1 85 ? 8.235   18.590  7.377   1.00 29.93 ? 85  GLU A CB  1 
ATOM   674  C CG  . GLU A 1 85 ? 8.209   20.087  7.115   1.00 40.03 ? 85  GLU A CG  1 
ATOM   675  C CD  . GLU A 1 85 ? 8.048   20.464  5.639   1.00 34.46 ? 85  GLU A CD  1 
ATOM   676  O OE1 . GLU A 1 85 ? 8.417   19.675  4.743   1.00 33.24 ? 85  GLU A OE1 1 
ATOM   677  O OE2 . GLU A 1 85 ? 7.569   21.582  5.375   1.00 39.47 ? 85  GLU A OE2 1 
ATOM   678  N N   . ARG A 1 86 ? 9.244   15.844  8.628   1.00 31.55 ? 86  ARG A N   1 
ATOM   679  C CA  . ARG A 1 86 ? 9.057   14.433  8.953   1.00 38.47 ? 86  ARG A CA  1 
ATOM   680  C C   . ARG A 1 86 ? 9.206   14.188  10.448  1.00 40.29 ? 86  ARG A C   1 
ATOM   681  O O   . ARG A 1 86 ? 8.398   13.493  11.056  1.00 37.97 ? 86  ARG A O   1 
ATOM   682  C CB  . ARG A 1 86 ? 10.051  13.567  8.187   1.00 37.63 ? 86  ARG A CB  1 
ATOM   683  C CG  . ARG A 1 86 ? 9.762   13.487  6.707   1.00 40.42 ? 86  ARG A CG  1 
ATOM   684  C CD  . ARG A 1 86 ? 10.686  12.511  6.023   1.00 34.84 ? 86  ARG A CD  1 
ATOM   685  N NE  . ARG A 1 86 ? 10.349  12.407  4.606   1.00 54.53 ? 86  ARG A NE  1 
ATOM   686  C CZ  . ARG A 1 86 ? 10.638  11.360  3.841   1.00 52.71 ? 86  ARG A CZ  1 
ATOM   687  N NH1 . ARG A 1 86 ? 11.274  10.318  4.364   1.00 50.47 ? 86  ARG A NH1 1 
ATOM   688  N NH2 . ARG A 1 86 ? 10.292  11.356  2.556   1.00 46.40 ? 86  ARG A NH2 1 
ATOM   689  N N   . LYS A 1 87 ? 10.253  14.764  11.027  1.00 37.92 ? 87  LYS A N   1 
ATOM   690  C CA  . LYS A 1 87 ? 10.459  14.720  12.468  1.00 41.51 ? 87  LYS A CA  1 
ATOM   691  C C   . LYS A 1 87 ? 9.220   15.179  13.232  1.00 35.99 ? 87  LYS A C   1 
ATOM   692  O O   . LYS A 1 87 ? 8.776   14.511  14.163  1.00 36.09 ? 87  LYS A O   1 
ATOM   693  C CB  . LYS A 1 87 ? 11.663  15.586  12.844  1.00 44.02 ? 87  LYS A CB  1 
ATOM   694  C CG  . LYS A 1 87 ? 11.995  15.576  14.313  1.00 39.22 ? 87  LYS A CG  1 
ATOM   695  C CD  . LYS A 1 87 ? 13.034  16.636  14.652  1.00 47.96 ? 87  LYS A CD  1 
ATOM   696  C CE  . LYS A 1 87 ? 14.386  16.315  14.047  1.00 47.78 ? 87  LYS A CE  1 
ATOM   697  N NZ  . LYS A 1 87 ? 15.399  17.288  14.528  1.00 46.44 ? 87  LYS A NZ  1 
ATOM   698  N N   . ARG A 1 88 ? 8.650   16.312  12.838  1.00 24.59 ? 88  ARG A N   1 
ATOM   699  C CA  . ARG A 1 88 ? 7.512   16.851  13.566  1.00 33.42 ? 88  ARG A CA  1 
ATOM   700  C C   . ARG A 1 88 ? 6.339   15.878  13.510  1.00 39.74 ? 88  ARG A C   1 
ATOM   701  O O   . ARG A 1 88 ? 5.647   15.672  14.501  1.00 34.59 ? 88  ARG A O   1 
ATOM   702  C CB  . ARG A 1 88 ? 7.092   18.209  13.010  1.00 39.74 ? 88  ARG A CB  1 
ATOM   703  C CG  . ARG A 1 88 ? 8.261   19.130  12.704  1.00 52.69 ? 88  ARG A CG  1 
ATOM   704  C CD  . ARG A 1 88 ? 9.045   19.474  13.958  1.00 54.44 ? 88  ARG A CD  1 
ATOM   705  N NE  . ARG A 1 88 ? 8.269   20.297  14.887  1.00 64.39 ? 88  ARG A NE  1 
ATOM   706  C CZ  . ARG A 1 88 ? 8.103   21.612  14.760  1.00 70.24 ? 88  ARG A CZ  1 
ATOM   707  N NH1 . ARG A 1 88 ? 8.646   22.258  13.738  1.00 68.87 ? 88  ARG A NH1 1 
ATOM   708  N NH2 . ARG A 1 88 ? 7.389   22.281  15.653  1.00 76.97 ? 88  ARG A NH2 1 
ATOM   709  N N   . ILE A 1 89 ? 6.118   15.276  12.346  1.00 39.42 ? 89  ILE A N   1 
ATOM   710  C CA  . ILE A 1 89 ? 5.015   14.335  12.194  1.00 33.77 ? 89  ILE A CA  1 
ATOM   711  C C   . ILE A 1 89 ? 5.300   13.056  12.980  1.00 30.18 ? 89  ILE A C   1 
ATOM   712  O O   . ILE A 1 89 ? 4.430   12.544  13.685  1.00 34.53 ? 89  ILE A O   1 
ATOM   713  C CB  . ILE A 1 89 ? 4.737   14.021  10.716  1.00 33.89 ? 89  ILE A CB  1 
ATOM   714  C CG1 . ILE A 1 89 ? 4.175   15.261  10.020  1.00 37.44 ? 89  ILE A CG1 1 
ATOM   715  C CG2 . ILE A 1 89 ? 3.734   12.875  10.585  1.00 31.07 ? 89  ILE A CG2 1 
ATOM   716  C CD1 . ILE A 1 89 ? 3.891   15.057  8.546   1.00 38.57 ? 89  ILE A CD1 1 
ATOM   717  N N   . ASN A 1 90 ? 6.523   12.551  12.860  1.00 28.98 ? 90  ASN A N   1 
ATOM   718  C CA  . ASN A 1 90 ? 6.947   11.389  13.633  1.00 36.87 ? 90  ASN A CA  1 
ATOM   719  C C   . ASN A 1 90 ? 6.717   11.601  15.135  1.00 41.32 ? 90  ASN A C   1 
ATOM   720  O O   . ASN A 1 90 ? 6.169   10.744  15.835  1.00 37.70 ? 90  ASN A O   1 
ATOM   721  C CB  . ASN A 1 90 ? 8.426   11.092  13.370  1.00 34.99 ? 90  ASN A CB  1 
ATOM   722  C CG  . ASN A 1 90 ? 8.650   10.265  12.111  1.00 36.63 ? 90  ASN A CG  1 
ATOM   723  O OD1 . ASN A 1 90 ? 7.707   9.762   11.506  1.00 38.80 ? 90  ASN A OD1 1 
ATOM   724  N ND2 . ASN A 1 90 ? 9.905   10.111  11.723  1.00 37.01 ? 90  ASN A ND2 1 
ATOM   725  N N   . PHE A 1 91 ? 7.141   12.754  15.634  1.00 32.38 ? 91  PHE A N   1 
ATOM   726  C CA  . PHE A 1 91 ? 6.976   13.049  17.052  1.00 34.51 ? 91  PHE A CA  1 
ATOM   727  C C   . PHE A 1 91 ? 5.492   13.142  17.413  1.00 37.49 ? 91  PHE A C   1 
ATOM   728  O O   . PHE A 1 91 ? 5.045   12.557  18.397  1.00 32.22 ? 91  PHE A O   1 
ATOM   729  C CB  . PHE A 1 91 ? 7.729   14.330  17.429  1.00 33.71 ? 91  PHE A CB  1 
ATOM   730  C CG  . PHE A 1 91 ? 7.527   14.749  18.854  1.00 28.35 ? 91  PHE A CG  1 
ATOM   731  C CD1 . PHE A 1 91 ? 6.825   15.896  19.152  1.00 25.78 ? 91  PHE A CD1 1 
ATOM   732  C CD2 . PHE A 1 91 ? 8.030   13.979  19.892  1.00 27.21 ? 91  PHE A CD2 1 
ATOM   733  C CE1 . PHE A 1 91 ? 6.632   16.279  20.463  1.00 28.52 ? 91  PHE A CE1 1 
ATOM   734  C CE2 . PHE A 1 91 ? 7.841   14.355  21.221  1.00 26.33 ? 91  PHE A CE2 1 
ATOM   735  C CZ  . PHE A 1 91 ? 7.139   15.501  21.503  1.00 27.39 ? 91  PHE A CZ  1 
ATOM   736  N N   . TYR A 1 92 ? 4.727   13.862  16.603  1.00 29.71 ? 92  TYR A N   1 
ATOM   737  C CA  . TYR A 1 92 ? 3.288   13.968  16.828  1.00 34.04 ? 92  TYR A CA  1 
ATOM   738  C C   . TYR A 1 92 ? 2.655   12.581  16.919  1.00 29.23 ? 92  TYR A C   1 
ATOM   739  O O   . TYR A 1 92 ? 1.766   12.353  17.715  1.00 36.80 ? 92  TYR A O   1 
ATOM   740  C CB  . TYR A 1 92 ? 2.643   14.759  15.686  1.00 35.99 ? 92  TYR A CB  1 
ATOM   741  C CG  . TYR A 1 92 ? 1.193   15.100  15.906  1.00 35.10 ? 92  TYR A CG  1 
ATOM   742  C CD1 . TYR A 1 92 ? 0.819   16.088  16.807  1.00 36.93 ? 92  TYR A CD1 1 
ATOM   743  C CD2 . TYR A 1 92 ? 0.192   14.445  15.196  1.00 45.55 ? 92  TYR A CD2 1 
ATOM   744  C CE1 . TYR A 1 92 ? -0.516  16.414  17.000  1.00 39.72 ? 92  TYR A CE1 1 
ATOM   745  C CE2 . TYR A 1 92 ? -1.142  14.762  15.381  1.00 41.09 ? 92  TYR A CE2 1 
ATOM   746  C CZ  . TYR A 1 92 ? -1.492  15.745  16.282  1.00 49.62 ? 92  TYR A CZ  1 
ATOM   747  O OH  . TYR A 1 92 ? -2.829  16.057  16.466  1.00 63.41 ? 92  TYR A OH  1 
ATOM   748  N N   . ILE A 1 93 ? 3.139   11.653  16.105  1.00 32.11 ? 93  ILE A N   1 
ATOM   749  C CA  . ILE A 1 93 ? 2.563   10.304  16.022  1.00 38.27 ? 93  ILE A CA  1 
ATOM   750  C C   . ILE A 1 93 ? 3.017   9.384   17.167  1.00 39.10 ? 93  ILE A C   1 
ATOM   751  O O   . ILE A 1 93 ? 2.298   8.461   17.586  1.00 34.64 ? 93  ILE A O   1 
ATOM   752  C CB  . ILE A 1 93 ? 2.895   9.650   14.651  1.00 36.87 ? 93  ILE A CB  1 
ATOM   753  C CG1 . ILE A 1 93 ? 1.631   9.509   13.808  1.00 50.43 ? 93  ILE A CG1 1 
ATOM   754  C CG2 . ILE A 1 93 ? 3.578   8.303   14.827  1.00 42.66 ? 93  ILE A CG2 1 
ATOM   755  C CD1 . ILE A 1 93 ? 0.768   10.755  13.807  1.00 41.26 ? 93  ILE A CD1 1 
ATOM   756  N N   . ARG A 1 94 ? 4.202   9.645   17.674  1.00 34.56 ? 94  ARG A N   1 
ATOM   757  C CA  . ARG A 1 94 ? 4.758   8.863   18.749  1.00 34.99 ? 94  ARG A CA  1 
ATOM   758  C C   . ARG A 1 94 ? 3.786   8.610   19.880  1.00 35.88 ? 94  ARG A C   1 
ATOM   759  O O   . ARG A 1 94 ? 3.111   9.492   20.319  1.00 31.26 ? 94  ARG A O   1 
ATOM   760  C CB  . ARG A 1 94 ? 6.018   9.509   19.289  1.00 33.42 ? 94  ARG A CB  1 
ATOM   761  C CG  . ARG A 1 94 ? 7.032   8.494   19.718  1.00 38.68 ? 94  ARG A CG  1 
ATOM   762  C CD  . ARG A 1 94 ? 8.097   9.024   20.643  1.00 42.31 ? 94  ARG A CD  1 
ATOM   763  N NE  . ARG A 1 94 ? 9.005   9.980   20.021  1.00 37.09 ? 94  ARG A NE  1 
ATOM   764  C CZ  . ARG A 1 94 ? 9.809   10.793  20.710  1.00 44.38 ? 94  ARG A CZ  1 
ATOM   765  N NH1 . ARG A 1 94 ? 10.613  11.644  20.118  1.00 30.28 ? 94  ARG A NH1 1 
ATOM   766  N NH2 . ARG A 1 94 ? 9.823   10.713  22.009  1.00 35.02 ? 94  ARG A NH2 1 
ATOM   767  N N   . LYS A 1 95 ? 3.744   7.378   20.348  1.00 46.09 ? 95  LYS A N   1 
ATOM   768  C CA  . LYS A 1 95 ? 2.881   6.987   21.464  1.00 38.86 ? 95  LYS A CA  1 
ATOM   769  C C   . LYS A 1 95 ? 1.362   7.044   21.174  1.00 57.19 ? 95  LYS A C   1 
ATOM   770  O O   . LYS A 1 95 ? 0.578   6.646   21.978  1.00 50.49 ? 95  LYS A O   1 
ATOM   771  C CB  . LYS A 1 95 ? 3.250   7.782   22.729  1.00 35.80 ? 95  LYS A CB  1 
ATOM   772  C CG  . LYS A 1 95 ? 2.183   8.755   23.162  1.00 43.21 ? 95  LYS A CG  1 
ATOM   773  C CD  . LYS A 1 95 ? 2.318   9.312   24.571  1.00 57.27 ? 95  LYS A CD  1 
ATOM   774  C CE  . LYS A 1 95 ? 1.216   10.357  24.813  1.00 59.49 ? 95  LYS A CE  1 
ATOM   775  N NZ  . LYS A 1 95 ? 1.615   11.629  25.441  1.00 56.04 ? 95  LYS A NZ  1 
ATOM   776  N N   . LYS A 1 96 ? 0.948   7.534   20.018  1.00 48.57 ? 96  LYS A N   1 
ATOM   777  C CA  . LYS A 1 96 ? -0.459  7.609   19.700  1.00 48.19 ? 96  LYS A CA  1 
ATOM   778  C C   . LYS A 1 96 ? -1.005  6.262   19.306  1.00 53.19 ? 96  LYS A C   1 
ATOM   779  O O   . LYS A 1 96 ? -0.263  5.326   19.094  1.00 54.46 ? 96  LYS A O   1 
ATOM   780  C CB  . LYS A 1 96 ? -0.694  8.608   18.586  1.00 41.34 ? 96  LYS A CB  1 
ATOM   781  C CG  . LYS A 1 96 ? -1.223  9.906   19.070  1.00 44.94 ? 96  LYS A CG  1 
ATOM   782  C CD  . LYS A 1 96 ? -0.871  11.011  18.166  1.00 43.23 ? 96  LYS A CD  1 
ATOM   783  C CE  . LYS A 1 96 ? -1.249  12.325  18.762  1.00 44.53 ? 96  LYS A CE  1 
ATOM   784  N NZ  . LYS A 1 96 ? -0.256  13.346  18.409  1.00 51.97 ? 96  LYS A NZ  1 
ATOM   785  N N   . MET B 1 1  ? 2.653   -8.116  -1.382  1.00 40.44 ? 1   MET B N   1 
ATOM   786  C CA  . MET B 1 1  ? 2.361   -7.846  0.023   1.00 37.19 ? 1   MET B CA  1 
ATOM   787  C C   . MET B 1 1  ? 3.528   -8.231  0.911   1.00 35.98 ? 1   MET B C   1 
ATOM   788  O O   . MET B 1 1  ? 4.156   -9.256  0.683   1.00 30.63 ? 1   MET B O   1 
ATOM   789  C CB  . MET B 1 1  ? 1.145   -8.634  0.482   1.00 38.33 ? 1   MET B CB  1 
ATOM   790  C CG  . MET B 1 1  ? 1.074   -8.724  1.999   1.00 37.61 ? 1   MET B CG  1 
ATOM   791  S SD  . MET B 1 1  ? -0.196  -9.862  2.524   1.00 36.03 ? 1   MET B SD  1 
ATOM   792  C CE  . MET B 1 1  ? -1.622  -8.954  1.954   1.00 43.58 ? 1   MET B CE  1 
ATOM   793  N N   . LEU B 1 2  ? 3.807   -7.411  1.926   1.00 30.39 ? 2   LEU B N   1 
ATOM   794  C CA  . LEU B 1 2  ? 4.894   -7.690  2.861   1.00 27.17 ? 2   LEU B CA  1 
ATOM   795  C C   . LEU B 1 2  ? 4.453   -8.671  3.957   1.00 31.14 ? 2   LEU B C   1 
ATOM   796  O O   . LEU B 1 2  ? 3.533   -8.384  4.725   1.00 28.18 ? 2   LEU B O   1 
ATOM   797  C CB  . LEU B 1 2  ? 5.390   -6.387  3.487   1.00 27.12 ? 2   LEU B CB  1 
ATOM   798  C CG  . LEU B 1 2  ? 5.951   -5.430  2.432   1.00 36.18 ? 2   LEU B CG  1 
ATOM   799  C CD1 . LEU B 1 2  ? 6.024   -4.013  2.968   1.00 29.40 ? 2   LEU B CD1 1 
ATOM   800  C CD2 . LEU B 1 2  ? 7.309   -5.916  1.922   1.00 29.53 ? 2   LEU B CD2 1 
ATOM   801  N N   . ILE B 1 3  ? 5.117   -9.819  4.037   1.00 25.99 ? 3   ILE B N   1 
ATOM   802  C CA  . ILE B 1 3  ? 4.692   -10.864 4.972   1.00 29.34 ? 3   ILE B CA  1 
ATOM   803  C C   . ILE B 1 3  ? 4.784   -10.415 6.430   1.00 26.67 ? 3   ILE B C   1 
ATOM   804  O O   . ILE B 1 3  ? 3.967   -10.815 7.258   1.00 32.88 ? 3   ILE B O   1 
ATOM   805  C CB  . ILE B 1 3  ? 5.474   -12.192 4.749   1.00 30.08 ? 3   ILE B CB  1 
ATOM   806  C CG1 . ILE B 1 3  ? 6.957   -12.020 5.087   1.00 29.50 ? 3   ILE B CG1 1 
ATOM   807  C CG2 . ILE B 1 3  ? 5.312   -12.646 3.310   1.00 32.52 ? 3   ILE B CG2 1 
ATOM   808  C CD1 . ILE B 1 3  ? 7.824   -13.236 4.760   1.00 33.32 ? 3   ILE B CD1 1 
ATOM   809  N N   . ARG B 1 4  ? 5.767   -9.579  6.747   1.00 28.54 ? 4   ARG B N   1 
ATOM   810  C CA  . ARG B 1 4  ? 5.922   -9.129  8.118   1.00 25.19 ? 4   ARG B CA  1 
ATOM   811  C C   . ARG B 1 4  ? 4.827   -8.147  8.539   1.00 26.22 ? 4   ARG B C   1 
ATOM   812  O O   . ARG B 1 4  ? 4.471   -8.096  9.715   1.00 23.83 ? 4   ARG B O   1 
ATOM   813  C CB  . ARG B 1 4  ? 7.323   -8.564  8.379   1.00 31.02 ? 4   ARG B CB  1 
ATOM   814  C CG  . ARG B 1 4  ? 7.526   -7.117  7.978   1.00 40.27 ? 4   ARG B CG  1 
ATOM   815  C CD  . ARG B 1 4  ? 8.931   -6.648  8.381   1.00 39.37 ? 4   ARG B CD  1 
ATOM   816  N NE  . ARG B 1 4  ? 9.210   -5.281  7.940   1.00 40.79 ? 4   ARG B NE  1 
ATOM   817  C CZ  . ARG B 1 4  ? 9.395   -4.933  6.670   1.00 45.99 ? 4   ARG B CZ  1 
ATOM   818  N NH1 . ARG B 1 4  ? 9.313   -5.847  5.703   1.00 46.54 ? 4   ARG B NH1 1 
ATOM   819  N NH2 . ARG B 1 4  ? 9.654   -3.668  6.360   1.00 44.22 ? 4   ARG B NH2 1 
ATOM   820  N N   . ARG B 1 5  ? 4.308   -7.361  7.584   1.00 24.96 ? 5   ARG B N   1 
ATOM   821  C CA  . ARG B 1 5  ? 3.149   -6.503  7.836   1.00 21.69 ? 5   ARG B CA  1 
ATOM   822  C C   . ARG B 1 5  ? 1.905   -7.342  8.172   1.00 23.23 ? 5   ARG B C   1 
ATOM   823  O O   . ARG B 1 5  ? 1.165   -7.024  9.093   1.00 19.56 ? 5   ARG B O   1 
ATOM   824  C CB  . ARG B 1 5  ? 2.836   -5.602  6.625   1.00 20.13 ? 5   ARG B CB  1 
ATOM   825  C CG  . ARG B 1 5  ? 3.941   -4.623  6.271   1.00 20.39 ? 5   ARG B CG  1 
ATOM   826  C CD  . ARG B 1 5  ? 4.070   -3.479  7.296   1.00 19.99 ? 5   ARG B CD  1 
ATOM   827  N NE  . ARG B 1 5  ? 5.133   -2.584  6.852   1.00 24.20 ? 5   ARG B NE  1 
ATOM   828  C CZ  . ARG B 1 5  ? 6.208   -2.263  7.559   1.00 27.16 ? 5   ARG B CZ  1 
ATOM   829  N NH1 . ARG B 1 5  ? 6.367   -2.723  8.801   1.00 24.51 ? 5   ARG B NH1 1 
ATOM   830  N NH2 . ARG B 1 5  ? 7.114   -1.461  7.017   1.00 23.05 ? 5   ARG B NH2 1 
ATOM   831  N N   . LEU B 1 6  ? 1.656   -8.384  7.394   1.00 22.29 ? 6   LEU B N   1 
ATOM   832  C CA  . LEU B 1 6  ? 0.513   -9.258  7.657   1.00 24.23 ? 6   LEU B CA  1 
ATOM   833  C C   . LEU B 1 6  ? 0.634   -9.916  9.029   1.00 20.65 ? 6   LEU B C   1 
ATOM   834  O O   . LEU B 1 6  ? -0.298  -9.890  9.818   1.00 23.38 ? 6   LEU B O   1 
ATOM   835  C CB  . LEU B 1 6  ? 0.369   -10.321 6.559   1.00 27.66 ? 6   LEU B CB  1 
ATOM   836  C CG  . LEU B 1 6  ? -0.748  -11.361 6.762   1.00 31.10 ? 6   LEU B CG  1 
ATOM   837  C CD1 . LEU B 1 6  ? -2.131  -10.714 6.780   1.00 21.54 ? 6   LEU B CD1 1 
ATOM   838  C CD2 . LEU B 1 6  ? -0.682  -12.439 5.697   1.00 29.90 ? 6   LEU B CD2 1 
ATOM   839  N N   . LYS B 1 7  ? 1.801   -10.481 9.314   1.00 25.03 ? 7   LYS B N   1 
ATOM   840  C CA  . LYS B 1 7  ? 2.031   -11.157 10.589  1.00 27.33 ? 7   LYS B CA  1 
ATOM   841  C C   . LYS B 1 7  ? 1.896   -10.202 11.771  1.00 25.08 ? 7   LYS B C   1 
ATOM   842  O O   . LYS B 1 7  ? 1.228   -10.510 12.758  1.00 26.05 ? 7   LYS B O   1 
ATOM   843  C CB  . LYS B 1 7  ? 3.411   -11.829 10.613  1.00 31.00 ? 7   LYS B CB  1 
ATOM   844  C CG  . LYS B 1 7  ? 3.627   -12.686 11.863  1.00 30.00 ? 7   LYS B CG  1 
ATOM   845  C CD  . LYS B 1 7  ? 4.941   -13.470 11.806  1.00 36.09 ? 7   LYS B CD  1 
ATOM   846  C CE  . LYS B 1 7  ? 4.976   -14.509 12.926  1.00 47.74 ? 7   LYS B CE  1 
ATOM   847  N NZ  . LYS B 1 7  ? 6.110   -15.467 12.784  1.00 53.42 ? 7   LYS B NZ  1 
ATOM   848  N N   . ASP B 1 8  ? 2.525   -9.034  11.670  1.00 23.33 ? 8   ASP B N   1 
ATOM   849  C CA  . ASP B 1 8  ? 2.414   -8.035  12.729  1.00 24.68 ? 8   ASP B CA  1 
ATOM   850  C C   . ASP B 1 8  ? 0.973   -7.635  12.992  1.00 22.00 ? 8   ASP B C   1 
ATOM   851  O O   . ASP B 1 8  ? 0.557   -7.496  14.146  1.00 26.00 ? 8   ASP B O   1 
ATOM   852  C CB  . ASP B 1 8  ? 3.214   -6.782  12.380  1.00 19.77 ? 8   ASP B CB  1 
ATOM   853  C CG  . ASP B 1 8  ? 4.711   -6.986  12.531  1.00 34.62 ? 8   ASP B CG  1 
ATOM   854  O OD1 . ASP B 1 8  ? 5.110   -7.971  13.181  1.00 32.20 ? 8   ASP B OD1 1 
ATOM   855  O OD2 . ASP B 1 8  ? 5.486   -6.162  12.004  1.00 28.26 ? 8   ASP B OD2 1 
ATOM   856  N N   . ALA B 1 9  ? 0.213   -7.411  11.928  1.00 22.21 ? 9   ALA B N   1 
ATOM   857  C CA  . ALA B 1 9  ? -1.163  -6.941  12.104  1.00 21.32 ? 9   ALA B CA  1 
ATOM   858  C C   . ALA B 1 9  ? -2.021  -8.038  12.746  1.00 22.13 ? 9   ALA B C   1 
ATOM   859  O O   . ALA B 1 9  ? -2.896  -7.755  13.571  1.00 21.76 ? 9   ALA B O   1 
ATOM   860  C CB  . ALA B 1 9  ? -1.758  -6.505  10.793  1.00 21.97 ? 9   ALA B CB  1 
ATOM   861  N N   . ARG B 1 10 ? -1.751  -9.286  12.388  1.00 19.17 ? 10  ARG B N   1 
ATOM   862  C CA  . ARG B 1 10 ? -2.476  -10.397 13.007  1.00 22.64 ? 10  ARG B CA  1 
ATOM   863  C C   . ARG B 1 10 ? -2.106  -10.543 14.482  1.00 22.90 ? 10  ARG B C   1 
ATOM   864  O O   . ARG B 1 10 ? -2.990  -10.689 15.330  1.00 27.88 ? 10  ARG B O   1 
ATOM   865  C CB  . ARG B 1 10 ? -2.253  -11.720 12.277  1.00 26.92 ? 10  ARG B CB  1 
ATOM   866  C CG  . ARG B 1 10 ? -2.962  -12.880 12.974  1.00 23.31 ? 10  ARG B CG  1 
ATOM   867  C CD  . ARG B 1 10 ? -2.749  -14.221 12.286  1.00 25.65 ? 10  ARG B CD  1 
ATOM   868  N NE  . ARG B 1 10 ? -1.347  -14.663 12.259  1.00 27.08 ? 10  ARG B NE  1 
ATOM   869  C CZ  . ARG B 1 10 ? -0.689  -15.194 13.290  1.00 28.89 ? 10  ARG B CZ  1 
ATOM   870  N NH1 . ARG B 1 10 ? -1.279  -15.329 14.475  1.00 29.12 ? 10  ARG B NH1 1 
ATOM   871  N NH2 . ARG B 1 10 ? 0.576   -15.588 13.139  1.00 28.52 ? 10  ARG B NH2 1 
ATOM   872  N N   . LEU B 1 11 ? -0.812  -10.483 14.798  1.00 24.13 ? 11  LEU B N   1 
ATOM   873  C CA  . LEU B 1 11 ? -0.382  -10.544 16.202  1.00 25.23 ? 11  LEU B CA  1 
ATOM   874  C C   . LEU B 1 11 ? -0.968  -9.382  17.011  1.00 27.99 ? 11  LEU B C   1 
ATOM   875  O O   . LEU B 1 11 ? -1.329  -9.525  18.180  1.00 26.85 ? 11  LEU B O   1 
ATOM   876  C CB  . LEU B 1 11 ? 1.145   -10.566 16.319  1.00 26.14 ? 11  LEU B CB  1 
ATOM   877  C CG  . LEU B 1 11 ? 1.821   -11.826 15.748  1.00 26.00 ? 11  LEU B CG  1 
ATOM   878  C CD1 . LEU B 1 11 ? 3.343   -11.673 15.776  1.00 22.09 ? 11  LEU B CD1 1 
ATOM   879  C CD2 . LEU B 1 11 ? 1.364   -13.072 16.527  1.00 30.18 ? 11  LEU B CD2 1 
ATOM   880  N N   . ARG B 1 12 ? -1.075  -8.222  16.392  1.00 22.30 ? 12  ARG B N   1 
ATOM   881  C CA  . ARG B 1 12 ? -1.610  -7.087  17.120  1.00 25.99 ? 12  ARG B CA  1 
ATOM   882  C C   . ARG B 1 12 ? -3.089  -7.291  17.395  1.00 23.61 ? 12  ARG B C   1 
ATOM   883  O O   . ARG B 1 12 ? -3.583  -6.874  18.428  1.00 25.23 ? 12  ARG B O   1 
ATOM   884  C CB  . ARG B 1 12 ? -1.368  -5.758  16.388  1.00 27.62 ? 12  ARG B CB  1 
ATOM   885  C CG  . ARG B 1 12 ? -1.817  -4.563  17.227  1.00 30.13 ? 12  ARG B CG  1 
ATOM   886  C CD  . ARG B 1 12 ? -1.158  -3.263  16.798  1.00 39.86 ? 12  ARG B CD  1 
ATOM   887  N NE  . ARG B 1 12 ? -1.987  -2.578  15.822  1.00 45.16 ? 12  ARG B NE  1 
ATOM   888  C CZ  . ARG B 1 12 ? -2.601  -1.418  16.026  1.00 40.90 ? 12  ARG B CZ  1 
ATOM   889  N NH1 . ARG B 1 12 ? -2.469  -0.755  17.168  1.00 37.14 ? 12  ARG B NH1 1 
ATOM   890  N NH2 . ARG B 1 12 ? -3.341  -0.915  15.063  1.00 39.84 ? 12  ARG B NH2 1 
ATOM   891  N N   . ALA B 1 13 ? -3.804  -7.916  16.471  1.00 23.50 ? 13  ALA B N   1 
ATOM   892  C CA  . ALA B 1 13 ? -5.224  -8.204  16.687  1.00 22.29 ? 13  ALA B CA  1 
ATOM   893  C C   . ALA B 1 13 ? -5.397  -9.292  17.744  1.00 27.08 ? 13  ALA B C   1 
ATOM   894  O O   . ALA B 1 13 ? -6.433  -9.361  18.385  1.00 28.17 ? 13  ALA B O   1 
ATOM   895  C CB  . ALA B 1 13 ? -5.885  -8.637  15.399  1.00 21.54 ? 13  ALA B CB  1 
ATOM   896  N N   . GLY B 1 14 ? -4.383  -10.139 17.902  1.00 25.67 ? 14  GLY B N   1 
ATOM   897  C CA  . GLY B 1 14 ? -4.405  -11.212 18.890  1.00 27.52 ? 14  GLY B CA  1 
ATOM   898  C C   . GLY B 1 14 ? -5.172  -12.448 18.455  1.00 34.86 ? 14  GLY B C   1 
ATOM   899  O O   . GLY B 1 14 ? -5.715  -13.175 19.283  1.00 36.65 ? 14  GLY B O   1 
ATOM   900  N N   . ILE B 1 15 ? -5.218  -12.697 17.152  1.00 34.40 ? 15  ILE B N   1 
ATOM   901  C CA  . ILE B 1 15 ? -5.960  -13.847 16.635  1.00 28.94 ? 15  ILE B CA  1 
ATOM   902  C C   . ILE B 1 15 ? -5.057  -14.819 15.891  1.00 29.18 ? 15  ILE B C   1 
ATOM   903  O O   . ILE B 1 15 ? -4.019  -14.435 15.347  1.00 27.17 ? 15  ILE B O   1 
ATOM   904  C CB  . ILE B 1 15 ? -7.094  -13.403 15.707  1.00 33.97 ? 15  ILE B CB  1 
ATOM   905  C CG1 . ILE B 1 15 ? -6.526  -12.862 14.390  1.00 25.86 ? 15  ILE B CG1 1 
ATOM   906  C CG2 . ILE B 1 15 ? -7.962  -12.373 16.412  1.00 27.71 ? 15  ILE B CG2 1 
ATOM   907  C CD1 . ILE B 1 15 ? -7.589  -12.351 13.388  1.00 29.66 ? 15  ILE B CD1 1 
ATOM   908  N N   . SER B 1 16 ? -5.456  -16.085 15.878  1.00 33.14 ? 16  SER B N   1 
ATOM   909  C CA  . SER B 1 16 ? -4.668  -17.154 15.259  1.00 30.72 ? 16  SER B CA  1 
ATOM   910  C C   . SER B 1 16 ? -4.701  -17.118 13.725  1.00 29.01 ? 16  SER B C   1 
ATOM   911  O O   . SER B 1 16 ? -5.547  -16.464 13.121  1.00 24.46 ? 16  SER B O   1 
ATOM   912  C CB  . SER B 1 16 ? -5.217  -18.496 15.718  1.00 31.48 ? 16  SER B CB  1 
ATOM   913  O OG  . SER B 1 16 ? -6.564  -18.594 15.289  1.00 29.96 ? 16  SER B OG  1 
ATOM   914  N N   . GLN B 1 17 ? -3.787  -17.851 13.093  1.00 24.28 ? 17  GLN B N   1 
ATOM   915  C CA  . GLN B 1 17 ? -3.799  -17.964 11.644  1.00 27.24 ? 17  GLN B CA  1 
ATOM   916  C C   . GLN B 1 17 ? -5.138  -18.529 11.159  1.00 31.04 ? 17  GLN B C   1 
ATOM   917  O O   . GLN B 1 17 ? -5.700  -18.057 10.179  1.00 27.04 ? 17  GLN B O   1 
ATOM   918  C CB  . GLN B 1 17 ? -2.645  -18.847 11.159  1.00 29.62 ? 17  GLN B CB  1 
ATOM   919  C CG  . GLN B 1 17 ? -1.294  -18.171 11.185  1.00 31.61 ? 17  GLN B CG  1 
ATOM   920  C CD  . GLN B 1 17 ? -0.181  -19.102 10.766  1.00 37.85 ? 17  GLN B CD  1 
ATOM   921  O OE1 . GLN B 1 17 ? -0.314  -20.325 10.854  1.00 37.34 ? 17  GLN B OE1 1 
ATOM   922  N NE2 . GLN B 1 17 ? 0.923   -18.532 10.290  1.00 33.66 ? 17  GLN B NE2 1 
ATOM   923  N N   . GLU B 1 18 ? -5.657  -19.534 11.859  1.00 28.57 ? 18  GLU B N   1 
ATOM   924  C CA  . GLU B 1 18 ? -6.918  -20.149 11.450  1.00 30.50 ? 18  GLU B CA  1 
ATOM   925  C C   . GLU B 1 18 ? -8.081  -19.176 11.529  1.00 31.11 ? 18  GLU B C   1 
ATOM   926  O O   . GLU B 1 18 ? -8.888  -19.089 10.596  1.00 34.26 ? 18  GLU B O   1 
ATOM   927  C CB  . GLU B 1 18 ? -7.222  -21.400 12.294  1.00 32.74 ? 18  GLU B CB  1 
ATOM   928  C CG  . GLU B 1 18 ? -8.584  -22.009 12.011  1.00 40.69 ? 18  GLU B CG  1 
ATOM   929  C CD  . GLU B 1 18 ? -8.767  -23.400 12.631  1.00 48.20 ? 18  GLU B CD  1 
ATOM   930  O OE1 . GLU B 1 18 ? -9.754  -23.601 13.369  1.00 46.08 ? 18  GLU B OE1 1 
ATOM   931  O OE2 . GLU B 1 18 ? -7.931  -24.292 12.369  1.00 41.15 ? 18  GLU B OE2 1 
ATOM   932  N N   . LYS B 1 19 ? -8.173  -18.455 12.646  1.00 25.68 ? 19  LYS B N   1 
ATOM   933  C CA  . LYS B 1 19 ? -9.257  -17.501 12.844  1.00 30.74 ? 19  LYS B CA  1 
ATOM   934  C C   . LYS B 1 19 ? -9.208  -16.349 11.832  1.00 35.68 ? 19  LYS B C   1 
ATOM   935  O O   . LYS B 1 19 ? -10.249 -15.862 11.385  1.00 32.46 ? 19  LYS B O   1 
ATOM   936  C CB  . LYS B 1 19 ? -9.238  -16.943 14.267  1.00 26.55 ? 19  LYS B CB  1 
ATOM   937  C CG  . LYS B 1 19 ? -10.324 -15.922 14.516  1.00 32.76 ? 19  LYS B CG  1 
ATOM   938  C CD  . LYS B 1 19 ? -10.708 -15.873 15.981  1.00 48.98 ? 19  LYS B CD  1 
ATOM   939  C CE  . LYS B 1 19 ? -12.022 -15.115 16.187  1.00 56.85 ? 19  LYS B CE  1 
ATOM   940  N NZ  . LYS B 1 19 ? -12.496 -15.205 17.606  1.00 68.42 ? 19  LYS B NZ  1 
ATOM   941  N N   . LEU B 1 20 ? -8.002  -15.904 11.488  1.00 27.80 ? 20  LEU B N   1 
ATOM   942  C CA  . LEU B 1 20 ? -7.864  -14.864 10.472  1.00 25.78 ? 20  LEU B CA  1 
ATOM   943  C C   . LEU B 1 20 ? -8.351  -15.374 9.115   1.00 29.24 ? 20  LEU B C   1 
ATOM   944  O O   . LEU B 1 20 ? -9.156  -14.730 8.440   1.00 28.14 ? 20  LEU B O   1 
ATOM   945  C CB  . LEU B 1 20 ? -6.414  -14.416 10.359  1.00 23.77 ? 20  LEU B CB  1 
ATOM   946  C CG  . LEU B 1 20 ? -6.115  -13.499 9.154   1.00 28.57 ? 20  LEU B CG  1 
ATOM   947  C CD1 . LEU B 1 20 ? -7.018  -12.252 9.127   1.00 22.41 ? 20  LEU B CD1 1 
ATOM   948  C CD2 . LEU B 1 20 ? -4.656  -13.107 9.179   1.00 25.31 ? 20  LEU B CD2 1 
ATOM   949  N N   . GLY B 1 21 ? -7.841  -16.533 8.705   1.00 27.17 ? 21  GLY B N   1 
ATOM   950  C CA  . GLY B 1 21 ? -8.305  -17.152 7.476   1.00 31.03 ? 21  GLY B CA  1 
ATOM   951  C C   . GLY B 1 21 ? -9.820  -17.332 7.461   1.00 34.28 ? 21  GLY B C   1 
ATOM   952  O O   . GLY B 1 21 ? -10.481 -17.019 6.460   1.00 33.64 ? 21  GLY B O   1 
ATOM   953  N N   . VAL B 1 22 ? -10.373 -17.849 8.558   1.00 29.08 ? 22  VAL B N   1 
ATOM   954  C CA  . VAL B 1 22 ? -11.820 -18.082 8.627   1.00 36.40 ? 22  VAL B CA  1 
ATOM   955  C C   . VAL B 1 22 ? -12.626 -16.788 8.471   1.00 33.95 ? 22  VAL B C   1 
ATOM   956  O O   . VAL B 1 22 ? -13.526 -16.717 7.642   1.00 31.48 ? 22  VAL B O   1 
ATOM   957  C CB  . VAL B 1 22 ? -12.248 -18.834 9.920   1.00 37.89 ? 22  VAL B CB  1 
ATOM   958  C CG1 . VAL B 1 22 ? -13.756 -18.698 10.143  1.00 39.92 ? 22  VAL B CG1 1 
ATOM   959  C CG2 . VAL B 1 22 ? -11.835 -20.315 9.849   1.00 35.00 ? 22  VAL B CG2 1 
ATOM   960  N N   . LEU B 1 23 ? -12.303 -15.766 9.262   1.00 33.08 ? 23  LEU B N   1 
ATOM   961  C CA  . LEU B 1 23 ? -12.995 -14.480 9.145   1.00 28.92 ? 23  LEU B CA  1 
ATOM   962  C C   . LEU B 1 23 ? -12.786 -13.855 7.777   1.00 34.77 ? 23  LEU B C   1 
ATOM   963  O O   . LEU B 1 23 ? -13.547 -12.983 7.362   1.00 31.81 ? 23  LEU B O   1 
ATOM   964  C CB  . LEU B 1 23 ? -12.508 -13.506 10.213  1.00 35.97 ? 23  LEU B CB  1 
ATOM   965  C CG  . LEU B 1 23 ? -12.741 -13.967 11.638  1.00 33.91 ? 23  LEU B CG  1 
ATOM   966  C CD1 . LEU B 1 23 ? -11.927 -13.124 12.596  1.00 34.15 ? 23  LEU B CD1 1 
ATOM   967  C CD2 . LEU B 1 23 ? -14.238 -13.881 11.942  1.00 41.14 ? 23  LEU B CD2 1 
ATOM   968  N N   . ALA B 1 24 ? -11.743 -14.285 7.072   1.00 34.79 ? 24  ALA B N   1 
ATOM   969  C CA  . ALA B 1 24 ? -11.486 -13.746 5.736   1.00 33.13 ? 24  ALA B CA  1 
ATOM   970  C C   . ALA B 1 24 ? -12.227 -14.551 4.661   1.00 40.87 ? 24  ALA B C   1 
ATOM   971  O O   . ALA B 1 24 ? -12.145 -14.236 3.470   1.00 40.28 ? 24  ALA B O   1 
ATOM   972  C CB  . ALA B 1 24 ? -9.990  -13.696 5.437   1.00 30.81 ? 24  ALA B CB  1 
ATOM   973  N N   . GLY B 1 25 ? -12.941 -15.591 5.078   1.00 37.82 ? 25  GLY B N   1 
ATOM   974  C CA  . GLY B 1 25 ? -13.817 -16.313 4.164   1.00 39.69 ? 25  GLY B CA  1 
ATOM   975  C C   . GLY B 1 25 ? -13.242 -17.601 3.598   1.00 48.44 ? 25  GLY B C   1 
ATOM   976  O O   . GLY B 1 25 ? -13.785 -18.173 2.652   1.00 51.02 ? 25  GLY B O   1 
ATOM   977  N N   . ILE B 1 26 ? -12.142 -18.068 4.178   1.00 42.73 ? 26  ILE B N   1 
ATOM   978  C CA  . ILE B 1 26 ? -11.508 -19.305 3.734   1.00 38.26 ? 26  ILE B CA  1 
ATOM   979  C C   . ILE B 1 26 ? -12.081 -20.511 4.489   1.00 41.39 ? 26  ILE B C   1 
ATOM   980  O O   . ILE B 1 26 ? -12.307 -20.443 5.697   1.00 40.48 ? 26  ILE B O   1 
ATOM   981  C CB  . ILE B 1 26 ? -9.967  -19.230 3.900   1.00 40.57 ? 26  ILE B CB  1 
ATOM   982  C CG1 . ILE B 1 26 ? -9.397  -18.089 3.048   1.00 40.58 ? 26  ILE B CG1 1 
ATOM   983  C CG2 . ILE B 1 26 ? -9.294  -20.549 3.534   1.00 38.61 ? 26  ILE B CG2 1 
ATOM   984  C CD1 . ILE B 1 26 ? -7.903  -17.869 3.237   1.00 46.84 ? 26  ILE B CD1 1 
ATOM   985  N N   . ASP B 1 27 ? -12.336 -21.601 3.764   1.00 45.78 ? 27  ASP B N   1 
ATOM   986  C CA  . ASP B 1 27 ? -12.838 -22.852 4.358   1.00 41.85 ? 27  ASP B CA  1 
ATOM   987  C C   . ASP B 1 27 ? -11.962 -23.194 5.546   1.00 41.78 ? 27  ASP B C   1 
ATOM   988  O O   . ASP B 1 27 ? -10.737 -23.260 5.413   1.00 44.97 ? 27  ASP B O   1 
ATOM   989  C CB  . ASP B 1 27 ? -12.809 -23.979 3.306   1.00 51.32 ? 27  ASP B CB  1 
ATOM   990  C CG  . ASP B 1 27 ? -13.086 -25.375 3.892   1.00 54.63 ? 27  ASP B CG  1 
ATOM   991  O OD1 . ASP B 1 27 ? -12.281 -26.289 3.614   1.00 56.82 ? 27  ASP B OD1 1 
ATOM   992  O OD2 . ASP B 1 27 ? -14.101 -25.574 4.603   1.00 44.19 ? 27  ASP B OD2 1 
ATOM   993  N N   . GLU B 1 28 ? -12.573 -23.413 6.691   1.00 47.97 ? 28  GLU B N   1 
ATOM   994  C CA  . GLU B 1 28 ? -11.834 -23.562 7.926   1.00 46.81 ? 28  GLU B CA  1 
ATOM   995  C C   . GLU B 1 28 ? -10.868 -24.718 7.881   1.00 42.88 ? 28  GLU B C   1 
ATOM   996  O O   . GLU B 1 28 ? -9.860  -24.709 8.534   1.00 43.05 ? 28  GLU B O   1 
ATOM   997  C CB  . GLU B 1 28 ? -12.806 -23.731 9.066   1.00 51.84 ? 28  GLU B CB  1 
ATOM   998  C CG  . GLU B 1 28 ? -14.154 -23.619 8.563   1.00 60.21 ? 28  GLU B CG  1 
ATOM   999  C CD  . GLU B 1 28 ? -15.021 -22.796 9.418   1.00 69.92 ? 28  GLU B CD  1 
ATOM   1000 O OE1 . GLU B 1 28 ? -15.695 -21.957 8.852   1.00 67.66 ? 28  GLU B OE1 1 
ATOM   1001 O OE2 . GLU B 1 28 ? -15.043 -23.005 10.646  1.00 54.87 ? 28  GLU B OE2 1 
ATOM   1002 N N   . ALA B 1 29 ? -11.198 -25.720 7.093   1.00 46.37 ? 29  ALA B N   1 
ATOM   1003 C CA  . ALA B 1 29 ? -10.317 -26.868 6.908   1.00 42.79 ? 29  ALA B CA  1 
ATOM   1004 C C   . ALA B 1 29 ? -8.965  -26.444 6.342   1.00 43.01 ? 29  ALA B C   1 
ATOM   1005 O O   . ALA B 1 29 ? -7.951  -27.075 6.628   1.00 37.86 ? 29  ALA B O   1 
ATOM   1006 C CB  . ALA B 1 29 ? -10.961 -27.883 5.998   1.00 49.30 ? 29  ALA B CB  1 
ATOM   1007 N N   . SER B 1 30 ? -8.962  -25.373 5.548   1.00 37.96 ? 30  SER B N   1 
ATOM   1008 C CA  . SER B 1 30 ? -7.750  -24.903 4.872   1.00 38.22 ? 30  SER B CA  1 
ATOM   1009 C C   . SER B 1 30 ? -7.243  -23.574 5.423   1.00 39.25 ? 30  SER B C   1 
ATOM   1010 O O   . SER B 1 30 ? -6.181  -23.096 5.003   1.00 39.61 ? 30  SER B O   1 
ATOM   1011 C CB  . SER B 1 30 ? -8.018  -24.726 3.373   1.00 46.75 ? 30  SER B CB  1 
ATOM   1012 O OG  . SER B 1 30 ? -8.865  -25.751 2.871   1.00 56.98 ? 30  SER B OG  1 
ATOM   1013 N N   . ALA B 1 31 ? -8.011  -22.976 6.335   1.00 33.67 ? 31  ALA B N   1 
ATOM   1014 C CA  . ALA B 1 31 ? -7.754  -21.610 6.803   1.00 34.08 ? 31  ALA B CA  1 
ATOM   1015 C C   . ALA B 1 31 ? -6.312  -21.394 7.281   1.00 34.01 ? 31  ALA B C   1 
ATOM   1016 O O   . ALA B 1 31 ? -5.578  -20.572 6.728   1.00 31.05 ? 31  ALA B O   1 
ATOM   1017 C CB  . ALA B 1 31 ? -8.754  -21.213 7.892   1.00 29.24 ? 31  ALA B CB  1 
ATOM   1018 N N   . SER B 1 32 ? -5.897  -22.125 8.310   1.00 34.77 ? 32  SER B N   1 
ATOM   1019 C CA  . SER B 1 32 ? -4.568  -21.880 8.874   1.00 34.91 ? 32  SER B CA  1 
ATOM   1020 C C   . SER B 1 32 ? -3.429  -22.139 7.871   1.00 39.67 ? 32  SER B C   1 
ATOM   1021 O O   . SER B 1 32 ? -2.478  -21.366 7.789   1.00 38.92 ? 32  SER B O   1 
ATOM   1022 C CB  . SER B 1 32 ? -4.353  -22.641 10.194  1.00 37.59 ? 32  SER B CB  1 
ATOM   1023 O OG  . SER B 1 32 ? -4.434  -24.042 10.008  1.00 48.24 ? 32  SER B OG  1 
ATOM   1024 N N   . ALA B 1 33 ? -3.531  -23.212 7.095   1.00 37.41 ? 33  ALA B N   1 
ATOM   1025 C CA  . ALA B 1 33 ? -2.522  -23.491 6.073   1.00 34.48 ? 33  ALA B CA  1 
ATOM   1026 C C   . ALA B 1 33 ? -2.403  -22.347 5.065   1.00 39.33 ? 33  ALA B C   1 
ATOM   1027 O O   . ALA B 1 33 ? -1.299  -21.948 4.690   1.00 39.83 ? 33  ALA B O   1 
ATOM   1028 C CB  . ALA B 1 33 ? -2.837  -24.791 5.349   1.00 43.41 ? 33  ALA B CB  1 
ATOM   1029 N N   . ARG B 1 34 ? -3.546  -21.832 4.622   1.00 31.81 ? 34  ARG B N   1 
ATOM   1030 C CA  . ARG B 1 34 ? -3.559  -20.749 3.652   1.00 38.45 ? 34  ARG B CA  1 
ATOM   1031 C C   . ARG B 1 34 ? -2.918  -19.492 4.248   1.00 37.73 ? 34  ARG B C   1 
ATOM   1032 O O   . ARG B 1 34 ? -2.109  -18.827 3.594   1.00 34.41 ? 34  ARG B O   1 
ATOM   1033 C CB  . ARG B 1 34 ? -4.991  -20.473 3.204   1.00 40.44 ? 34  ARG B CB  1 
ATOM   1034 C CG  . ARG B 1 34 ? -5.113  -19.688 1.907   1.00 56.41 ? 34  ARG B CG  1 
ATOM   1035 C CD  . ARG B 1 34 ? -4.419  -20.396 0.748   1.00 58.40 ? 34  ARG B CD  1 
ATOM   1036 N NE  . ARG B 1 34 ? -4.416  -21.853 0.894   1.00 58.34 ? 34  ARG B NE  1 
ATOM   1037 C CZ  . ARG B 1 34 ? -5.416  -22.652 0.530   1.00 64.94 ? 34  ARG B CZ  1 
ATOM   1038 N NH1 . ARG B 1 34 ? -6.524  -22.141 0.001   1.00 67.23 ? 34  ARG B NH1 1 
ATOM   1039 N NH2 . ARG B 1 34 ? -5.313  -23.967 0.701   1.00 59.30 ? 34  ARG B NH2 1 
ATOM   1040 N N   . MET B 1 35 ? -3.267  -19.177 5.492   1.00 33.11 ? 35  MET B N   1 
ATOM   1041 C CA  . MET B 1 35 ? -2.704  -18.006 6.139   1.00 32.17 ? 35  MET B CA  1 
ATOM   1042 C C   . MET B 1 35 ? -1.216  -18.193 6.352   1.00 36.00 ? 35  MET B C   1 
ATOM   1043 O O   . MET B 1 35 ? -0.426  -17.266 6.156   1.00 35.23 ? 35  MET B O   1 
ATOM   1044 C CB  . MET B 1 35 ? -3.405  -17.703 7.464   1.00 26.87 ? 35  MET B CB  1 
ATOM   1045 C CG  . MET B 1 35 ? -4.834  -17.203 7.290   1.00 32.37 ? 35  MET B CG  1 
ATOM   1046 S SD  . MET B 1 35 ? -4.957  -15.896 6.054   1.00 37.12 ? 35  MET B SD  1 
ATOM   1047 C CE  . MET B 1 35 ? -3.556  -14.872 6.521   1.00 35.29 ? 35  MET B CE  1 
ATOM   1048 N N   . ASN B 1 36 ? -0.823  -19.399 6.743   1.00 29.47 ? 36  ASN B N   1 
ATOM   1049 C CA  . ASN B 1 36 ? 0.587   -19.648 7.002   1.00 31.67 ? 36  ASN B CA  1 
ATOM   1050 C C   . ASN B 1 36 ? 1.384   -19.478 5.718   1.00 38.33 ? 36  ASN B C   1 
ATOM   1051 O O   . ASN B 1 36 ? 2.484   -18.939 5.717   1.00 32.89 ? 36  ASN B O   1 
ATOM   1052 C CB  . ASN B 1 36 ? 0.806   -21.039 7.599   1.00 33.34 ? 36  ASN B CB  1 
ATOM   1053 C CG  . ASN B 1 36 ? 2.200   -21.211 8.176   1.00 44.25 ? 36  ASN B CG  1 
ATOM   1054 O OD1 . ASN B 1 36 ? 2.650   -20.421 9.017   1.00 36.94 ? 36  ASN B OD1 1 
ATOM   1055 N ND2 . ASN B 1 36 ? 2.895   -22.252 7.730   1.00 39.56 ? 36  ASN B ND2 1 
ATOM   1056 N N   . GLN B 1 37 ? 0.808   -19.934 4.615   1.00 32.42 ? 37  GLN B N   1 
ATOM   1057 C CA  . GLN B 1 37 ? 1.444   -19.790 3.318   1.00 32.78 ? 37  GLN B CA  1 
ATOM   1058 C C   . GLN B 1 37 ? 1.668   -18.312 2.974   1.00 36.80 ? 37  GLN B C   1 
ATOM   1059 O O   . GLN B 1 37 ? 2.728   -17.943 2.476   1.00 36.39 ? 37  GLN B O   1 
ATOM   1060 C CB  . GLN B 1 37 ? 0.590   -20.470 2.243   1.00 36.61 ? 37  GLN B CB  1 
ATOM   1061 C CG  . GLN B 1 37 ? 0.595   -21.995 2.336   1.00 39.80 ? 37  GLN B CG  1 
ATOM   1062 C CD  . GLN B 1 37 ? -0.596  -22.647 1.644   1.00 44.89 ? 37  GLN B CD  1 
ATOM   1063 O OE1 . GLN B 1 37 ? -0.894  -23.821 1.872   1.00 58.53 ? 37  GLN B OE1 1 
ATOM   1064 N NE2 . GLN B 1 37 ? -1.288  -21.886 0.806   1.00 42.52 ? 37  GLN B NE2 1 
ATOM   1065 N N   . TYR B 1 38 ? 0.668   -17.472 3.234   1.00 32.25 ? 38  TYR B N   1 
ATOM   1066 C CA  . TYR B 1 38 ? 0.801   -16.034 2.993   1.00 34.64 ? 38  TYR B CA  1 
ATOM   1067 C C   . TYR B 1 38 ? 1.898   -15.474 3.894   1.00 34.15 ? 38  TYR B C   1 
ATOM   1068 O O   . TYR B 1 38 ? 2.755   -14.693 3.449   1.00 33.59 ? 38  TYR B O   1 
ATOM   1069 C CB  . TYR B 1 38 ? -0.520  -15.307 3.298   1.00 31.60 ? 38  TYR B CB  1 
ATOM   1070 C CG  . TYR B 1 38 ? -1.629  -15.549 2.299   1.00 34.85 ? 38  TYR B CG  1 
ATOM   1071 C CD1 . TYR B 1 38 ? -1.349  -15.828 0.970   1.00 31.59 ? 38  TYR B CD1 1 
ATOM   1072 C CD2 . TYR B 1 38 ? -2.958  -15.450 2.680   1.00 31.65 ? 38  TYR B CD2 1 
ATOM   1073 C CE1 . TYR B 1 38 ? -2.363  -16.028 0.057   1.00 36.69 ? 38  TYR B CE1 1 
ATOM   1074 C CE2 . TYR B 1 38 ? -3.971  -15.653 1.779   1.00 36.37 ? 38  TYR B CE2 1 
ATOM   1075 C CZ  . TYR B 1 38 ? -3.671  -15.936 0.468   1.00 34.07 ? 38  TYR B CZ  1 
ATOM   1076 O OH  . TYR B 1 38 ? -4.692  -16.131 -0.428  1.00 39.54 ? 38  TYR B OH  1 
ATOM   1077 N N   . GLU B 1 39 ? 1.874   -15.881 5.163   1.00 32.05 ? 39  GLU B N   1 
ATOM   1078 C CA  . GLU B 1 39 ? 2.800   -15.330 6.152   1.00 27.29 ? 39  GLU B CA  1 
ATOM   1079 C C   . GLU B 1 39 ? 4.231   -15.820 5.971   1.00 31.37 ? 39  GLU B C   1 
ATOM   1080 O O   . GLU B 1 39 ? 5.171   -15.183 6.443   1.00 33.52 ? 39  GLU B O   1 
ATOM   1081 C CB  . GLU B 1 39 ? 2.312   -15.600 7.580   1.00 27.91 ? 39  GLU B CB  1 
ATOM   1082 C CG  . GLU B 1 39 ? 1.108   -14.747 7.983   1.00 28.48 ? 39  GLU B CG  1 
ATOM   1083 C CD  . GLU B 1 39 ? 0.766   -14.855 9.458   1.00 34.41 ? 39  GLU B CD  1 
ATOM   1084 O OE1 . GLU B 1 39 ? 1.363   -15.704 10.160  1.00 34.28 ? 39  GLU B OE1 1 
ATOM   1085 O OE2 . GLU B 1 39 ? -0.115  -14.096 9.915   1.00 35.55 ? 39  GLU B OE2 1 
ATOM   1086 N N   . LYS B 1 40 ? 4.397   -16.952 5.291   1.00 30.64 ? 40  LYS B N   1 
ATOM   1087 C CA  . LYS B 1 40 ? 5.727   -17.499 5.033   1.00 30.89 ? 40  LYS B CA  1 
ATOM   1088 C C   . LYS B 1 40 ? 6.237   -17.098 3.654   1.00 38.82 ? 40  LYS B C   1 
ATOM   1089 O O   . LYS B 1 40 ? 7.407   -17.314 3.330   1.00 44.43 ? 40  LYS B O   1 
ATOM   1090 C CB  . LYS B 1 40 ? 5.718   -19.023 5.161   1.00 35.78 ? 40  LYS B CB  1 
ATOM   1091 C CG  . LYS B 1 40 ? 5.435   -19.510 6.569   1.00 33.23 ? 40  LYS B CG  1 
ATOM   1092 C CD  . LYS B 1 40 ? 6.417   -18.896 7.557   1.00 46.64 ? 40  LYS B CD  1 
ATOM   1093 C CE  . LYS B 1 40 ? 5.921   -19.021 8.990   1.00 51.63 ? 40  LYS B CE  1 
ATOM   1094 N NZ  . LYS B 1 40 ? 5.524   -20.420 9.281   1.00 53.17 ? 40  LYS B NZ  1 
ATOM   1095 N N   . GLY B 1 41 ? 5.356   -16.518 2.845   1.00 33.06 ? 41  GLY B N   1 
ATOM   1096 C CA  . GLY B 1 41 ? 5.750   -15.972 1.559   1.00 34.94 ? 41  GLY B CA  1 
ATOM   1097 C C   . GLY B 1 41 ? 5.677   -16.980 0.433   1.00 47.16 ? 41  GLY B C   1 
ATOM   1098 O O   . GLY B 1 41 ? 6.201   -16.733 -0.655  1.00 38.93 ? 41  GLY B O   1 
ATOM   1099 N N   . LYS B 1 42 ? 5.035   -18.118 0.698   1.00 39.96 ? 42  LYS B N   1 
ATOM   1100 C CA  . LYS B 1 42 ? 4.849   -19.159 -0.313  1.00 47.10 ? 42  LYS B CA  1 
ATOM   1101 C C   . LYS B 1 42 ? 3.889   -18.712 -1.412  1.00 51.27 ? 42  LYS B C   1 
ATOM   1102 O O   . LYS B 1 42 ? 4.147   -18.927 -2.594  1.00 47.67 ? 42  LYS B O   1 
ATOM   1103 C CB  . LYS B 1 42 ? 4.363   -20.468 0.330   1.00 48.75 ? 42  LYS B CB  1 
ATOM   1104 C CG  . LYS B 1 42 ? 5.499   -21.328 0.894   1.00 63.59 ? 42  LYS B CG  1 
ATOM   1105 C CD  . LYS B 1 42 ? 6.500   -21.690 -0.209  1.00 63.90 ? 42  LYS B CD  1 
ATOM   1106 C CE  . LYS B 1 42 ? 7.649   -22.551 0.302   1.00 70.61 ? 42  LYS B CE  1 
ATOM   1107 N NZ  . LYS B 1 42 ? 8.565   -22.956 -0.813  1.00 62.80 ? 42  LYS B NZ  1 
ATOM   1108 N N   . HIS B 1 43 ? 2.778   -18.097 -1.019  1.00 43.26 ? 43  HIS B N   1 
ATOM   1109 C CA  . HIS B 1 43 ? 1.859   -17.502 -1.987  1.00 41.95 ? 43  HIS B CA  1 
ATOM   1110 C C   . HIS B 1 43 ? 1.616   -16.045 -1.627  1.00 43.30 ? 43  HIS B C   1 
ATOM   1111 O O   . HIS B 1 43 ? 1.725   -15.667 -0.462  1.00 37.38 ? 43  HIS B O   1 
ATOM   1112 C CB  . HIS B 1 43 ? 0.524   -18.249 -2.010  1.00 45.17 ? 43  HIS B CB  1 
ATOM   1113 C CG  . HIS B 1 43 ? 0.652   -19.706 -2.327  1.00 59.53 ? 43  HIS B CG  1 
ATOM   1114 N ND1 . HIS B 1 43 ? 1.183   -20.162 -3.515  1.00 53.27 ? 43  HIS B ND1 1 
ATOM   1115 C CD2 . HIS B 1 43 ? 0.312   -20.809 -1.616  1.00 53.65 ? 43  HIS B CD2 1 
ATOM   1116 C CE1 . HIS B 1 43 ? 1.167   -21.485 -3.522  1.00 57.08 ? 43  HIS B CE1 1 
ATOM   1117 N NE2 . HIS B 1 43 ? 0.645   -21.901 -2.384  1.00 63.31 ? 43  HIS B NE2 1 
ATOM   1118 N N   . ALA B 1 44 ? 1.299   -15.228 -2.628  1.00 42.08 ? 44  ALA B N   1 
ATOM   1119 C CA  . ALA B 1 44 ? 0.871   -13.854 -2.378  1.00 43.33 ? 44  ALA B CA  1 
ATOM   1120 C C   . ALA B 1 44 ? -0.628  -13.759 -2.597  1.00 41.13 ? 44  ALA B C   1 
ATOM   1121 O O   . ALA B 1 44 ? -1.135  -14.266 -3.593  1.00 40.27 ? 44  ALA B O   1 
ATOM   1122 C CB  . ALA B 1 44 ? 1.597   -12.886 -3.305  1.00 37.62 ? 44  ALA B CB  1 
ATOM   1123 N N   . PRO B 1 45 ? -1.345  -13.096 -1.675  1.00 39.20 ? 45  PRO B N   1 
ATOM   1124 C CA  . PRO B 1 45 ? -2.779  -12.885 -1.891  1.00 33.99 ? 45  PRO B CA  1 
ATOM   1125 C C   . PRO B 1 45 ? -2.937  -11.907 -3.034  1.00 41.72 ? 45  PRO B C   1 
ATOM   1126 O O   . PRO B 1 45 ? -2.011  -11.123 -3.252  1.00 33.28 ? 45  PRO B O   1 
ATOM   1127 C CB  . PRO B 1 45 ? -3.240  -12.199 -0.595  1.00 36.15 ? 45  PRO B CB  1 
ATOM   1128 C CG  . PRO B 1 45 ? -2.092  -12.295 0.363   1.00 36.03 ? 45  PRO B CG  1 
ATOM   1129 C CD  . PRO B 1 45 ? -0.860  -12.406 -0.467  1.00 40.17 ? 45  PRO B CD  1 
ATOM   1130 N N   . ASP B 1 46 ? -4.061  -11.931 -3.746  1.00 34.55 ? 46  ASP B N   1 
ATOM   1131 C CA  . ASP B 1 46 ? -4.302  -10.867 -4.700  1.00 34.46 ? 46  ASP B CA  1 
ATOM   1132 C C   . ASP B 1 46 ? -4.885  -9.686  -3.936  1.00 33.43 ? 46  ASP B C   1 
ATOM   1133 O O   . ASP B 1 46 ? -5.207  -9.812  -2.756  1.00 36.45 ? 46  ASP B O   1 
ATOM   1134 C CB  . ASP B 1 46 ? -5.183  -11.330 -5.872  1.00 41.04 ? 46  ASP B CB  1 
ATOM   1135 C CG  . ASP B 1 46 ? -6.544  -11.822 -5.434  1.00 46.63 ? 46  ASP B CG  1 
ATOM   1136 O OD1 . ASP B 1 46 ? -7.152  -12.602 -6.200  1.00 49.41 ? 46  ASP B OD1 1 
ATOM   1137 O OD2 . ASP B 1 46 ? -7.009  -11.428 -4.342  1.00 41.80 ? 46  ASP B OD2 1 
ATOM   1138 N N   . PHE B 1 47 ? -5.001  -8.536  -4.591  1.00 34.61 ? 47  PHE B N   1 
ATOM   1139 C CA  . PHE B 1 47 ? -5.412  -7.315  -3.901  1.00 31.73 ? 47  PHE B CA  1 
ATOM   1140 C C   . PHE B 1 47 ? -6.785  -7.476  -3.248  1.00 34.96 ? 47  PHE B C   1 
ATOM   1141 O O   . PHE B 1 47 ? -7.062  -6.906  -2.196  1.00 29.83 ? 47  PHE B O   1 
ATOM   1142 C CB  . PHE B 1 47 ? -5.408  -6.129  -4.876  1.00 31.56 ? 47  PHE B CB  1 
ATOM   1143 C CG  . PHE B 1 47 ? -5.527  -4.778  -4.210  1.00 35.51 ? 47  PHE B CG  1 
ATOM   1144 C CD1 . PHE B 1 47 ? -4.735  -4.455  -3.112  1.00 29.86 ? 47  PHE B CD1 1 
ATOM   1145 C CD2 . PHE B 1 47 ? -6.404  -3.818  -4.701  1.00 31.85 ? 47  PHE B CD2 1 
ATOM   1146 C CE1 . PHE B 1 47 ? -4.831  -3.215  -2.504  1.00 25.98 ? 47  PHE B CE1 1 
ATOM   1147 C CE2 . PHE B 1 47 ? -6.506  -2.575  -4.094  1.00 32.88 ? 47  PHE B CE2 1 
ATOM   1148 C CZ  . PHE B 1 47 ? -5.717  -2.271  -2.991  1.00 28.19 ? 47  PHE B CZ  1 
ATOM   1149 N N   . GLU B 1 48 ? -7.660  -8.241  -3.884  1.00 33.67 ? 48  GLU B N   1 
ATOM   1150 C CA  . GLU B 1 48 ? -9.000  -8.440  -3.338  1.00 35.59 ? 48  GLU B CA  1 
ATOM   1151 C C   . GLU B 1 48 ? -8.925  -9.203  -2.000  1.00 34.09 ? 48  GLU B C   1 
ATOM   1152 O O   . GLU B 1 48 ? -9.596  -8.848  -1.043  1.00 33.54 ? 48  GLU B O   1 
ATOM   1153 C CB  . GLU B 1 48 ? -9.886  -9.182  -4.346  1.00 40.28 ? 48  GLU B CB  1 
ATOM   1154 C CG  . GLU B 1 48 ? -10.124 -8.428  -5.669  1.00 55.64 ? 48  GLU B CG  1 
ATOM   1155 C CD  . GLU B 1 48 ? -8.835  -7.946  -6.363  1.00 59.69 ? 48  GLU B CD  1 
ATOM   1156 O OE1 . GLU B 1 48 ? -7.934  -8.777  -6.661  1.00 42.08 ? 48  GLU B OE1 1 
ATOM   1157 O OE2 . GLU B 1 48 ? -8.737  -6.723  -6.624  1.00 66.21 ? 48  GLU B OE2 1 
ATOM   1158 N N   . MET B 1 49 ? -8.096  -10.243 -1.942  1.00 31.35 ? 49  MET B N   1 
ATOM   1159 C CA  . MET B 1 49 ? -7.917  -11.022 -0.716  1.00 25.45 ? 49  MET B CA  1 
ATOM   1160 C C   . MET B 1 49 ? -7.192  -10.186 0.332   1.00 33.77 ? 49  MET B C   1 
ATOM   1161 O O   . MET B 1 49 ? -7.526  -10.230 1.521   1.00 33.67 ? 49  MET B O   1 
ATOM   1162 C CB  . MET B 1 49 ? -7.116  -12.297 -1.005  1.00 28.68 ? 49  MET B CB  1 
ATOM   1163 C CG  . MET B 1 49 ? -6.679  -13.053 0.249   1.00 37.80 ? 49  MET B CG  1 
ATOM   1164 S SD  . MET B 1 49 ? -8.067  -13.646 1.240   1.00 43.56 ? 49  MET B SD  1 
ATOM   1165 C CE  . MET B 1 49 ? -8.662  -14.969 0.182   1.00 47.81 ? 49  MET B CE  1 
ATOM   1166 N N   . ALA B 1 50 ? -6.210  -9.398  -0.101  1.00 29.27 ? 50  ALA B N   1 
ATOM   1167 C CA  . ALA B 1 50 ? -5.533  -8.522  0.852   1.00 30.57 ? 50  ALA B CA  1 
ATOM   1168 C C   . ALA B 1 50 ? -6.519  -7.544  1.495   1.00 27.32 ? 50  ALA B C   1 
ATOM   1169 O O   . ALA B 1 50 ? -6.470  -7.323  2.699   1.00 25.88 ? 50  ALA B O   1 
ATOM   1170 C CB  . ALA B 1 50 ? -4.372  -7.793  0.210   1.00 24.00 ? 50  ALA B CB  1 
ATOM   1171 N N   . ASN B 1 51 ? -7.414  -6.964  0.699   1.00 25.06 ? 51  ASN B N   1 
ATOM   1172 C CA  . ASN B 1 51 ? -8.461  -6.103  1.246   1.00 22.11 ? 51  ASN B CA  1 
ATOM   1173 C C   . ASN B 1 51 ? -9.346  -6.807  2.266   1.00 34.12 ? 51  ASN B C   1 
ATOM   1174 O O   . ASN B 1 51 ? -9.819  -6.181  3.230   1.00 29.25 ? 51  ASN B O   1 
ATOM   1175 C CB  . ASN B 1 51 ? -9.352  -5.540  0.142   1.00 25.67 ? 51  ASN B CB  1 
ATOM   1176 C CG  . ASN B 1 51 ? -8.800  -4.263  -0.444  1.00 40.24 ? 51  ASN B CG  1 
ATOM   1177 O OD1 . ASN B 1 51 ? -9.009  -3.174  0.108   1.00 36.99 ? 51  ASN B OD1 1 
ATOM   1178 N ND2 . ASN B 1 51 ? -8.066  -4.385  -1.552  1.00 32.63 ? 51  ASN B ND2 1 
ATOM   1179 N N   . ARG B 1 52 ? -9.607  -8.091  2.042   1.00 27.97 ? 52  ARG B N   1 
ATOM   1180 C CA  . ARG B 1 52 ? -10.401 -8.839  3.012   1.00 34.91 ? 52  ARG B CA  1 
ATOM   1181 C C   . ARG B 1 52 ? -9.619  -9.000  4.299   1.00 26.49 ? 52  ARG B C   1 
ATOM   1182 O O   . ARG B 1 52 ? -10.156 -8.793  5.373   1.00 29.00 ? 52  ARG B O   1 
ATOM   1183 C CB  . ARG B 1 52 ? -10.830 -10.208 2.478   1.00 34.83 ? 52  ARG B CB  1 
ATOM   1184 C CG  . ARG B 1 52 ? -12.185 -10.187 1.783   1.00 37.82 ? 52  ARG B CG  1 
ATOM   1185 C CD  . ARG B 1 52 ? -12.634 -11.594 1.412   1.00 52.41 ? 52  ARG B CD  1 
ATOM   1186 N NE  . ARG B 1 52 ? -11.898 -12.126 0.270   1.00 50.12 ? 52  ARG B NE  1 
ATOM   1187 C CZ  . ARG B 1 52 ? -11.950 -13.393 -0.124  1.00 61.93 ? 52  ARG B CZ  1 
ATOM   1188 N NH1 . ARG B 1 52 ? -12.706 -14.266 0.535   1.00 63.41 ? 52  ARG B NH1 1 
ATOM   1189 N NH2 . ARG B 1 52 ? -11.244 -13.789 -1.174  1.00 61.48 ? 52  ARG B NH2 1 
ATOM   1190 N N   . LEU B 1 53 ? -8.348  -9.377  4.189   1.00 24.49 ? 53  LEU B N   1 
ATOM   1191 C CA  . LEU B 1 53 ? -7.506  -9.541  5.372   1.00 22.67 ? 53  LEU B CA  1 
ATOM   1192 C C   . LEU B 1 53 ? -7.442  -8.244  6.169   1.00 26.19 ? 53  LEU B C   1 
ATOM   1193 O O   . LEU B 1 53 ? -7.585  -8.257  7.388   1.00 24.54 ? 53  LEU B O   1 
ATOM   1194 C CB  . LEU B 1 53 ? -6.095  -10.001 4.981   1.00 24.31 ? 53  LEU B CB  1 
ATOM   1195 C CG  . LEU B 1 53 ? -6.062  -11.356 4.262   1.00 29.73 ? 53  LEU B CG  1 
ATOM   1196 C CD1 . LEU B 1 53 ? -4.679  -11.627 3.703   1.00 28.16 ? 53  LEU B CD1 1 
ATOM   1197 C CD2 . LEU B 1 53 ? -6.504  -12.481 5.211   1.00 26.61 ? 53  LEU B CD2 1 
ATOM   1198 N N   . ALA B 1 54 ? -7.237  -7.125  5.468   1.00 27.53 ? 54  ALA B N   1 
ATOM   1199 C CA  . ALA B 1 54 ? -7.087  -5.808  6.102   1.00 25.59 ? 54  ALA B CA  1 
ATOM   1200 C C   . ALA B 1 54 ? -8.364  -5.388  6.817   1.00 25.16 ? 54  ALA B C   1 
ATOM   1201 O O   . ALA B 1 54 ? -8.325  -4.714  7.844   1.00 27.60 ? 54  ALA B O   1 
ATOM   1202 C CB  . ALA B 1 54 ? -6.709  -4.770  5.072   1.00 20.56 ? 54  ALA B CB  1 
ATOM   1203 N N   . LYS B 1 55 ? -9.504  -5.770  6.257   1.00 24.14 ? 55  LYS B N   1 
ATOM   1204 C CA  . LYS B 1 55 ? -10.788 -5.475  6.881   1.00 23.15 ? 55  LYS B CA  1 
ATOM   1205 C C   . LYS B 1 55 ? -10.916 -6.260  8.176   1.00 23.14 ? 55  LYS B C   1 
ATOM   1206 O O   . LYS B 1 55 ? -11.305 -5.719  9.212   1.00 27.45 ? 55  LYS B O   1 
ATOM   1207 C CB  . LYS B 1 55 ? -11.940 -5.838  5.937   1.00 37.99 ? 55  LYS B CB  1 
ATOM   1208 C CG  . LYS B 1 55 ? -13.291 -5.285  6.374   1.00 47.46 ? 55  LYS B CG  1 
ATOM   1209 C CD  . LYS B 1 55 ? -14.452 -6.025  5.710   1.00 55.67 ? 55  LYS B CD  1 
ATOM   1210 C CE  . LYS B 1 55 ? -14.734 -7.366  6.397   1.00 58.77 ? 55  LYS B CE  1 
ATOM   1211 N NZ  . LYS B 1 55 ? -15.190 -7.196  7.813   1.00 51.84 ? 55  LYS B NZ  1 
ATOM   1212 N N   . VAL B 1 56 ? -10.565 -7.536  8.129   1.00 26.17 ? 56  VAL B N   1 
ATOM   1213 C CA  . VAL B 1 56 ? -10.613 -8.358  9.345   1.00 28.39 ? 56  VAL B CA  1 
ATOM   1214 C C   . VAL B 1 56 ? -9.646  -7.814  10.401  1.00 29.03 ? 56  VAL B C   1 
ATOM   1215 O O   . VAL B 1 56 ? -9.954  -7.781  11.589  1.00 26.58 ? 56  VAL B O   1 
ATOM   1216 C CB  . VAL B 1 56 ? -10.284 -9.820  9.030   1.00 27.78 ? 56  VAL B CB  1 
ATOM   1217 C CG1 . VAL B 1 56 ? -10.219 -10.646 10.309  1.00 28.68 ? 56  VAL B CG1 1 
ATOM   1218 C CG2 . VAL B 1 56 ? -11.334 -10.395 8.047   1.00 34.02 ? 56  VAL B CG2 1 
ATOM   1219 N N   . LEU B 1 57 ? -8.479  -7.354  9.959   1.00 24.30 ? 57  LEU B N   1 
ATOM   1220 C CA  . LEU B 1 57 ? -7.463  -6.887  10.884  1.00 25.41 ? 57  LEU B CA  1 
ATOM   1221 C C   . LEU B 1 57 ? -7.640  -5.422  11.301  1.00 27.92 ? 57  LEU B C   1 
ATOM   1222 O O   . LEU B 1 57 ? -6.839  -4.894  12.064  1.00 27.84 ? 57  LEU B O   1 
ATOM   1223 C CB  . LEU B 1 57 ? -6.075  -7.125  10.280  1.00 21.50 ? 57  LEU B CB  1 
ATOM   1224 C CG  . LEU B 1 57 ? -5.729  -8.619  10.214  1.00 22.76 ? 57  LEU B CG  1 
ATOM   1225 C CD1 . LEU B 1 57 ? -4.407  -8.870  9.471   1.00 22.80 ? 57  LEU B CD1 1 
ATOM   1226 C CD2 . LEU B 1 57 ? -5.712  -9.212  11.635  1.00 21.16 ? 57  LEU B CD2 1 
ATOM   1227 N N   . LYS B 1 58 ? -8.690  -4.783  10.794  1.00 22.38 ? 58  LYS B N   1 
ATOM   1228 C CA  . LYS B 1 58 ? -8.967  -3.371  11.058  1.00 25.88 ? 58  LYS B CA  1 
ATOM   1229 C C   . LYS B 1 58 ? -7.774  -2.438  10.765  1.00 33.10 ? 58  LYS B C   1 
ATOM   1230 O O   . LYS B 1 58 ? -7.426  -1.592  11.591  1.00 24.00 ? 58  LYS B O   1 
ATOM   1231 C CB  . LYS B 1 58 ? -9.451  -3.175  12.491  1.00 26.53 ? 58  LYS B CB  1 
ATOM   1232 C CG  . LYS B 1 58 ? -10.769 -3.903  12.837  1.00 26.55 ? 58  LYS B CG  1 
ATOM   1233 C CD  . LYS B 1 58 ? -11.132 -3.680  14.318  1.00 33.06 ? 58  LYS B CD  1 
ATOM   1234 C CE  . LYS B 1 58 ? -12.439 -4.373  14.723  1.00 32.06 ? 58  LYS B CE  1 
ATOM   1235 N NZ  . LYS B 1 58 ? -12.878 -4.013  16.127  1.00 29.53 ? 58  LYS B NZ  1 
ATOM   1236 N N   . ILE B 1 59 ? -7.154  -2.601  9.598   1.00 25.20 ? 59  ILE B N   1 
ATOM   1237 C CA  . ILE B 1 59 ? -6.035  -1.748  9.183   1.00 22.94 ? 59  ILE B CA  1 
ATOM   1238 C C   . ILE B 1 59 ? -6.275  -1.241  7.764   1.00 26.57 ? 59  ILE B C   1 
ATOM   1239 O O   . ILE B 1 59 ? -6.976  -1.906  6.979   1.00 25.19 ? 59  ILE B O   1 
ATOM   1240 C CB  . ILE B 1 59 ? -4.704  -2.513  9.174   1.00 23.97 ? 59  ILE B CB  1 
ATOM   1241 C CG1 . ILE B 1 59 ? -4.837  -3.785  8.340   1.00 25.81 ? 59  ILE B CG1 1 
ATOM   1242 C CG2 . ILE B 1 59 ? -4.275  -2.860  10.593  1.00 25.57 ? 59  ILE B CG2 1 
ATOM   1243 C CD1 . ILE B 1 59 ? -3.517  -4.493  8.080   1.00 26.19 ? 59  ILE B CD1 1 
ATOM   1244 N N   . PRO B 1 60 ? -5.705  -0.065  7.420   1.00 25.39 ? 60  PRO B N   1 
ATOM   1245 C CA  . PRO B 1 60 ? -5.738  0.347   6.007   1.00 18.91 ? 60  PRO B CA  1 
ATOM   1246 C C   . PRO B 1 60 ? -4.998  -0.698  5.207   1.00 23.92 ? 60  PRO B C   1 
ATOM   1247 O O   . PRO B 1 60 ? -3.939  -1.164  5.642   1.00 20.92 ? 60  PRO B O   1 
ATOM   1248 C CB  . PRO B 1 60 ? -4.952  1.664   5.995   1.00 21.29 ? 60  PRO B CB  1 
ATOM   1249 C CG  . PRO B 1 60 ? -5.122  2.207   7.384   1.00 23.28 ? 60  PRO B CG  1 
ATOM   1250 C CD  . PRO B 1 60 ? -5.060  0.950   8.269   1.00 20.69 ? 60  PRO B CD  1 
ATOM   1251 N N   . VAL B 1 61 ? -5.556  -1.092  4.072   1.00 18.53 ? 61  VAL B N   1 
ATOM   1252 C CA  . VAL B 1 61 ? -4.993  -2.220  3.359   1.00 18.73 ? 61  VAL B CA  1 
ATOM   1253 C C   . VAL B 1 61 ? -3.565  -1.891  2.920   1.00 20.92 ? 61  VAL B C   1 
ATOM   1254 O O   . VAL B 1 61 ? -2.717  -2.769  2.900   1.00 21.27 ? 61  VAL B O   1 
ATOM   1255 C CB  . VAL B 1 61 ? -5.872  -2.635  2.152   1.00 23.38 ? 61  VAL B CB  1 
ATOM   1256 C CG1 . VAL B 1 61 ? -5.959  -1.473  1.141   1.00 19.10 ? 61  VAL B CG1 1 
ATOM   1257 C CG2 . VAL B 1 61 ? -5.330  -3.920  1.491   1.00 20.66 ? 61  VAL B CG2 1 
ATOM   1258 N N   . SER B 1 62 ? -3.297  -0.629  2.574   1.00 19.81 ? 62  SER B N   1 
ATOM   1259 C CA  . SER B 1 62 ? -1.950  -0.267  2.097   1.00 19.34 ? 62  SER B CA  1 
ATOM   1260 C C   . SER B 1 62 ? -0.840  -0.448  3.132   1.00 19.59 ? 62  SER B C   1 
ATOM   1261 O O   . SER B 1 62 ? 0.339   -0.461  2.784   1.00 19.63 ? 62  SER B O   1 
ATOM   1262 C CB  . SER B 1 62 ? -1.902  1.144   1.477   1.00 19.21 ? 62  SER B CB  1 
ATOM   1263 O OG  . SER B 1 62 ? -2.104  2.175   2.440   1.00 24.22 ? 62  SER B OG  1 
ATOM   1264 N N   . TYR B 1 63 ? -1.209  -0.599  4.403   1.00 17.86 ? 63  TYR B N   1 
ATOM   1265 C CA  . TYR B 1 63 ? -0.222  -0.994  5.420   1.00 17.81 ? 63  TYR B CA  1 
ATOM   1266 C C   . TYR B 1 63 ? 0.523   -2.268  4.993   1.00 21.74 ? 63  TYR B C   1 
ATOM   1267 O O   . TYR B 1 63 ? 1.724   -2.397  5.192   1.00 19.34 ? 63  TYR B O   1 
ATOM   1268 C CB  . TYR B 1 63 ? -0.895  -1.169  6.787   1.00 19.65 ? 63  TYR B CB  1 
ATOM   1269 C CG  . TYR B 1 63 ? 0.021   -1.592  7.917   1.00 20.91 ? 63  TYR B CG  1 
ATOM   1270 C CD1 . TYR B 1 63 ? 0.810   -0.663  8.573   1.00 22.02 ? 63  TYR B CD1 1 
ATOM   1271 C CD2 . TYR B 1 63 ? 0.068   -2.913  8.348   1.00 20.53 ? 63  TYR B CD2 1 
ATOM   1272 C CE1 . TYR B 1 63 ? 1.647   -1.033  9.632   1.00 22.29 ? 63  TYR B CE1 1 
ATOM   1273 C CE2 . TYR B 1 63 ? 0.910   -3.303  9.399   1.00 20.71 ? 63  TYR B CE2 1 
ATOM   1274 C CZ  . TYR B 1 63 ? 1.704   -2.349  10.029  1.00 22.59 ? 63  TYR B CZ  1 
ATOM   1275 O OH  . TYR B 1 63 ? 2.528   -2.713  11.068  1.00 26.25 ? 63  TYR B OH  1 
ATOM   1276 N N   . LEU B 1 64 ? -0.202  -3.204  4.386   1.00 18.85 ? 64  LEU B N   1 
ATOM   1277 C CA  . LEU B 1 64 ? 0.379   -4.487  3.998   1.00 22.37 ? 64  LEU B CA  1 
ATOM   1278 C C   . LEU B 1 64 ? 1.372   -4.360  2.850   1.00 26.14 ? 64  LEU B C   1 
ATOM   1279 O O   . LEU B 1 64 ? 2.122   -5.292  2.564   1.00 18.90 ? 64  LEU B O   1 
ATOM   1280 C CB  . LEU B 1 64 ? -0.735  -5.450  3.588   1.00 22.40 ? 64  LEU B CB  1 
ATOM   1281 C CG  . LEU B 1 64 ? -1.767  -5.776  4.673   1.00 26.62 ? 64  LEU B CG  1 
ATOM   1282 C CD1 . LEU B 1 64 ? -2.952  -6.555  4.090   1.00 23.31 ? 64  LEU B CD1 1 
ATOM   1283 C CD2 . LEU B 1 64 ? -1.114  -6.577  5.796   1.00 18.68 ? 64  LEU B CD2 1 
ATOM   1284 N N   . TYR B 1 65 ? 1.363   -3.211  2.180   1.00 21.03 ? 65  TYR B N   1 
ATOM   1285 C CA  . TYR B 1 65 ? 2.239   -2.999  1.040   1.00 19.34 ? 65  TYR B CA  1 
ATOM   1286 C C   . TYR B 1 65 ? 3.271   -1.914  1.270   1.00 23.20 ? 65  TYR B C   1 
ATOM   1287 O O   . TYR B 1 65 ? 3.861   -1.432  0.314   1.00 22.46 ? 65  TYR B O   1 
ATOM   1288 C CB  . TYR B 1 65 ? 1.412   -2.616  -0.188  1.00 16.76 ? 65  TYR B CB  1 
ATOM   1289 C CG  . TYR B 1 65 ? 0.453   -3.713  -0.644  1.00 24.48 ? 65  TYR B CG  1 
ATOM   1290 C CD1 . TYR B 1 65 ? 0.830   -4.644  -1.619  1.00 23.76 ? 65  TYR B CD1 1 
ATOM   1291 C CD2 . TYR B 1 65 ? -0.811  -3.820  -0.097  1.00 20.31 ? 65  TYR B CD2 1 
ATOM   1292 C CE1 . TYR B 1 65 ? -0.051  -5.647  -2.041  1.00 26.73 ? 65  TYR B CE1 1 
ATOM   1293 C CE2 . TYR B 1 65 ? -1.698  -4.813  -0.507  1.00 22.21 ? 65  TYR B CE2 1 
ATOM   1294 C CZ  . TYR B 1 65 ? -1.314  -5.721  -1.470  1.00 27.39 ? 65  TYR B CZ  1 
ATOM   1295 O OH  . TYR B 1 65 ? -2.209  -6.688  -1.855  1.00 29.48 ? 65  TYR B OH  1 
ATOM   1296 N N   . THR B 1 66 ? 3.461   -1.506  2.518   1.00 21.98 ? 66  THR B N   1 
ATOM   1297 C CA  . THR B 1 66 ? 4.346   -0.375  2.812   1.00 20.75 ? 66  THR B CA  1 
ATOM   1298 C C   . THR B 1 66 ? 5.693   -0.864  3.336   1.00 20.27 ? 66  THR B C   1 
ATOM   1299 O O   . THR B 1 66 ? 5.774   -1.331  4.464   1.00 23.81 ? 66  THR B O   1 
ATOM   1300 C CB  . THR B 1 66 ? 3.721   0.546   3.861   1.00 20.46 ? 66  THR B CB  1 
ATOM   1301 O OG1 . THR B 1 66 ? 2.476   1.044   3.364   1.00 21.58 ? 66  THR B OG1 1 
ATOM   1302 C CG2 . THR B 1 66 ? 4.650   1.730   4.175   1.00 15.79 ? 66  THR B CG2 1 
ATOM   1303 N N   . PRO B 1 67 ? 6.747   -0.773  2.511   1.00 24.51 ? 67  PRO B N   1 
ATOM   1304 C CA  . PRO B 1 67 ? 8.070   -1.255  2.937   1.00 30.60 ? 67  PRO B CA  1 
ATOM   1305 C C   . PRO B 1 67 ? 8.712   -0.385  4.010   1.00 27.83 ? 67  PRO B C   1 
ATOM   1306 O O   . PRO B 1 67 ? 9.432   -0.910  4.854   1.00 25.47 ? 67  PRO B O   1 
ATOM   1307 C CB  . PRO B 1 67 ? 8.903   -1.200  1.654   1.00 29.40 ? 67  PRO B CB  1 
ATOM   1308 C CG  . PRO B 1 67 ? 7.922   -1.232  0.555   1.00 33.53 ? 67  PRO B CG  1 
ATOM   1309 C CD  . PRO B 1 67 ? 6.700   -0.499  1.064   1.00 23.37 ? 67  PRO B CD  1 
ATOM   1310 N N   . GLU B 1 68 ? 8.426   0.909   3.993   1.00 26.98 ? 68  GLU B N   1 
ATOM   1311 C CA  . GLU B 1 68 ? 9.076   1.863   4.894   1.00 26.33 ? 68  GLU B CA  1 
ATOM   1312 C C   . GLU B 1 68 ? 8.432   1.831   6.292   1.00 29.10 ? 68  GLU B C   1 
ATOM   1313 O O   . GLU B 1 68 ? 7.239   2.118   6.438   1.00 26.72 ? 68  GLU B O   1 
ATOM   1314 C CB  . GLU B 1 68 ? 9.000   3.283   4.298   1.00 30.07 ? 68  GLU B CB  1 
ATOM   1315 C CG  . GLU B 1 68 ? 9.545   3.434   2.854   1.00 23.22 ? 68  GLU B CG  1 
ATOM   1316 C CD  . GLU B 1 68 ? 8.479   3.251   1.782   1.00 28.56 ? 68  GLU B CD  1 
ATOM   1317 O OE1 . GLU B 1 68 ? 7.391   2.725   2.099   1.00 25.45 ? 68  GLU B OE1 1 
ATOM   1318 O OE2 . GLU B 1 68 ? 8.735   3.628   0.612   1.00 28.56 ? 68  GLU B OE2 1 
ATOM   1319 N N   . ASP B 1 69 ? 9.218   1.494   7.315   1.00 25.08 ? 69  ASP B N   1 
ATOM   1320 C CA  . ASP B 1 69 ? 8.691   1.356   8.676   1.00 30.15 ? 69  ASP B CA  1 
ATOM   1321 C C   . ASP B 1 69 ? 8.082   2.641   9.242   1.00 27.46 ? 69  ASP B C   1 
ATOM   1322 O O   . ASP B 1 69 ? 7.059   2.595   9.927   1.00 25.54 ? 69  ASP B O   1 
ATOM   1323 C CB  . ASP B 1 69 ? 9.749   0.813   9.644   1.00 34.12 ? 69  ASP B CB  1 
ATOM   1324 C CG  . ASP B 1 69 ? 10.086  -0.658  9.397   1.00 34.31 ? 69  ASP B CG  1 
ATOM   1325 O OD1 . ASP B 1 69 ? 9.425   -1.311  8.569   1.00 33.34 ? 69  ASP B OD1 1 
ATOM   1326 O OD2 . ASP B 1 69 ? 11.029  -1.165  10.035  1.00 41.74 ? 69  ASP B OD2 1 
ATOM   1327 N N   . ASP B 1 70 ? 8.704   3.787   8.975   1.00 26.43 ? 70  ASP B N   1 
ATOM   1328 C CA  . ASP B 1 70 ? 8.153   5.043   9.467   1.00 26.08 ? 70  ASP B CA  1 
ATOM   1329 C C   . ASP B 1 70 ? 6.794   5.344   8.833   1.00 23.97 ? 70  ASP B C   1 
ATOM   1330 O O   . ASP B 1 70 ? 5.853   5.737   9.518   1.00 22.15 ? 70  ASP B O   1 
ATOM   1331 C CB  . ASP B 1 70 ? 9.132   6.215   9.274   1.00 29.03 ? 70  ASP B CB  1 
ATOM   1332 C CG  . ASP B 1 70 ? 9.766   6.242   7.892   1.00 36.46 ? 70  ASP B CG  1 
ATOM   1333 O OD1 . ASP B 1 70 ? 9.708   5.229   7.163   1.00 46.82 ? 70  ASP B OD1 1 
ATOM   1334 O OD2 . ASP B 1 70 ? 10.339  7.289   7.538   1.00 44.61 ? 70  ASP B OD2 1 
ATOM   1335 N N   . LEU B 1 71 ? 6.694   5.153   7.522   1.00 24.00 ? 71  LEU B N   1 
ATOM   1336 C CA  . LEU B 1 71 ? 5.438   5.363   6.809   1.00 26.11 ? 71  LEU B CA  1 
ATOM   1337 C C   . LEU B 1 71 ? 4.408   4.324   7.259   1.00 20.31 ? 71  LEU B C   1 
ATOM   1338 O O   . LEU B 1 71 ? 3.239   4.629   7.436   1.00 22.00 ? 71  LEU B O   1 
ATOM   1339 C CB  . LEU B 1 71 ? 5.654   5.268   5.293   1.00 24.92 ? 71  LEU B CB  1 
ATOM   1340 C CG  . LEU B 1 71 ? 4.469   5.670   4.416   1.00 25.43 ? 71  LEU B CG  1 
ATOM   1341 C CD1 . LEU B 1 71 ? 3.968   7.070   4.794   1.00 28.82 ? 71  LEU B CD1 1 
ATOM   1342 C CD2 . LEU B 1 71 ? 4.825   5.611   2.933   1.00 27.93 ? 71  LEU B CD2 1 
ATOM   1343 N N   . ALA B 1 72 ? 4.841   3.081   7.431   1.00 23.72 ? 72  ALA B N   1 
ATOM   1344 C CA  . ALA B 1 72 ? 3.925   2.060   7.933   1.00 19.27 ? 72  ALA B CA  1 
ATOM   1345 C C   . ALA B 1 72 ? 3.294   2.510   9.249   1.00 25.53 ? 72  ALA B C   1 
ATOM   1346 O O   . ALA B 1 72 ? 2.088   2.328   9.468   1.00 20.24 ? 72  ALA B O   1 
ATOM   1347 C CB  . ALA B 1 72 ? 4.649   0.733   8.103   1.00 21.12 ? 72  ALA B CB  1 
ATOM   1348 N N   . GLN B 1 73 ? 4.111   3.087   10.134  1.00 20.88 ? 73  GLN B N   1 
ATOM   1349 C CA  . GLN B 1 73 ? 3.637   3.456   11.462  1.00 21.24 ? 73  GLN B CA  1 
ATOM   1350 C C   . GLN B 1 73 ? 2.659   4.614   11.341  1.00 23.65 ? 73  GLN B C   1 
ATOM   1351 O O   . GLN B 1 73 ? 1.647   4.664   12.042  1.00 22.24 ? 73  GLN B O   1 
ATOM   1352 C CB  . GLN B 1 73 ? 4.804   3.845   12.368  1.00 33.16 ? 73  GLN B CB  1 
ATOM   1353 C CG  . GLN B 1 73 ? 4.429   4.044   13.833  1.00 41.35 ? 73  GLN B CG  1 
ATOM   1354 C CD  . GLN B 1 73 ? 3.813   2.797   14.463  1.00 43.58 ? 73  GLN B CD  1 
ATOM   1355 O OE1 . GLN B 1 73 ? 2.910   2.891   15.295  1.00 46.37 ? 73  GLN B OE1 1 
ATOM   1356 N NE2 . GLN B 1 73 ? 4.290   1.625   14.055  1.00 45.10 ? 73  GLN B NE2 1 
ATOM   1357 N N   . ILE B 1 74 ? 2.952   5.542   10.432  1.00 23.14 ? 74  ILE B N   1 
ATOM   1358 C CA  . ILE B 1 74 ? 2.042   6.654   10.187  1.00 20.80 ? 74  ILE B CA  1 
ATOM   1359 C C   . ILE B 1 74 ? 0.700   6.127   9.694   1.00 20.52 ? 74  ILE B C   1 
ATOM   1360 O O   . ILE B 1 74 ? -0.343  6.557   10.154  1.00 23.76 ? 74  ILE B O   1 
ATOM   1361 C CB  . ILE B 1 74 ? 2.623   7.635   9.151   1.00 22.35 ? 74  ILE B CB  1 
ATOM   1362 C CG1 . ILE B 1 74 ? 3.856   8.335   9.732   1.00 29.69 ? 74  ILE B CG1 1 
ATOM   1363 C CG2 . ILE B 1 74 ? 1.563   8.655   8.747   1.00 24.45 ? 74  ILE B CG2 1 
ATOM   1364 C CD1 . ILE B 1 74 ? 4.698   9.046   8.712   1.00 29.44 ? 74  ILE B CD1 1 
ATOM   1365 N N   . ILE B 1 75 ? 0.738   5.182   8.760   1.00 21.24 ? 75  ILE B N   1 
ATOM   1366 C CA  . ILE B 1 75 ? -0.488  4.554   8.251   1.00 19.25 ? 75  ILE B CA  1 
ATOM   1367 C C   . ILE B 1 75 ? -1.263  3.856   9.371   1.00 27.93 ? 75  ILE B C   1 
ATOM   1368 O O   . ILE B 1 75 ? -2.466  4.081   9.563   1.00 24.57 ? 75  ILE B O   1 
ATOM   1369 C CB  . ILE B 1 75 ? -0.176  3.563   7.095   1.00 20.02 ? 75  ILE B CB  1 
ATOM   1370 C CG1 . ILE B 1 75 ? 0.338   4.338   5.876   1.00 20.24 ? 75  ILE B CG1 1 
ATOM   1371 C CG2 . ILE B 1 75 ? -1.433  2.749   6.742   1.00 19.14 ? 75  ILE B CG2 1 
ATOM   1372 C CD1 . ILE B 1 75 ? 0.898   3.476   4.720   1.00 20.03 ? 75  ILE B CD1 1 
ATOM   1373 N N   . LEU B 1 76 ? -0.573  3.023   10.134  1.00 21.27 ? 76  LEU B N   1 
ATOM   1374 C CA  . LEU B 1 76 ? -1.231  2.330   11.236  1.00 25.09 ? 76  LEU B CA  1 
ATOM   1375 C C   . LEU B 1 76 ? -1.824  3.317   12.259  1.00 26.51 ? 76  LEU B C   1 
ATOM   1376 O O   . LEU B 1 76 ? -2.875  3.070   12.847  1.00 23.53 ? 76  LEU B O   1 
ATOM   1377 C CB  . LEU B 1 76 ? -0.238  1.386   11.921  1.00 21.75 ? 76  LEU B CB  1 
ATOM   1378 C CG  . LEU B 1 76 ? -0.827  0.301   12.811  1.00 23.54 ? 76  LEU B CG  1 
ATOM   1379 C CD1 . LEU B 1 76 ? -1.723  -0.600  11.983  1.00 29.80 ? 76  LEU B CD1 1 
ATOM   1380 C CD2 . LEU B 1 76 ? 0.286   -0.505  13.469  1.00 22.79 ? 76  LEU B CD2 1 
ATOM   1381 N N   . THR B 1 77 ? -1.144  4.438   12.478  1.00 25.86 ? 77  THR B N   1 
ATOM   1382 C CA  . THR B 1 77 ? -1.606  5.406   13.472  1.00 22.87 ? 77  THR B CA  1 
ATOM   1383 C C   . THR B 1 77 ? -2.749  6.287   12.976  1.00 30.60 ? 77  THR B C   1 
ATOM   1384 O O   . THR B 1 77 ? -3.727  6.508   13.692  1.00 28.75 ? 77  THR B O   1 
ATOM   1385 C CB  . THR B 1 77 ? -0.468  6.319   13.924  1.00 30.45 ? 77  THR B CB  1 
ATOM   1386 O OG1 . THR B 1 77 ? 0.516   5.537   14.599  1.00 30.74 ? 77  THR B OG1 1 
ATOM   1387 C CG2 . THR B 1 77 ? -0.990  7.390   14.881  1.00 36.84 ? 77  THR B CG2 1 
ATOM   1388 N N   . TRP B 1 78 ? -2.605  6.817   11.762  1.00 28.43 ? 78  TRP B N   1 
ATOM   1389 C CA  . TRP B 1 78 ? -3.660  7.608   11.132  1.00 27.60 ? 78  TRP B CA  1 
ATOM   1390 C C   . TRP B 1 78 ? -4.971  6.867   11.301  1.00 29.81 ? 78  TRP B C   1 
ATOM   1391 O O   . TRP B 1 78 ? -6.003  7.449   11.613  1.00 28.55 ? 78  TRP B O   1 
ATOM   1392 C CB  . TRP B 1 78 ? -3.369  7.766   9.647   1.00 30.43 ? 78  TRP B CB  1 
ATOM   1393 C CG  . TRP B 1 78 ? -4.469  8.405   8.855   1.00 28.91 ? 78  TRP B CG  1 
ATOM   1394 C CD1 . TRP B 1 78 ? -4.692  9.745   8.695   1.00 28.26 ? 78  TRP B CD1 1 
ATOM   1395 C CD2 . TRP B 1 78 ? -5.490  7.729   8.098   1.00 29.74 ? 78  TRP B CD2 1 
ATOM   1396 N NE1 . TRP B 1 78 ? -5.789  9.944   7.882   1.00 26.25 ? 78  TRP B NE1 1 
ATOM   1397 C CE2 . TRP B 1 78 ? -6.292  8.730   7.511   1.00 26.96 ? 78  TRP B CE2 1 
ATOM   1398 C CE3 . TRP B 1 78 ? -5.789  6.384   7.857   1.00 34.38 ? 78  TRP B CE3 1 
ATOM   1399 C CZ2 . TRP B 1 78 ? -7.385  8.415   6.698   1.00 48.12 ? 78  TRP B CZ2 1 
ATOM   1400 C CZ3 . TRP B 1 78 ? -6.876  6.075   7.055   1.00 42.27 ? 78  TRP B CZ3 1 
ATOM   1401 C CH2 . TRP B 1 78 ? -7.664  7.089   6.485   1.00 44.61 ? 78  TRP B CH2 1 
ATOM   1402 N N   . ASN B 1 79 ? -4.884  5.561   11.090  1.00 31.27 ? 79  ASN B N   1 
ATOM   1403 C CA  . ASN B 1 79 ? -6.004  4.634   11.195  1.00 35.01 ? 79  ASN B CA  1 
ATOM   1404 C C   . ASN B 1 79 ? -6.851  4.849   12.466  1.00 32.44 ? 79  ASN B C   1 
ATOM   1405 O O   . ASN B 1 79 ? -8.076  4.687   12.433  1.00 38.96 ? 79  ASN B O   1 
ATOM   1406 C CB  . ASN B 1 79 ? -5.441  3.199   11.109  1.00 23.60 ? 79  ASN B CB  1 
ATOM   1407 C CG  . ASN B 1 79 ? -6.517  2.120   11.147  1.00 39.27 ? 79  ASN B CG  1 
ATOM   1408 O OD1 . ASN B 1 79 ? -6.367  1.113   11.846  1.00 35.21 ? 79  ASN B OD1 1 
ATOM   1409 N ND2 . ASN B 1 79 ? -7.594  2.315   10.392  1.00 36.53 ? 79  ASN B ND2 1 
ATOM   1410 N N   . GLU B 1 80 ? -6.194  5.251   13.559  1.00 28.19 ? 80  GLU B N   1 
ATOM   1411 C CA  . GLU B 1 80 ? -6.809  5.351   14.893  1.00 27.17 ? 80  GLU B CA  1 
ATOM   1412 C C   . GLU B 1 80 ? -6.853  6.767   15.460  1.00 36.05 ? 80  GLU B C   1 
ATOM   1413 O O   . GLU B 1 80 ? -7.169  6.960   16.637  1.00 30.50 ? 80  GLU B O   1 
ATOM   1414 C CB  . GLU B 1 80 ? -6.016  4.500   15.904  1.00 28.99 ? 80  GLU B CB  1 
ATOM   1415 C CG  . GLU B 1 80 ? -6.021  3.008   15.656  1.00 36.43 ? 80  GLU B CG  1 
ATOM   1416 C CD  . GLU B 1 80 ? -5.232  2.244   16.702  1.00 43.36 ? 80  GLU B CD  1 
ATOM   1417 O OE1 . GLU B 1 80 ? -5.051  2.759   17.829  1.00 49.58 ? 80  GLU B OE1 1 
ATOM   1418 O OE2 . GLU B 1 80 ? -4.789  1.121   16.401  1.00 43.54 ? 80  GLU B OE2 1 
ATOM   1419 N N   . LEU B 1 81 ? -6.498  7.763   14.660  1.00 34.29 ? 81  LEU B N   1 
ATOM   1420 C CA  . LEU B 1 81 ? -6.513  9.133   15.163  1.00 36.63 ? 81  LEU B CA  1 
ATOM   1421 C C   . LEU B 1 81 ? -7.947  9.613   15.304  1.00 31.03 ? 81  LEU B C   1 
ATOM   1422 O O   . LEU B 1 81 ? -8.809  9.236   14.509  1.00 34.02 ? 81  LEU B O   1 
ATOM   1423 C CB  . LEU B 1 81 ? -5.740  10.073  14.226  1.00 31.76 ? 81  LEU B CB  1 
ATOM   1424 C CG  . LEU B 1 81 ? -4.221  9.879   14.222  1.00 32.30 ? 81  LEU B CG  1 
ATOM   1425 C CD1 . LEU B 1 81 ? -3.547  10.852  13.268  1.00 29.63 ? 81  LEU B CD1 1 
ATOM   1426 C CD2 . LEU B 1 81 ? -3.657  10.042  15.615  1.00 32.42 ? 81  LEU B CD2 1 
ATOM   1427 N N   . ASN B 1 82 ? -8.207  10.459  16.301  1.00 28.92 ? 82  ASN B N   1 
ATOM   1428 C CA  . ASN B 1 82 ? -9.536  11.062  16.383  1.00 37.11 ? 82  ASN B CA  1 
ATOM   1429 C C   . ASN B 1 82 ? -9.681  12.091  15.271  1.00 42.12 ? 82  ASN B C   1 
ATOM   1430 O O   . ASN B 1 82 ? -8.693  12.447  14.626  1.00 33.87 ? 82  ASN B O   1 
ATOM   1431 C CB  . ASN B 1 82 ? -9.861  11.627  17.782  1.00 32.50 ? 82  ASN B CB  1 
ATOM   1432 C CG  . ASN B 1 82 ? -8.986  12.809  18.185  1.00 34.27 ? 82  ASN B CG  1 
ATOM   1433 O OD1 . ASN B 1 82 ? -8.621  12.943  19.357  1.00 38.17 ? 82  ASN B OD1 1 
ATOM   1434 N ND2 . ASN B 1 82 ? -8.674  13.688  17.233  1.00 33.73 ? 82  ASN B ND2 1 
ATOM   1435 N N   . GLU B 1 83 ? -10.902 12.556  15.033  1.00 40.05 ? 83  GLU B N   1 
ATOM   1436 C CA  . GLU B 1 83 ? -11.159 13.417  13.878  1.00 44.98 ? 83  GLU B CA  1 
ATOM   1437 C C   . GLU B 1 83 ? -10.442 14.759  13.938  1.00 40.86 ? 83  GLU B C   1 
ATOM   1438 O O   . GLU B 1 83 ? -10.170 15.369  12.906  1.00 40.04 ? 83  GLU B O   1 
ATOM   1439 C CB  . GLU B 1 83 ? -12.659 13.632  13.656  1.00 41.49 ? 83  GLU B CB  1 
ATOM   1440 C CG  . GLU B 1 83 ? -12.952 14.493  12.422  1.00 60.82 ? 83  GLU B CG  1 
ATOM   1441 C CD  . GLU B 1 83 ? -12.160 14.061  11.180  1.00 58.75 ? 83  GLU B CD  1 
ATOM   1442 O OE1 . GLU B 1 83 ? -11.484 14.926  10.578  1.00 46.04 ? 83  GLU B OE1 1 
ATOM   1443 O OE2 . GLU B 1 83 ? -12.213 12.862  10.802  1.00 58.11 ? 83  GLU B OE2 1 
ATOM   1444 N N   . GLN B 1 84 ? -10.132 15.218  15.143  1.00 40.71 ? 84  GLN B N   1 
ATOM   1445 C CA  . GLN B 1 84 ? -9.427  16.484  15.291  1.00 36.50 ? 84  GLN B CA  1 
ATOM   1446 C C   . GLN B 1 84 ? -7.946  16.336  14.950  1.00 40.95 ? 84  GLN B C   1 
ATOM   1447 O O   . GLN B 1 84 ? -7.354  17.226  14.337  1.00 36.50 ? 84  GLN B O   1 
ATOM   1448 C CB  . GLN B 1 84 ? -9.597  17.044  16.709  1.00 38.04 ? 84  GLN B CB  1 
ATOM   1449 C CG  . GLN B 1 84 ? -8.846  18.361  16.950  1.00 40.59 ? 84  GLN B CG  1 
ATOM   1450 C CD  . GLN B 1 84 ? -9.534  19.585  16.333  1.00 39.74 ? 84  GLN B CD  1 
ATOM   1451 O OE1 . GLN B 1 84 ? -10.675 19.522  15.865  1.00 34.50 ? 84  GLN B OE1 1 
ATOM   1452 N NE2 . GLN B 1 84 ? -8.836  20.712  16.356  1.00 44.86 ? 84  GLN B NE2 1 
ATOM   1453 N N   . GLU B 1 85 ? -7.353  15.218  15.361  1.00 31.50 ? 85  GLU B N   1 
ATOM   1454 C CA  . GLU B 1 85 ? -5.965  14.913  15.041  1.00 30.04 ? 85  GLU B CA  1 
ATOM   1455 C C   . GLU B 1 85 ? -5.794  14.758  13.528  1.00 37.91 ? 85  GLU B C   1 
ATOM   1456 O O   . GLU B 1 85 ? -4.833  15.275  12.950  1.00 36.83 ? 85  GLU B O   1 
ATOM   1457 C CB  . GLU B 1 85 ? -5.498  13.650  15.785  1.00 32.00 ? 85  GLU B CB  1 
ATOM   1458 C CG  . GLU B 1 85 ? -5.303  13.863  17.287  1.00 39.62 ? 85  GLU B CG  1 
ATOM   1459 C CD  . GLU B 1 85 ? -5.247  12.558  18.094  1.00 35.54 ? 85  GLU B CD  1 
ATOM   1460 O OE1 . GLU B 1 85 ? -5.792  11.522  17.640  1.00 33.41 ? 85  GLU B OE1 1 
ATOM   1461 O OE2 . GLU B 1 85 ? -4.676  12.587  19.205  1.00 40.60 ? 85  GLU B OE2 1 
ATOM   1462 N N   . ARG B 1 86 ? -6.727  14.060  12.888  1.00 27.85 ? 86  ARG B N   1 
ATOM   1463 C CA  . ARG B 1 86 ? -6.670  13.897  11.437  1.00 36.71 ? 86  ARG B CA  1 
ATOM   1464 C C   . ARG B 1 86 ? -6.724  15.242  10.724  1.00 43.81 ? 86  ARG B C   1 
ATOM   1465 O O   . ARG B 1 86 ? -5.960  15.489  9.782   1.00 35.05 ? 86  ARG B O   1 
ATOM   1466 C CB  . ARG B 1 86 ? -7.805  13.014  10.942  1.00 38.52 ? 86  ARG B CB  1 
ATOM   1467 C CG  . ARG B 1 86 ? -7.638  11.560  11.306  1.00 40.90 ? 86  ARG B CG  1 
ATOM   1468 C CD  . ARG B 1 86 ? -8.721  10.716  10.689  1.00 35.24 ? 86  ARG B CD  1 
ATOM   1469 N NE  . ARG B 1 86 ? -8.521  9.314   11.026  1.00 52.62 ? 86  ARG B NE  1 
ATOM   1470 C CZ  . ARG B 1 86 ? -8.986  8.301   10.307  1.00 50.74 ? 86  ARG B CZ  1 
ATOM   1471 N NH1 . ARG B 1 86 ? -9.681  8.538   9.200   1.00 51.76 ? 86  ARG B NH1 1 
ATOM   1472 N NH2 . ARG B 1 86 ? -8.755  7.052   10.697  1.00 46.45 ? 86  ARG B NH2 1 
ATOM   1473 N N   . LYS B 1 87 ? -7.640  16.099  11.174  1.00 36.14 ? 87  LYS B N   1 
ATOM   1474 C CA  . LYS B 1 87 ? -7.742  17.465  10.675  1.00 40.64 ? 87  LYS B CA  1 
ATOM   1475 C C   . LYS B 1 87 ? -6.413  18.215  10.765  1.00 33.80 ? 87  LYS B C   1 
ATOM   1476 O O   . LYS B 1 87 ? -5.998  18.871  9.810   1.00 37.01 ? 87  LYS B O   1 
ATOM   1477 C CB  . LYS B 1 87 ? -8.823  18.220  11.455  1.00 44.93 ? 87  LYS B CB  1 
ATOM   1478 C CG  . LYS B 1 87 ? -9.003  19.660  11.028  1.00 38.71 ? 87  LYS B CG  1 
ATOM   1479 C CD  . LYS B 1 87 ? -9.886  20.414  12.015  1.00 46.75 ? 87  LYS B CD  1 
ATOM   1480 C CE  . LYS B 1 87 ? -11.305 19.887  12.013  1.00 49.28 ? 87  LYS B CE  1 
ATOM   1481 N NZ  . LYS B 1 87 ? -12.179 20.761  12.841  1.00 47.10 ? 87  LYS B NZ  1 
ATOM   1482 N N   . ARG B 1 88 ? -5.743  18.122  11.908  1.00 27.81 ? 88  ARG B N   1 
ATOM   1483 C CA  . ARG B 1 88 ? -4.492  18.841  12.095  1.00 34.66 ? 88  ARG B CA  1 
ATOM   1484 C C   . ARG B 1 88 ? -3.437  18.344  11.109  1.00 39.22 ? 88  ARG B C   1 
ATOM   1485 O O   . ARG B 1 88 ? -2.681  19.130  10.541  1.00 34.42 ? 88  ARG B O   1 
ATOM   1486 C CB  . ARG B 1 88 ? -3.979  18.682  13.523  1.00 41.65 ? 88  ARG B CB  1 
ATOM   1487 C CG  . ARG B 1 88 ? -5.056  18.823  14.590  1.00 55.05 ? 88  ARG B CG  1 
ATOM   1488 C CD  . ARG B 1 88 ? -5.690  20.199  14.575  1.00 53.80 ? 88  ARG B CD  1 
ATOM   1489 N NE  . ARG B 1 88 ? -4.756  21.242  15.002  1.00 64.27 ? 88  ARG B NE  1 
ATOM   1490 C CZ  . ARG B 1 88 ? -4.463  21.515  16.271  1.00 69.08 ? 88  ARG B CZ  1 
ATOM   1491 N NH1 . ARG B 1 88 ? -5.025  20.815  17.251  1.00 65.94 ? 88  ARG B NH1 1 
ATOM   1492 N NH2 . ARG B 1 88 ? -3.600  22.484  16.561  1.00 76.64 ? 88  ARG B NH2 1 
ATOM   1493 N N   . ILE B 1 89 ? -3.375  17.032  10.913  1.00 41.30 ? 89  ILE B N   1 
ATOM   1494 C CA  . ILE B 1 89 ? -2.401  16.468  9.983   1.00 32.41 ? 89  ILE B CA  1 
ATOM   1495 C C   . ILE B 1 89 ? -2.762  16.857  8.552   1.00 28.42 ? 89  ILE B C   1 
ATOM   1496 O O   . ILE B 1 89 ? -1.897  17.258  7.778   1.00 32.55 ? 89  ILE B O   1 
ATOM   1497 C CB  . ILE B 1 89 ? -2.282  14.937  10.132  1.00 32.91 ? 89  ILE B CB  1 
ATOM   1498 C CG1 . ILE B 1 89 ? -1.645  14.603  11.479  1.00 36.45 ? 89  ILE B CG1 1 
ATOM   1499 C CG2 . ILE B 1 89 ? -1.418  14.347  9.019   1.00 31.12 ? 89  ILE B CG2 1 
ATOM   1500 C CD1 . ILE B 1 89 ? -1.524  13.112  11.755  1.00 38.02 ? 89  ILE B CD1 1 
ATOM   1501 N N   . ASN B 1 90 ? -4.040  16.740  8.211   1.00 31.20 ? 90  ASN B N   1 
ATOM   1502 C CA  . ASN B 1 90 ? -4.524  17.144  6.897   1.00 36.04 ? 90  ASN B CA  1 
ATOM   1503 C C   . ASN B 1 90 ? -4.143  18.590  6.598   1.00 40.78 ? 90  ASN B C   1 
ATOM   1504 O O   . ASN B 1 90 ? -3.634  18.909  5.518   1.00 39.21 ? 90  ASN B O   1 
ATOM   1505 C CB  . ASN B 1 90 ? -6.043  16.969  6.803   1.00 36.65 ? 90  ASN B CB  1 
ATOM   1506 C CG  . ASN B 1 90 ? -6.455  15.541  6.465   1.00 35.45 ? 90  ASN B CG  1 
ATOM   1507 O OD1 . ASN B 1 90 ? -5.624  14.694  6.137   1.00 41.05 ? 90  ASN B OD1 1 
ATOM   1508 N ND2 . ASN B 1 90 ? -7.747  15.272  6.538   1.00 38.42 ? 90  ASN B ND2 1 
ATOM   1509 N N   . PHE B 1 91 ? -4.374  19.468  7.568   1.00 30.67 ? 91  PHE B N   1 
ATOM   1510 C CA  . PHE B 1 91 ? -4.083  20.874  7.359   1.00 34.08 ? 91  PHE B CA  1 
ATOM   1511 C C   . PHE B 1 91 ? -2.578  21.094  7.207   1.00 34.57 ? 91  PHE B C   1 
ATOM   1512 O O   . PHE B 1 91 ? -2.124  21.834  6.330   1.00 29.06 ? 91  PHE B O   1 
ATOM   1513 C CB  . PHE B 1 91 ? -4.652  21.718  8.511   1.00 32.36 ? 91  PHE B CB  1 
ATOM   1514 C CG  . PHE B 1 91 ? -4.288  23.166  8.425   1.00 28.94 ? 91  PHE B CG  1 
ATOM   1515 C CD1 . PHE B 1 91 ? -3.430  23.730  9.350   1.00 26.96 ? 91  PHE B CD1 1 
ATOM   1516 C CD2 . PHE B 1 91 ? -4.792  23.963  7.407   1.00 25.03 ? 91  PHE B CD2 1 
ATOM   1517 C CE1 . PHE B 1 91 ? -3.097  25.066  9.271   1.00 31.49 ? 91  PHE B CE1 1 
ATOM   1518 C CE2 . PHE B 1 91 ? -4.457  25.308  7.316   1.00 26.78 ? 91  PHE B CE2 1 
ATOM   1519 C CZ  . PHE B 1 91 ? -3.611  25.857  8.246   1.00 24.10 ? 91  PHE B CZ  1 
ATOM   1520 N N   . TYR B 1 92 ? -1.804  20.457  8.075   1.00 27.72 ? 92  TYR B N   1 
ATOM   1521 C CA  . TYR B 1 92 ? -0.351  20.548  8.006   1.00 31.26 ? 92  TYR B CA  1 
ATOM   1522 C C   . TYR B 1 92 ? 0.134   20.149  6.614   1.00 30.93 ? 92  TYR B C   1 
ATOM   1523 O O   . TYR B 1 92 ? 1.029   20.771  6.062   1.00 35.13 ? 92  TYR B O   1 
ATOM   1524 C CB  . TYR B 1 92 ? 0.275   19.635  9.065   1.00 36.66 ? 92  TYR B CB  1 
ATOM   1525 C CG  . TYR B 1 92 ? 1.769   19.778  9.206   1.00 35.53 ? 92  TYR B CG  1 
ATOM   1526 C CD1 . TYR B 1 92 ? 2.322   20.877  9.857   1.00 37.77 ? 92  TYR B CD1 1 
ATOM   1527 C CD2 . TYR B 1 92 ? 2.627   18.820  8.693   1.00 44.05 ? 92  TYR B CD2 1 
ATOM   1528 C CE1 . TYR B 1 92 ? 3.688   21.015  9.990   1.00 44.11 ? 92  TYR B CE1 1 
ATOM   1529 C CE2 . TYR B 1 92 ? 3.998   18.948  8.823   1.00 43.45 ? 92  TYR B CE2 1 
ATOM   1530 C CZ  . TYR B 1 92 ? 4.525   20.044  9.473   1.00 50.77 ? 92  TYR B CZ  1 
ATOM   1531 O OH  . TYR B 1 92 ? 5.897   20.173  9.602   1.00 62.43 ? 92  TYR B OH  1 
ATOM   1532 N N   . ILE B 1 93 ? -0.485  19.120  6.047   1.00 27.65 ? 93  ILE B N   1 
ATOM   1533 C CA  . ILE B 1 93 ? -0.090  18.571  4.741   1.00 36.64 ? 93  ILE B CA  1 
ATOM   1534 C C   . ILE B 1 93 ? -0.552  19.424  3.546   1.00 37.92 ? 93  ILE B C   1 
ATOM   1535 O O   . ILE B 1 93 ? 0.104   19.474  2.497   1.00 34.16 ? 93  ILE B O   1 
ATOM   1536 C CB  . ILE B 1 93 ? -0.618  17.106  4.593   1.00 38.66 ? 93  ILE B CB  1 
ATOM   1537 C CG1 . ILE B 1 93 ? 0.539   16.109  4.651   1.00 50.41 ? 93  ILE B CG1 1 
ATOM   1538 C CG2 . ILE B 1 93 ? -1.433  16.924  3.323   1.00 40.56 ? 93  ILE B CG2 1 
ATOM   1539 C CD1 . ILE B 1 93 ? 1.531   16.402  5.769   1.00 42.37 ? 93  ILE B CD1 1 
ATOM   1540 N N   . ARG B 1 94 ? -1.657  20.132  3.685   1.00 34.70 ? 94  ARG B N   1 
ATOM   1541 C CA  . ARG B 1 94 ? -2.143  21.009  2.651   1.00 30.90 ? 94  ARG B CA  1 
ATOM   1542 C C   . ARG B 1 94 ? -1.078  21.907  2.058   1.00 34.63 ? 94  ARG B C   1 
ATOM   1543 O O   . ARG B 1 94 ? -0.292  22.521  2.741   1.00 27.34 ? 94  ARG B O   1 
ATOM   1544 C CB  . ARG B 1 94 ? -3.301  21.831  3.149   1.00 32.08 ? 94  ARG B CB  1 
ATOM   1545 C CG  . ARG B 1 94 ? -4.341  22.057  2.114   1.00 38.14 ? 94  ARG B CG  1 
ATOM   1546 C CD  . ARG B 1 94 ? -5.198  23.237  2.411   1.00 40.64 ? 94  ARG B CD  1 
ATOM   1547 N NE  . ARG B 1 94 ? -6.041  23.056  3.572   1.00 36.44 ? 94  ARG B NE  1 
ATOM   1548 C CZ  . ARG B 1 94 ? -6.763  24.030  4.102   1.00 43.65 ? 94  ARG B CZ  1 
ATOM   1549 N NH1 . ARG B 1 94 ? -7.513  23.827  5.160   1.00 30.72 ? 94  ARG B NH1 1 
ATOM   1550 N NH2 . ARG B 1 94 ? -6.748  25.211  3.538   1.00 34.89 ? 94  ARG B NH2 1 
ATOM   1551 N N   . LYS B 1 95 ? -1.098  21.931  0.741   1.00 45.64 ? 95  LYS B N   1 
ATOM   1552 C CA  . LYS B 1 95 ? -0.256  22.767  -0.079  1.00 41.09 ? 95  LYS B CA  1 
ATOM   1553 C C   . LYS B 1 95 ? 1.241   22.355  -0.032  1.00 58.01 ? 95  LYS B C   1 
ATOM   1554 O O   . LYS B 1 95 ? 2.039   22.865  -0.794  1.00 46.93 ? 95  LYS B O   1 
ATOM   1555 C CB  . LYS B 1 95 ? -0.565  24.265  0.168   1.00 35.58 ? 95  LYS B CB  1 
ATOM   1556 C CG  . LYS B 1 95 ? 0.420   25.013  1.054   1.00 42.81 ? 95  LYS B CG  1 
ATOM   1557 C CD  . LYS B 1 95 ? 0.114   26.531  1.238   1.00 60.01 ? 95  LYS B CD  1 
ATOM   1558 C CE  . LYS B 1 95 ? 1.370   27.333  1.615   1.00 58.19 ? 95  LYS B CE  1 
ATOM   1559 N NZ  . LYS B 1 95 ? 1.417   27.668  3.050   1.00 57.89 ? 95  LYS B NZ  1 
ATOM   1560 N N   . LYS B 1 96 ? 1.598   21.390  0.831   1.00 48.89 ? 96  LYS B N   1 
ATOM   1561 C CA  . LYS B 1 96 ? 2.982   20.915  0.879   1.00 47.10 ? 96  LYS B CA  1 
ATOM   1562 C C   . LYS B 1 96 ? 3.297   19.965  -0.276  1.00 53.71 ? 96  LYS B C   1 
ATOM   1563 O O   . LYS B 1 96 ? 2.406   19.559  -1.022  1.00 55.75 ? 96  LYS B O   1 
ATOM   1564 C CB  . LYS B 1 96 ? 3.294   20.239  2.220   1.00 39.83 ? 96  LYS B CB  1 
ATOM   1565 C CG  . LYS B 1 96 ? 3.480   21.206  3.389   1.00 42.98 ? 96  LYS B CG  1 
ATOM   1566 C CD  . LYS B 1 96 ? 3.814   20.454  4.663   1.00 39.43 ? 96  LYS B CD  1 
ATOM   1567 C CE  . LYS B 1 96 ? 4.280   21.389  5.773   1.00 43.77 ? 96  LYS B CE  1 
ATOM   1568 N NZ  . LYS B 1 96 ? 3.159   21.970  6.585   1.00 53.25 ? 96  LYS B NZ  1 
HETATM 1569 O O   . HOH C 2 .  ? -4.982  1.899   2.680   1.00 20.56 ? 99  HOH A O   1 
HETATM 1570 O O   . HOH C 2 .  ? -7.960  10.551  -9.198  1.00 38.04 ? 100 HOH A O   1 
HETATM 1571 O O   . HOH C 2 .  ? -8.749  2.858   -8.984  1.00 25.57 ? 101 HOH A O   1 
HETATM 1572 O O   . HOH C 2 .  ? -8.238  0.208   3.432   1.00 23.61 ? 102 HOH A O   1 
HETATM 1573 O O   . HOH C 2 .  ? -4.276  9.179   -6.934  1.00 20.85 ? 103 HOH A O   1 
HETATM 1574 O O   . HOH C 2 .  ? 13.701  -1.090  -25.264 1.00 44.18 ? 104 HOH A O   1 
HETATM 1575 O O   . HOH C 2 .  ? 10.789  -4.440  -7.509  1.00 35.79 ? 105 HOH A O   1 
HETATM 1576 O O   . HOH C 2 .  ? -4.229  -2.950  -12.891 1.00 28.81 ? 106 HOH A O   1 
HETATM 1577 O O   . HOH C 2 .  ? 2.720   5.837   -24.816 1.00 32.32 ? 107 HOH A O   1 
HETATM 1578 O O   . HOH C 2 .  ? 5.506   0.719   -26.566 1.00 32.96 ? 108 HOH A O   1 
HETATM 1579 O O   . HOH C 2 .  ? 4.793   10.635  -9.879  1.00 23.26 ? 109 HOH A O   1 
HETATM 1580 O O   . HOH C 2 .  ? -1.843  13.503  -11.323 1.00 18.36 ? 110 HOH A O   1 
HETATM 1581 O O   . HOH C 2 .  ? 0.042   11.044  -7.948  1.00 22.50 ? 111 HOH A O   1 
HETATM 1582 O O   . HOH C 2 .  ? 0.871   7.827   -22.854 1.00 26.70 ? 112 HOH A O   1 
HETATM 1583 O O   . HOH C 2 .  ? -4.335  12.982  -12.080 1.00 29.25 ? 113 HOH A O   1 
HETATM 1584 O O   . HOH C 2 .  ? -5.455  11.624  -2.803  1.00 28.29 ? 114 HOH A O   1 
HETATM 1585 O O   . HOH C 2 .  ? 12.714  8.050   -12.482 1.00 31.59 ? 115 HOH A O   1 
HETATM 1586 O O   . HOH C 2 .  ? 3.013   -1.259  -26.866 1.00 31.08 ? 116 HOH A O   1 
HETATM 1587 O O   . HOH C 2 .  ? -3.032  11.861  -4.052  1.00 29.75 ? 117 HOH A O   1 
HETATM 1588 O O   . HOH C 2 .  ? -7.612  11.018  -5.144  1.00 30.96 ? 118 HOH A O   1 
HETATM 1589 O O   . HOH C 2 .  ? 13.847  7.090   -10.318 1.00 44.90 ? 119 HOH A O   1 
HETATM 1590 O O   . HOH C 2 .  ? -1.369  13.161  -8.245  1.00 26.41 ? 120 HOH A O   1 
HETATM 1591 O O   . HOH C 2 .  ? 9.557   3.736   -4.219  1.00 33.34 ? 121 HOH A O   1 
HETATM 1592 O O   . HOH C 2 .  ? -10.648 3.984   -10.694 1.00 44.17 ? 122 HOH A O   1 
HETATM 1593 O O   . HOH C 2 .  ? -4.636  5.643   -19.027 1.00 36.64 ? 123 HOH A O   1 
HETATM 1594 O O   . HOH C 2 .  ? 2.937   11.303  -7.704  1.00 26.64 ? 124 HOH A O   1 
HETATM 1595 O O   . HOH C 2 .  ? 15.228  19.876  7.328   1.00 24.79 ? 125 HOH A O   1 
HETATM 1596 O O   . HOH C 2 .  ? -8.748  -0.105  -9.401  1.00 25.34 ? 126 HOH A O   1 
HETATM 1597 O O   . HOH C 2 .  ? 5.497   13.013  -3.877  1.00 25.72 ? 127 HOH A O   1 
HETATM 1598 O O   . HOH C 2 .  ? 15.735  18.454  4.701   1.00 32.07 ? 128 HOH A O   1 
HETATM 1599 O O   . HOH C 2 .  ? -8.866  9.403   -6.398  1.00 39.13 ? 129 HOH A O   1 
HETATM 1600 O O   . HOH C 2 .  ? 9.251   8.518   17.386  1.00 46.78 ? 130 HOH A O   1 
HETATM 1601 O O   . HOH C 2 .  ? 2.556   -9.901  -5.949  1.00 38.40 ? 131 HOH A O   1 
HETATM 1602 O O   . HOH C 2 .  ? 0.210   17.960  -0.035  1.00 36.89 ? 132 HOH A O   1 
HETATM 1603 O O   . HOH C 2 .  ? 2.412   5.672   17.059  1.00 42.00 ? 133 HOH A O   1 
HETATM 1604 O O   . HOH C 2 .  ? -1.402  3.371   17.108  1.00 41.94 ? 134 HOH A O   1 
HETATM 1605 O O   . HOH C 2 .  ? -0.472  -9.973  -10.358 1.00 45.44 ? 135 HOH A O   1 
HETATM 1606 O O   . HOH C 2 .  ? -5.143  -3.599  -10.643 1.00 39.67 ? 136 HOH A O   1 
HETATM 1607 O O   . HOH C 2 .  ? -9.164  12.892  6.573   1.00 48.31 ? 137 HOH A O   1 
HETATM 1608 O O   . HOH C 2 .  ? 4.730   17.173  16.207  1.00 50.24 ? 138 HOH A O   1 
HETATM 1609 O O   . HOH C 2 .  ? -4.661  7.166   -21.617 1.00 46.82 ? 139 HOH A O   1 
HETATM 1610 O O   . HOH C 2 .  ? -3.540  13.574  -6.646  1.00 45.04 ? 140 HOH A O   1 
HETATM 1611 O O   . HOH C 2 .  ? -2.461  -5.890  -7.136  1.00 44.94 ? 141 HOH A O   1 
HETATM 1612 O O   . HOH C 2 .  ? 13.836  14.926  2.742   1.00 49.36 ? 142 HOH A O   1 
HETATM 1613 O O   . HOH D 2 .  ? 5.228   2.498   0.486   1.00 21.89 ? 99  HOH B O   1 
HETATM 1614 O O   . HOH D 2 .  ? 0.438   -4.188  12.815  1.00 28.82 ? 100 HOH B O   1 
HETATM 1615 O O   . HOH D 2 .  ? 7.735   -10.010 2.316   1.00 29.46 ? 101 HOH B O   1 
HETATM 1616 O O   . HOH D 2 .  ? 8.246   2.459   -1.783  1.00 21.92 ? 102 HOH B O   1 
HETATM 1617 O O   . HOH D 2 .  ? -7.423  -16.884 17.748  1.00 38.71 ? 103 HOH B O   1 
HETATM 1618 O O   . HOH D 2 .  ? -4.664  -4.706  19.970  1.00 39.15 ? 104 HOH B O   1 
HETATM 1619 O O   . HOH D 2 .  ? -8.161  20.172  7.821   1.00 36.28 ? 105 HOH B O   1 
HETATM 1620 O O   . HOH D 2 .  ? 4.619   -4.432  10.394  1.00 24.93 ? 106 HOH B O   1 
HETATM 1621 O O   . HOH D 2 .  ? 2.325   -6.688  16.221  1.00 25.17 ? 107 HOH B O   1 
HETATM 1622 O O   . HOH D 2 .  ? 6.275   -0.003  11.370  1.00 31.17 ? 108 HOH B O   1 
HETATM 1623 O O   . HOH D 2 .  ? 3.849   -0.638  12.178  1.00 27.53 ? 109 HOH B O   1 
HETATM 1624 O O   . HOH D 2 .  ? -7.383  -24.498 9.387   1.00 33.83 ? 110 HOH B O   1 
HETATM 1625 O O   . HOH D 2 .  ? 12.248  1.453   6.750   1.00 41.82 ? 111 HOH B O   1 
HETATM 1626 O O   . HOH D 2 .  ? 2.787   -13.812 0.758   1.00 42.71 ? 112 HOH B O   1 
HETATM 1627 O O   . HOH D 2 .  ? 10.112  5.983   -0.164  1.00 36.53 ? 113 HOH B O   1 
HETATM 1628 O O   . HOH D 2 .  ? 6.709   7.060   11.723  1.00 32.83 ? 114 HOH B O   1 
HETATM 1629 O O   . HOH D 2 .  ? -4.472  -5.485  13.564  1.00 23.04 ? 115 HOH B O   1 
HETATM 1630 O O   . HOH D 2 .  ? -4.765  14.481  3.401   1.00 31.63 ? 116 HOH B O   1 
HETATM 1631 O O   . HOH D 2 .  ? 11.068  8.783   9.326   1.00 48.12 ? 117 HOH B O   1 
HETATM 1632 O O   . HOH D 2 .  ? -10.025 -1.170  2.000   1.00 45.03 ? 118 HOH B O   1 
HETATM 1633 O O   . HOH D 2 .  ? -8.810  11.544  21.958  1.00 34.56 ? 119 HOH B O   1 
HETATM 1634 O O   . HOH D 2 .  ? 2.124   -3.917  15.053  1.00 28.89 ? 120 HOH B O   1 
HETATM 1635 O O   . HOH D 2 .  ? -1.661  -18.989 14.707  1.00 36.02 ? 121 HOH B O   1 
HETATM 1636 O O   . HOH D 2 .  ? -9.493  -1.866  5.553   1.00 40.33 ? 122 HOH B O   1 
HETATM 1637 O O   . HOH D 2 .  ? 1.447   -6.101  18.821  1.00 25.79 ? 123 HOH B O   1 
HETATM 1638 O O   . HOH D 2 .  ? -2.280  -3.465  13.283  1.00 29.75 ? 124 HOH B O   1 
HETATM 1639 O O   . HOH D 2 .  ? 0.994   -2.925  19.516  1.00 38.65 ? 125 HOH B O   1 
HETATM 1640 O O   . HOH D 2 .  ? 8.231   -8.716  4.696   1.00 27.96 ? 126 HOH B O   1 
HETATM 1641 O O   . HOH D 2 .  ? -7.333  20.778  4.894   1.00 39.89 ? 127 HOH B O   1 
HETATM 1642 O O   . HOH D 2 .  ? -4.136  1.117   14.048  1.00 25.64 ? 128 HOH B O   1 
HETATM 1643 O O   . HOH D 2 .  ? 13.707  -0.163  9.299   1.00 48.79 ? 129 HOH B O   1 
HETATM 1644 O O   . HOH D 2 .  ? -15.044 -11.622 8.686   1.00 47.34 ? 130 HOH B O   1 
HETATM 1645 O O   . HOH D 2 .  ? -11.598 -7.538  -0.900  1.00 38.84 ? 131 HOH B O   1 
HETATM 1646 O O   . HOH D 2 .  ? 7.947   -2.069  11.653  1.00 39.59 ? 132 HOH B O   1 
HETATM 1647 O O   . HOH D 2 .  ? 10.115  -10.281 6.066   1.00 44.80 ? 133 HOH B O   1 
HETATM 1648 O O   . HOH D 2 .  ? -3.942  -26.036 1.769   1.00 47.01 ? 134 HOH B O   1 
HETATM 1649 O O   . HOH D 2 .  ? -4.145  -8.252  -7.383  1.00 38.45 ? 135 HOH B O   1 
HETATM 1650 O O   . HOH D 2 .  ? -14.476 -18.899 6.132   1.00 42.39 ? 136 HOH B O   1 
HETATM 1651 O O   . HOH D 2 .  ? 3.728   -16.662 10.942  1.00 43.26 ? 137 HOH B O   1 
HETATM 1652 O O   . HOH D 2 .  ? 1.062   -0.297  20.140  1.00 53.79 ? 138 HOH B O   1 
HETATM 1653 O O   . HOH D 2 .  ? -6.169  12.381  7.357   1.00 47.71 ? 139 HOH B O   1 
HETATM 1654 O O   . HOH D 2 .  ? 9.226   -4.218  10.379  1.00 40.46 ? 140 HOH B O   1 
HETATM 1655 O O   . HOH D 2 .  ? -8.641  4.316   9.248   1.00 44.79 ? 141 HOH B O   1 
HETATM 1656 O O   . HOH D 2 .  ? -4.081  22.452  12.874  1.00 44.14 ? 142 HOH B O   1 
# 
